data_1NHY
# 
_entry.id   1NHY 
# 
_audit_conform.dict_name       mmcif_pdbx.dic 
_audit_conform.dict_version    5.398 
_audit_conform.dict_location   http://mmcif.pdb.org/dictionaries/ascii/mmcif_pdbx.dic 
# 
loop_
_database_2.database_id 
_database_2.database_code 
_database_2.pdbx_database_accession 
_database_2.pdbx_DOI 
PDB   1NHY         pdb_00001nhy 10.2210/pdb1nhy/pdb 
RCSB  RCSB017885   ?            ?                   
WWPDB D_1000017885 ?            ?                   
# 
loop_
_pdbx_audit_revision_history.ordinal 
_pdbx_audit_revision_history.data_content_type 
_pdbx_audit_revision_history.major_revision 
_pdbx_audit_revision_history.minor_revision 
_pdbx_audit_revision_history.revision_date 
1 'Structure model' 1 0 2003-01-14 
2 'Structure model' 1 1 2008-04-29 
3 'Structure model' 1 2 2011-07-13 
4 'Structure model' 1 3 2021-10-27 
5 'Structure model' 1 4 2024-11-13 
# 
_pdbx_audit_revision_details.ordinal             1 
_pdbx_audit_revision_details.revision_ordinal    1 
_pdbx_audit_revision_details.data_content_type   'Structure model' 
_pdbx_audit_revision_details.provider            repository 
_pdbx_audit_revision_details.type                'Initial release' 
_pdbx_audit_revision_details.description         ? 
_pdbx_audit_revision_details.details             ? 
# 
loop_
_pdbx_audit_revision_group.ordinal 
_pdbx_audit_revision_group.revision_ordinal 
_pdbx_audit_revision_group.data_content_type 
_pdbx_audit_revision_group.group 
1 2 'Structure model' 'Version format compliance' 
2 3 'Structure model' 'Version format compliance' 
3 4 'Structure model' 'Database references'       
4 4 'Structure model' 'Derived calculations'      
5 5 'Structure model' 'Data collection'           
6 5 'Structure model' 'Structure summary'         
# 
loop_
_pdbx_audit_revision_category.ordinal 
_pdbx_audit_revision_category.revision_ordinal 
_pdbx_audit_revision_category.data_content_type 
_pdbx_audit_revision_category.category 
1 4 'Structure model' database_2                
2 4 'Structure model' struct_conn               
3 4 'Structure model' struct_ref_seq_dif        
4 4 'Structure model' struct_site               
5 5 'Structure model' chem_comp_atom            
6 5 'Structure model' chem_comp_bond            
7 5 'Structure model' pdbx_entry_details        
8 5 'Structure model' pdbx_modification_feature 
# 
loop_
_pdbx_audit_revision_item.ordinal 
_pdbx_audit_revision_item.revision_ordinal 
_pdbx_audit_revision_item.data_content_type 
_pdbx_audit_revision_item.item 
1 4 'Structure model' '_database_2.pdbx_DOI'                
2 4 'Structure model' '_database_2.pdbx_database_accession' 
3 4 'Structure model' '_struct_conn.pdbx_leaving_atom_flag' 
4 4 'Structure model' '_struct_ref_seq_dif.details'         
5 4 'Structure model' '_struct_site.pdbx_auth_asym_id'      
6 4 'Structure model' '_struct_site.pdbx_auth_comp_id'      
7 4 'Structure model' '_struct_site.pdbx_auth_seq_id'       
# 
_pdbx_database_status.status_code                     REL 
_pdbx_database_status.entry_id                        1NHY 
_pdbx_database_status.recvd_initial_deposition_date   2002-12-20 
_pdbx_database_status.deposit_site                    RCSB 
_pdbx_database_status.process_site                    RCSB 
_pdbx_database_status.status_code_sf                  REL 
_pdbx_database_status.SG_entry                        . 
_pdbx_database_status.pdb_format_compatible           Y 
_pdbx_database_status.status_code_mr                  ? 
_pdbx_database_status.status_code_cs                  ? 
_pdbx_database_status.status_code_nmr_data            ? 
_pdbx_database_status.methods_development_category    ? 
# 
loop_
_pdbx_database_related.db_name 
_pdbx_database_related.db_id 
_pdbx_database_related.details 
_pdbx_database_related.content_type 
PDB 3LJR 'human GST T2-2' unspecified 
PDB 1FW1 'human GST Z1-1' unspecified 
# 
loop_
_audit_author.name 
_audit_author.pdbx_ordinal 
'Jeppesen, M.G.' 1 
'Ortiz, P.'      2 
'Kinzy, T.G.'    3 
'Andersen, G.R.' 4 
'Nyborg, J.'     5 
# 
_citation.id                        primary 
_citation.title                     
'The Crystal Structure of the Glutathione S-Transferase-like Domain of Elongation Factor 1B{gamma} from Saccharomyces cerevisiae.' 
_citation.journal_abbrev            J.Biol.Chem. 
_citation.journal_volume            278 
_citation.page_first                47190 
_citation.page_last                 47198 
_citation.year                      2003 
_citation.journal_id_ASTM           JBCHA3 
_citation.country                   US 
_citation.journal_id_ISSN           0021-9258 
_citation.journal_id_CSD            0071 
_citation.book_publisher            ? 
_citation.pdbx_database_id_PubMed   12972429 
_citation.pdbx_database_id_DOI      10.1074/jbc.M306630200 
# 
loop_
_citation_author.citation_id 
_citation_author.name 
_citation_author.ordinal 
_citation_author.identifier_ORCID 
primary 'Jeppesen, M.G.' 1 ? 
primary 'Ortiz, P.'      2 ? 
primary 'Shepard, W.'    3 ? 
primary 'Kinzy, T.G.'    4 ? 
primary 'Nyborg, J.'     5 ? 
primary 'Andersen, G.R.' 6 ? 
# 
loop_
_entity.id 
_entity.type 
_entity.src_method 
_entity.pdbx_description 
_entity.formula_weight 
_entity.pdbx_number_of_molecules 
_entity.pdbx_ec 
_entity.pdbx_mutation 
_entity.pdbx_fragment 
_entity.details 
1 polymer     man 'Elongation factor 1-gamma 1' 24950.051 1 ? ? 'residue 1-219, N-terminal domain' ? 
2 non-polymer syn 'SULFATE ION'                 96.063    1 ? ? ?                                  ? 
# 
_entity_name_com.entity_id   1 
_entity_name_com.name        'EF-1-gamma 1' 
# 
_entity_poly.entity_id                      1 
_entity_poly.type                           'polypeptide(L)' 
_entity_poly.nstd_linkage                   no 
_entity_poly.nstd_monomer                   yes 
_entity_poly.pdbx_seq_one_letter_code       
;(MSE)SQGTLYANFRIRTWVPRGLVKALKLDVKVVTPDAAAEQFARDFPLKKVPAFVGPKGYKLTEA(MSE)AINYYLVK
LSQDDK(MSE)KTQLLGADDDLNAQAQIIRWQSLANSDLCIQIANTIVPLKGGAPYNKKSVDSA(MSE)DAVDKIVDIFE
NRLKNYTYLATENISLADLVAASIFTRYFESLFGTEWRAQHPAIVRWFNTVRASPFLKDEYKDFKFADKPLSPPQ
;
_entity_poly.pdbx_seq_one_letter_code_can   
;MSQGTLYANFRIRTWVPRGLVKALKLDVKVVTPDAAAEQFARDFPLKKVPAFVGPKGYKLTEAMAINYYLVKLSQDDKMK
TQLLGADDDLNAQAQIIRWQSLANSDLCIQIANTIVPLKGGAPYNKKSVDSAMDAVDKIVDIFENRLKNYTYLATENISL
ADLVAASIFTRYFESLFGTEWRAQHPAIVRWFNTVRASPFLKDEYKDFKFADKPLSPPQ
;
_entity_poly.pdbx_strand_id                 A 
_entity_poly.pdbx_target_identifier         ? 
# 
_pdbx_entity_nonpoly.entity_id   2 
_pdbx_entity_nonpoly.name        'SULFATE ION' 
_pdbx_entity_nonpoly.comp_id     SO4 
# 
loop_
_entity_poly_seq.entity_id 
_entity_poly_seq.num 
_entity_poly_seq.mon_id 
_entity_poly_seq.hetero 
1 1   MSE n 
1 2   SER n 
1 3   GLN n 
1 4   GLY n 
1 5   THR n 
1 6   LEU n 
1 7   TYR n 
1 8   ALA n 
1 9   ASN n 
1 10  PHE n 
1 11  ARG n 
1 12  ILE n 
1 13  ARG n 
1 14  THR n 
1 15  TRP n 
1 16  VAL n 
1 17  PRO n 
1 18  ARG n 
1 19  GLY n 
1 20  LEU n 
1 21  VAL n 
1 22  LYS n 
1 23  ALA n 
1 24  LEU n 
1 25  LYS n 
1 26  LEU n 
1 27  ASP n 
1 28  VAL n 
1 29  LYS n 
1 30  VAL n 
1 31  VAL n 
1 32  THR n 
1 33  PRO n 
1 34  ASP n 
1 35  ALA n 
1 36  ALA n 
1 37  ALA n 
1 38  GLU n 
1 39  GLN n 
1 40  PHE n 
1 41  ALA n 
1 42  ARG n 
1 43  ASP n 
1 44  PHE n 
1 45  PRO n 
1 46  LEU n 
1 47  LYS n 
1 48  LYS n 
1 49  VAL n 
1 50  PRO n 
1 51  ALA n 
1 52  PHE n 
1 53  VAL n 
1 54  GLY n 
1 55  PRO n 
1 56  LYS n 
1 57  GLY n 
1 58  TYR n 
1 59  LYS n 
1 60  LEU n 
1 61  THR n 
1 62  GLU n 
1 63  ALA n 
1 64  MSE n 
1 65  ALA n 
1 66  ILE n 
1 67  ASN n 
1 68  TYR n 
1 69  TYR n 
1 70  LEU n 
1 71  VAL n 
1 72  LYS n 
1 73  LEU n 
1 74  SER n 
1 75  GLN n 
1 76  ASP n 
1 77  ASP n 
1 78  LYS n 
1 79  MSE n 
1 80  LYS n 
1 81  THR n 
1 82  GLN n 
1 83  LEU n 
1 84  LEU n 
1 85  GLY n 
1 86  ALA n 
1 87  ASP n 
1 88  ASP n 
1 89  ASP n 
1 90  LEU n 
1 91  ASN n 
1 92  ALA n 
1 93  GLN n 
1 94  ALA n 
1 95  GLN n 
1 96  ILE n 
1 97  ILE n 
1 98  ARG n 
1 99  TRP n 
1 100 GLN n 
1 101 SER n 
1 102 LEU n 
1 103 ALA n 
1 104 ASN n 
1 105 SER n 
1 106 ASP n 
1 107 LEU n 
1 108 CYS n 
1 109 ILE n 
1 110 GLN n 
1 111 ILE n 
1 112 ALA n 
1 113 ASN n 
1 114 THR n 
1 115 ILE n 
1 116 VAL n 
1 117 PRO n 
1 118 LEU n 
1 119 LYS n 
1 120 GLY n 
1 121 GLY n 
1 122 ALA n 
1 123 PRO n 
1 124 TYR n 
1 125 ASN n 
1 126 LYS n 
1 127 LYS n 
1 128 SER n 
1 129 VAL n 
1 130 ASP n 
1 131 SER n 
1 132 ALA n 
1 133 MSE n 
1 134 ASP n 
1 135 ALA n 
1 136 VAL n 
1 137 ASP n 
1 138 LYS n 
1 139 ILE n 
1 140 VAL n 
1 141 ASP n 
1 142 ILE n 
1 143 PHE n 
1 144 GLU n 
1 145 ASN n 
1 146 ARG n 
1 147 LEU n 
1 148 LYS n 
1 149 ASN n 
1 150 TYR n 
1 151 THR n 
1 152 TYR n 
1 153 LEU n 
1 154 ALA n 
1 155 THR n 
1 156 GLU n 
1 157 ASN n 
1 158 ILE n 
1 159 SER n 
1 160 LEU n 
1 161 ALA n 
1 162 ASP n 
1 163 LEU n 
1 164 VAL n 
1 165 ALA n 
1 166 ALA n 
1 167 SER n 
1 168 ILE n 
1 169 PHE n 
1 170 THR n 
1 171 ARG n 
1 172 TYR n 
1 173 PHE n 
1 174 GLU n 
1 175 SER n 
1 176 LEU n 
1 177 PHE n 
1 178 GLY n 
1 179 THR n 
1 180 GLU n 
1 181 TRP n 
1 182 ARG n 
1 183 ALA n 
1 184 GLN n 
1 185 HIS n 
1 186 PRO n 
1 187 ALA n 
1 188 ILE n 
1 189 VAL n 
1 190 ARG n 
1 191 TRP n 
1 192 PHE n 
1 193 ASN n 
1 194 THR n 
1 195 VAL n 
1 196 ARG n 
1 197 ALA n 
1 198 SER n 
1 199 PRO n 
1 200 PHE n 
1 201 LEU n 
1 202 LYS n 
1 203 ASP n 
1 204 GLU n 
1 205 TYR n 
1 206 LYS n 
1 207 ASP n 
1 208 PHE n 
1 209 LYS n 
1 210 PHE n 
1 211 ALA n 
1 212 ASP n 
1 213 LYS n 
1 214 PRO n 
1 215 LEU n 
1 216 SER n 
1 217 PRO n 
1 218 PRO n 
1 219 GLN n 
# 
_entity_src_gen.entity_id                          1 
_entity_src_gen.pdbx_src_id                        1 
_entity_src_gen.pdbx_alt_source_flag               sample 
_entity_src_gen.pdbx_seq_type                      ? 
_entity_src_gen.pdbx_beg_seq_num                   ? 
_entity_src_gen.pdbx_end_seq_num                   ? 
_entity_src_gen.gene_src_common_name               
;baker's yeast
;
_entity_src_gen.gene_src_genus                     Saccharomyces 
_entity_src_gen.pdbx_gene_src_gene                 TEF3 
_entity_src_gen.gene_src_species                   ? 
_entity_src_gen.gene_src_strain                    ? 
_entity_src_gen.gene_src_tissue                    ? 
_entity_src_gen.gene_src_tissue_fraction           ? 
_entity_src_gen.gene_src_details                   ? 
_entity_src_gen.pdbx_gene_src_fragment             ? 
_entity_src_gen.pdbx_gene_src_scientific_name      'Saccharomyces cerevisiae' 
_entity_src_gen.pdbx_gene_src_ncbi_taxonomy_id     4932 
_entity_src_gen.pdbx_gene_src_variant              ? 
_entity_src_gen.pdbx_gene_src_cell_line            ? 
_entity_src_gen.pdbx_gene_src_atcc                 ? 
_entity_src_gen.pdbx_gene_src_organ                ? 
_entity_src_gen.pdbx_gene_src_organelle            ? 
_entity_src_gen.pdbx_gene_src_cell                 ? 
_entity_src_gen.pdbx_gene_src_cellular_location    ? 
_entity_src_gen.host_org_common_name               ? 
_entity_src_gen.pdbx_host_org_scientific_name      'Escherichia coli BL21' 
_entity_src_gen.pdbx_host_org_ncbi_taxonomy_id     511693 
_entity_src_gen.host_org_genus                     Escherichia 
_entity_src_gen.pdbx_host_org_gene                 ? 
_entity_src_gen.pdbx_host_org_organ                ? 
_entity_src_gen.host_org_species                   'Escherichia coli' 
_entity_src_gen.pdbx_host_org_tissue               ? 
_entity_src_gen.pdbx_host_org_tissue_fraction      ? 
_entity_src_gen.pdbx_host_org_strain               BL21 
_entity_src_gen.pdbx_host_org_variant              ? 
_entity_src_gen.pdbx_host_org_cell_line            ? 
_entity_src_gen.pdbx_host_org_atcc                 ? 
_entity_src_gen.pdbx_host_org_culture_collection   ? 
_entity_src_gen.pdbx_host_org_cell                 ? 
_entity_src_gen.pdbx_host_org_organelle            ? 
_entity_src_gen.pdbx_host_org_cellular_location    ? 
_entity_src_gen.pdbx_host_org_vector_type          plasmid 
_entity_src_gen.pdbx_host_org_vector               ? 
_entity_src_gen.host_org_details                   ? 
_entity_src_gen.expression_system_id               ? 
_entity_src_gen.plasmid_name                       pET11d 
_entity_src_gen.plasmid_details                    ? 
_entity_src_gen.pdbx_description                   ? 
# 
loop_
_chem_comp.id 
_chem_comp.type 
_chem_comp.mon_nstd_flag 
_chem_comp.name 
_chem_comp.pdbx_synonyms 
_chem_comp.formula 
_chem_comp.formula_weight 
ALA 'L-peptide linking' y ALANINE          ? 'C3 H7 N O2'     89.093  
ARG 'L-peptide linking' y ARGININE         ? 'C6 H15 N4 O2 1' 175.209 
ASN 'L-peptide linking' y ASPARAGINE       ? 'C4 H8 N2 O3'    132.118 
ASP 'L-peptide linking' y 'ASPARTIC ACID'  ? 'C4 H7 N O4'     133.103 
CYS 'L-peptide linking' y CYSTEINE         ? 'C3 H7 N O2 S'   121.158 
GLN 'L-peptide linking' y GLUTAMINE        ? 'C5 H10 N2 O3'   146.144 
GLU 'L-peptide linking' y 'GLUTAMIC ACID'  ? 'C5 H9 N O4'     147.129 
GLY 'peptide linking'   y GLYCINE          ? 'C2 H5 N O2'     75.067  
HIS 'L-peptide linking' y HISTIDINE        ? 'C6 H10 N3 O2 1' 156.162 
ILE 'L-peptide linking' y ISOLEUCINE       ? 'C6 H13 N O2'    131.173 
LEU 'L-peptide linking' y LEUCINE          ? 'C6 H13 N O2'    131.173 
LYS 'L-peptide linking' y LYSINE           ? 'C6 H15 N2 O2 1' 147.195 
MET 'L-peptide linking' y METHIONINE       ? 'C5 H11 N O2 S'  149.211 
MSE 'L-peptide linking' n SELENOMETHIONINE ? 'C5 H11 N O2 Se' 196.106 
PHE 'L-peptide linking' y PHENYLALANINE    ? 'C9 H11 N O2'    165.189 
PRO 'L-peptide linking' y PROLINE          ? 'C5 H9 N O2'     115.130 
SER 'L-peptide linking' y SERINE           ? 'C3 H7 N O3'     105.093 
SO4 non-polymer         . 'SULFATE ION'    ? 'O4 S -2'        96.063  
THR 'L-peptide linking' y THREONINE        ? 'C4 H9 N O3'     119.119 
TRP 'L-peptide linking' y TRYPTOPHAN       ? 'C11 H12 N2 O2'  204.225 
TYR 'L-peptide linking' y TYROSINE         ? 'C9 H11 N O3'    181.189 
VAL 'L-peptide linking' y VALINE           ? 'C5 H11 N O2'    117.146 
# 
loop_
_pdbx_poly_seq_scheme.asym_id 
_pdbx_poly_seq_scheme.entity_id 
_pdbx_poly_seq_scheme.seq_id 
_pdbx_poly_seq_scheme.mon_id 
_pdbx_poly_seq_scheme.ndb_seq_num 
_pdbx_poly_seq_scheme.pdb_seq_num 
_pdbx_poly_seq_scheme.auth_seq_num 
_pdbx_poly_seq_scheme.pdb_mon_id 
_pdbx_poly_seq_scheme.auth_mon_id 
_pdbx_poly_seq_scheme.pdb_strand_id 
_pdbx_poly_seq_scheme.pdb_ins_code 
_pdbx_poly_seq_scheme.hetero 
A 1 1   MSE 1   1   1   MSE MSE A . n 
A 1 2   SER 2   2   2   SER SER A . n 
A 1 3   GLN 3   3   3   GLN GLN A . n 
A 1 4   GLY 4   4   4   GLY GLY A . n 
A 1 5   THR 5   5   5   THR THR A . n 
A 1 6   LEU 6   6   6   LEU LEU A . n 
A 1 7   TYR 7   7   7   TYR TYR A . n 
A 1 8   ALA 8   8   8   ALA ALA A . n 
A 1 9   ASN 9   9   9   ASN ASN A . n 
A 1 10  PHE 10  10  10  PHE PHE A . n 
A 1 11  ARG 11  11  11  ARG ARG A . n 
A 1 12  ILE 12  12  12  ILE ILE A . n 
A 1 13  ARG 13  13  13  ARG ARG A . n 
A 1 14  THR 14  14  14  THR THR A . n 
A 1 15  TRP 15  15  15  TRP TRP A . n 
A 1 16  VAL 16  16  16  VAL VAL A . n 
A 1 17  PRO 17  17  17  PRO PRO A . n 
A 1 18  ARG 18  18  18  ARG ARG A . n 
A 1 19  GLY 19  19  19  GLY GLY A . n 
A 1 20  LEU 20  20  20  LEU LEU A . n 
A 1 21  VAL 21  21  21  VAL VAL A . n 
A 1 22  LYS 22  22  22  LYS LYS A . n 
A 1 23  ALA 23  23  23  ALA ALA A . n 
A 1 24  LEU 24  24  24  LEU LEU A . n 
A 1 25  LYS 25  25  25  LYS LYS A . n 
A 1 26  LEU 26  26  26  LEU LEU A . n 
A 1 27  ASP 27  27  27  ASP ASP A . n 
A 1 28  VAL 28  28  28  VAL VAL A . n 
A 1 29  LYS 29  29  29  LYS LYS A . n 
A 1 30  VAL 30  30  30  VAL VAL A . n 
A 1 31  VAL 31  31  31  VAL VAL A . n 
A 1 32  THR 32  32  32  THR THR A . n 
A 1 33  PRO 33  33  33  PRO PRO A . n 
A 1 34  ASP 34  34  34  ASP ASP A . n 
A 1 35  ALA 35  35  35  ALA ALA A . n 
A 1 36  ALA 36  36  36  ALA ALA A . n 
A 1 37  ALA 37  37  37  ALA ALA A . n 
A 1 38  GLU 38  38  38  GLU GLU A . n 
A 1 39  GLN 39  39  39  GLN GLN A . n 
A 1 40  PHE 40  40  40  PHE PHE A . n 
A 1 41  ALA 41  41  41  ALA ALA A . n 
A 1 42  ARG 42  42  42  ARG ARG A . n 
A 1 43  ASP 43  43  43  ASP ASP A . n 
A 1 44  PHE 44  44  44  PHE PHE A . n 
A 1 45  PRO 45  45  45  PRO PRO A . n 
A 1 46  LEU 46  46  46  LEU LEU A . n 
A 1 47  LYS 47  47  47  LYS LYS A . n 
A 1 48  LYS 48  48  48  LYS LYS A . n 
A 1 49  VAL 49  49  49  VAL VAL A . n 
A 1 50  PRO 50  50  50  PRO CPR A . n 
A 1 51  ALA 51  51  51  ALA ALA A . n 
A 1 52  PHE 52  52  52  PHE PHE A . n 
A 1 53  VAL 53  53  53  VAL VAL A . n 
A 1 54  GLY 54  54  54  GLY GLY A . n 
A 1 55  PRO 55  55  55  PRO PRO A . n 
A 1 56  LYS 56  56  56  LYS LYS A . n 
A 1 57  GLY 57  57  57  GLY GLY A . n 
A 1 58  TYR 58  58  58  TYR TYR A . n 
A 1 59  LYS 59  59  59  LYS LYS A . n 
A 1 60  LEU 60  60  60  LEU LEU A . n 
A 1 61  THR 61  61  61  THR THR A . n 
A 1 62  GLU 62  62  62  GLU GLU A . n 
A 1 63  ALA 63  63  63  ALA ALA A . n 
A 1 64  MSE 64  64  64  MSE MSE A . n 
A 1 65  ALA 65  65  65  ALA ALA A . n 
A 1 66  ILE 66  66  66  ILE ILE A . n 
A 1 67  ASN 67  67  67  ASN ASN A . n 
A 1 68  TYR 68  68  68  TYR TYR A . n 
A 1 69  TYR 69  69  69  TYR TYR A . n 
A 1 70  LEU 70  70  70  LEU LEU A . n 
A 1 71  VAL 71  71  71  VAL VAL A . n 
A 1 72  LYS 72  72  72  LYS LYS A . n 
A 1 73  LEU 73  73  73  LEU LEU A . n 
A 1 74  SER 74  74  74  SER SER A . n 
A 1 75  GLN 75  75  75  GLN GLN A . n 
A 1 76  ASP 76  76  76  ASP ASP A . n 
A 1 77  ASP 77  77  77  ASP ASP A . n 
A 1 78  LYS 78  78  78  LYS LYS A . n 
A 1 79  MSE 79  79  79  MSE MSE A . n 
A 1 80  LYS 80  80  80  LYS LYS A . n 
A 1 81  THR 81  81  81  THR THR A . n 
A 1 82  GLN 82  82  82  GLN GLN A . n 
A 1 83  LEU 83  83  83  LEU LEU A . n 
A 1 84  LEU 84  84  84  LEU LEU A . n 
A 1 85  GLY 85  85  85  GLY GLY A . n 
A 1 86  ALA 86  86  86  ALA ALA A . n 
A 1 87  ASP 87  87  87  ASP ASP A . n 
A 1 88  ASP 88  88  88  ASP ASP A . n 
A 1 89  ASP 89  89  89  ASP ASP A . n 
A 1 90  LEU 90  90  90  LEU LEU A . n 
A 1 91  ASN 91  91  91  ASN ASN A . n 
A 1 92  ALA 92  92  92  ALA ALA A . n 
A 1 93  GLN 93  93  93  GLN GLN A . n 
A 1 94  ALA 94  94  94  ALA ALA A . n 
A 1 95  GLN 95  95  95  GLN GLN A . n 
A 1 96  ILE 96  96  96  ILE ILE A . n 
A 1 97  ILE 97  97  97  ILE ILE A . n 
A 1 98  ARG 98  98  98  ARG ARG A . n 
A 1 99  TRP 99  99  99  TRP TRP A . n 
A 1 100 GLN 100 100 100 GLN GLN A . n 
A 1 101 SER 101 101 101 SER SER A . n 
A 1 102 LEU 102 102 102 LEU LEU A . n 
A 1 103 ALA 103 103 103 ALA ALA A . n 
A 1 104 ASN 104 104 104 ASN ASN A . n 
A 1 105 SER 105 105 105 SER SER A . n 
A 1 106 ASP 106 106 106 ASP ASP A . n 
A 1 107 LEU 107 107 107 LEU LEU A . n 
A 1 108 CYS 108 108 108 CYS CYS A . n 
A 1 109 ILE 109 109 109 ILE ILE A . n 
A 1 110 GLN 110 110 110 GLN GLN A . n 
A 1 111 ILE 111 111 111 ILE ILE A . n 
A 1 112 ALA 112 112 112 ALA ALA A . n 
A 1 113 ASN 113 113 113 ASN ASN A . n 
A 1 114 THR 114 114 114 THR THR A . n 
A 1 115 ILE 115 115 115 ILE ILE A . n 
A 1 116 VAL 116 116 116 VAL VAL A . n 
A 1 117 PRO 117 117 117 PRO PRO A . n 
A 1 118 LEU 118 118 118 LEU LEU A . n 
A 1 119 LYS 119 119 119 LYS LYS A . n 
A 1 120 GLY 120 120 120 GLY GLY A . n 
A 1 121 GLY 121 121 121 GLY GLY A . n 
A 1 122 ALA 122 122 122 ALA ALA A . n 
A 1 123 PRO 123 123 123 PRO PRO A . n 
A 1 124 TYR 124 124 124 TYR TYR A . n 
A 1 125 ASN 125 125 125 ASN ASN A . n 
A 1 126 LYS 126 126 126 LYS LYS A . n 
A 1 127 LYS 127 127 127 LYS LYS A . n 
A 1 128 SER 128 128 128 SER SER A . n 
A 1 129 VAL 129 129 129 VAL VAL A . n 
A 1 130 ASP 130 130 130 ASP ASP A . n 
A 1 131 SER 131 131 131 SER SER A . n 
A 1 132 ALA 132 132 132 ALA ALA A . n 
A 1 133 MSE 133 133 133 MSE MSE A . n 
A 1 134 ASP 134 134 134 ASP ASP A . n 
A 1 135 ALA 135 135 135 ALA ALA A . n 
A 1 136 VAL 136 136 136 VAL VAL A . n 
A 1 137 ASP 137 137 137 ASP ASP A . n 
A 1 138 LYS 138 138 138 LYS LYS A . n 
A 1 139 ILE 139 139 139 ILE ILE A . n 
A 1 140 VAL 140 140 140 VAL VAL A . n 
A 1 141 ASP 141 141 141 ASP ASP A . n 
A 1 142 ILE 142 142 142 ILE ILE A . n 
A 1 143 PHE 143 143 143 PHE PHE A . n 
A 1 144 GLU 144 144 144 GLU GLU A . n 
A 1 145 ASN 145 145 145 ASN ASN A . n 
A 1 146 ARG 146 146 146 ARG ARG A . n 
A 1 147 LEU 147 147 147 LEU LEU A . n 
A 1 148 LYS 148 148 148 LYS LYS A . n 
A 1 149 ASN 149 149 149 ASN ASN A . n 
A 1 150 TYR 150 150 150 TYR TYR A . n 
A 1 151 THR 151 151 151 THR THR A . n 
A 1 152 TYR 152 152 152 TYR TYR A . n 
A 1 153 LEU 153 153 153 LEU LEU A . n 
A 1 154 ALA 154 154 154 ALA ALA A . n 
A 1 155 THR 155 155 155 THR THR A . n 
A 1 156 GLU 156 156 156 GLU GLU A . n 
A 1 157 ASN 157 157 157 ASN ASN A . n 
A 1 158 ILE 158 158 158 ILE ILE A . n 
A 1 159 SER 159 159 159 SER SER A . n 
A 1 160 LEU 160 160 160 LEU LEU A . n 
A 1 161 ALA 161 161 161 ALA ALA A . n 
A 1 162 ASP 162 162 162 ASP ASP A . n 
A 1 163 LEU 163 163 163 LEU LEU A . n 
A 1 164 VAL 164 164 164 VAL VAL A . n 
A 1 165 ALA 165 165 165 ALA ALA A . n 
A 1 166 ALA 166 166 166 ALA ALA A . n 
A 1 167 SER 167 167 167 SER SER A . n 
A 1 168 ILE 168 168 168 ILE ILE A . n 
A 1 169 PHE 169 169 169 PHE PHE A . n 
A 1 170 THR 170 170 170 THR THR A . n 
A 1 171 ARG 171 171 171 ARG ARG A . n 
A 1 172 TYR 172 172 172 TYR TYR A . n 
A 1 173 PHE 173 173 173 PHE PHE A . n 
A 1 174 GLU 174 174 174 GLU GLU A . n 
A 1 175 SER 175 175 175 SER SER A . n 
A 1 176 LEU 176 176 176 LEU LEU A . n 
A 1 177 PHE 177 177 177 PHE PHE A . n 
A 1 178 GLY 178 178 178 GLY GLY A . n 
A 1 179 THR 179 179 179 THR THR A . n 
A 1 180 GLU 180 180 180 GLU GLU A . n 
A 1 181 TRP 181 181 181 TRP TRP A . n 
A 1 182 ARG 182 182 182 ARG ARG A . n 
A 1 183 ALA 183 183 183 ALA ALA A . n 
A 1 184 GLN 184 184 184 GLN GLN A . n 
A 1 185 HIS 185 185 185 HIS HIS A . n 
A 1 186 PRO 186 186 186 PRO PRO A . n 
A 1 187 ALA 187 187 187 ALA ALA A . n 
A 1 188 ILE 188 188 188 ILE ILE A . n 
A 1 189 VAL 189 189 189 VAL VAL A . n 
A 1 190 ARG 190 190 190 ARG ARG A . n 
A 1 191 TRP 191 191 191 TRP TRP A . n 
A 1 192 PHE 192 192 192 PHE PHE A . n 
A 1 193 ASN 193 193 193 ASN ASN A . n 
A 1 194 THR 194 194 194 THR THR A . n 
A 1 195 VAL 195 195 195 VAL VAL A . n 
A 1 196 ARG 196 196 196 ARG ARG A . n 
A 1 197 ALA 197 197 197 ALA ALA A . n 
A 1 198 SER 198 198 198 SER SER A . n 
A 1 199 PRO 199 199 199 PRO PRO A . n 
A 1 200 PHE 200 200 200 PHE PHE A . n 
A 1 201 LEU 201 201 201 LEU LEU A . n 
A 1 202 LYS 202 202 202 LYS LYS A . n 
A 1 203 ASP 203 203 203 ASP ASP A . n 
A 1 204 GLU 204 204 204 GLU GLU A . n 
A 1 205 TYR 205 205 205 TYR TYR A . n 
A 1 206 LYS 206 206 206 LYS LYS A . n 
A 1 207 ASP 207 207 207 ASP ASP A . n 
A 1 208 PHE 208 208 208 PHE PHE A . n 
A 1 209 LYS 209 209 209 LYS LYS A . n 
A 1 210 PHE 210 210 210 PHE PHE A . n 
A 1 211 ALA 211 211 211 ALA ALA A . n 
A 1 212 ASP 212 212 212 ASP ASP A . n 
A 1 213 LYS 213 213 213 LYS LYS A . n 
A 1 214 PRO 214 214 214 PRO PRO A . n 
A 1 215 LEU 215 215 215 LEU LEU A . n 
A 1 216 SER 216 216 216 SER SER A . n 
A 1 217 PRO 217 217 217 PRO PRO A . n 
A 1 218 PRO 218 218 218 PRO PRO A . n 
A 1 219 GLN 219 219 219 GLN GLN A . n 
# 
_pdbx_nonpoly_scheme.asym_id         B 
_pdbx_nonpoly_scheme.entity_id       2 
_pdbx_nonpoly_scheme.mon_id          SO4 
_pdbx_nonpoly_scheme.ndb_seq_num     1 
_pdbx_nonpoly_scheme.pdb_seq_num     220 
_pdbx_nonpoly_scheme.auth_seq_num    220 
_pdbx_nonpoly_scheme.pdb_mon_id      SO4 
_pdbx_nonpoly_scheme.auth_mon_id     SO4 
_pdbx_nonpoly_scheme.pdb_strand_id   A 
_pdbx_nonpoly_scheme.pdb_ins_code    . 
# 
loop_
_software.name 
_software.classification 
_software.version 
_software.citation_id 
_software.pdbx_ordinal 
MOSFLM 'data reduction' .         ? 1 
SCALA  'data scaling'   .         ? 2 
SHELXD phasing          .         ? 3 
CNS    refinement       .         ? 4 
CCP4   'data scaling'   '(SCALA)' ? 5 
# 
_cell.entry_id           1NHY 
_cell.length_a           164.520 
_cell.length_b           164.520 
_cell.length_c           164.520 
_cell.angle_alpha        90.00 
_cell.angle_beta         90.00 
_cell.angle_gamma        90.00 
_cell.Z_PDB              48 
_cell.pdbx_unique_axis   ? 
# 
_symmetry.entry_id                         1NHY 
_symmetry.space_group_name_H-M             'I 41 3 2' 
_symmetry.pdbx_full_space_group_name_H-M   ? 
_symmetry.Int_Tables_number                214 
_symmetry.cell_setting                     ? 
# 
_exptl.entry_id          1NHY 
_exptl.method            'X-RAY DIFFRACTION' 
_exptl.crystals_number   1 
# 
_exptl_crystal.id                    1 
_exptl_crystal.density_meas          ? 
_exptl_crystal.density_Matthews      3.78 
_exptl_crystal.density_percent_sol   67.21 
_exptl_crystal.description           ? 
# 
_exptl_crystal_grow.crystal_id      1 
_exptl_crystal_grow.method          'VAPOR DIFFUSION, SITTING DROP' 
_exptl_crystal_grow.temp            279 
_exptl_crystal_grow.temp_details    ? 
_exptl_crystal_grow.pH              6.5 
_exptl_crystal_grow.pdbx_details    
'Ammonium sulfate, EDTA, DTT, sodium azide, pH 6.5, VAPOR DIFFUSION, SITTING DROP, temperature 279K' 
_exptl_crystal_grow.pdbx_pH_range   . 
# 
_diffrn.id                     1 
_diffrn.ambient_temp           100 
_diffrn.ambient_temp_details   ? 
_diffrn.crystal_id             1 
# 
_diffrn_detector.diffrn_id              1 
_diffrn_detector.detector               CCD 
_diffrn_detector.type                   ADSC 
_diffrn_detector.pdbx_collection_date   2001-04-24 
_diffrn_detector.details                ? 
# 
_diffrn_radiation.diffrn_id                        1 
_diffrn_radiation.wavelength_id                    1 
_diffrn_radiation.pdbx_monochromatic_or_laue_m_l   M 
_diffrn_radiation.monochromator                    ? 
_diffrn_radiation.pdbx_diffrn_protocol             'SINGLE WAVELENGTH' 
_diffrn_radiation.pdbx_scattering_type             x-ray 
# 
_diffrn_radiation_wavelength.id           1 
_diffrn_radiation_wavelength.wavelength   0.9792 
_diffrn_radiation_wavelength.wt           1.0 
# 
_diffrn_source.diffrn_id                   1 
_diffrn_source.source                      SYNCHROTRON 
_diffrn_source.type                        'ESRF BEAMLINE ID29' 
_diffrn_source.pdbx_synchrotron_site       ESRF 
_diffrn_source.pdbx_synchrotron_beamline   ID29 
_diffrn_source.pdbx_wavelength             ? 
_diffrn_source.pdbx_wavelength_list        0.9792 
# 
_reflns.entry_id                     1NHY 
_reflns.observed_criterion_sigma_F   ? 
_reflns.observed_criterion_sigma_I   0 
_reflns.d_resolution_high            3.0 
_reflns.d_resolution_low             28.0 
_reflns.number_all                   ? 
_reflns.number_obs                   14125 
_reflns.percent_possible_obs         99.9 
_reflns.pdbx_Rmerge_I_obs            0.053 
_reflns.pdbx_Rsym_value              0.049 
_reflns.pdbx_netI_over_sigmaI        50.1 
_reflns.B_iso_Wilson_estimate        93.74 
_reflns.pdbx_redundancy              10.7 
_reflns.R_free_details               ? 
_reflns.limit_h_max                  ? 
_reflns.limit_h_min                  ? 
_reflns.limit_k_max                  ? 
_reflns.limit_k_min                  ? 
_reflns.limit_l_max                  ? 
_reflns.limit_l_min                  ? 
_reflns.observed_criterion_F_max     ? 
_reflns.observed_criterion_F_min     ? 
_reflns.pdbx_diffrn_id               1 
_reflns.pdbx_ordinal                 1 
# 
_reflns_shell.d_res_high             3.01 
_reflns_shell.d_res_low              3.17 
_reflns_shell.percent_possible_all   99.6 
_reflns_shell.Rmerge_I_obs           0.362 
_reflns_shell.pdbx_Rsym_value        0.33 
_reflns_shell.meanI_over_sigI_obs    ? 
_reflns_shell.pdbx_redundancy        0.109 
_reflns_shell.percent_possible_obs   ? 
_reflns_shell.number_unique_all      ? 
_reflns_shell.pdbx_diffrn_id         ? 
_reflns_shell.pdbx_ordinal           1 
# 
_refine.entry_id                                 1NHY 
_refine.ls_d_res_high                            3.0 
_refine.ls_d_res_low                             20.0 
_refine.pdbx_ls_sigma_F                          0.0 
_refine.pdbx_ls_sigma_I                          ? 
_refine.ls_number_reflns_all                     13747 
_refine.ls_number_reflns_obs                     12773 
_refine.ls_number_reflns_R_free                  974 
_refine.ls_percent_reflns_obs                    ? 
_refine.ls_R_factor_all                          0.2346 
_refine.ls_R_factor_obs                          0.2349 
_refine.ls_R_factor_R_work                       0.2346 
_refine.ls_R_factor_R_free                       0.2349 
_refine.ls_redundancy_reflns_obs                 ? 
_refine.pdbx_data_cutoff_high_absF               ? 
_refine.pdbx_data_cutoff_low_absF                ? 
_refine.ls_number_parameters                     ? 
_refine.ls_number_restraints                     ? 
_refine.ls_percent_reflns_R_free                 ? 
_refine.ls_R_factor_R_free_error                 ? 
_refine.ls_R_factor_R_free_error_details         ? 
_refine.pdbx_method_to_determine_struct          SAD 
_refine.pdbx_starting_model                      None 
_refine.pdbx_ls_cross_valid_method               THROUGHOUT 
_refine.pdbx_R_Free_selection_details            Random 
_refine.pdbx_stereochem_target_val_spec_case     ? 
_refine.pdbx_stereochemistry_target_values       'Engh & Huber' 
_refine.solvent_model_details                    ? 
_refine.solvent_model_param_bsol                 ? 
_refine.solvent_model_param_ksol                 ? 
_refine.occupancy_max                            ? 
_refine.occupancy_min                            ? 
_refine.pdbx_isotropic_thermal_model             ? 
_refine.B_iso_mean                               ? 
_refine.aniso_B[1][1]                            ? 
_refine.aniso_B[1][2]                            ? 
_refine.aniso_B[1][3]                            ? 
_refine.aniso_B[2][2]                            ? 
_refine.aniso_B[2][3]                            ? 
_refine.aniso_B[3][3]                            ? 
_refine.details                                  ? 
_refine.B_iso_min                                ? 
_refine.B_iso_max                                ? 
_refine.correlation_coeff_Fo_to_Fc               ? 
_refine.correlation_coeff_Fo_to_Fc_free          ? 
_refine.pdbx_solvent_vdw_probe_radii             ? 
_refine.pdbx_solvent_ion_probe_radii             ? 
_refine.pdbx_solvent_shrinkage_radii             ? 
_refine.overall_SU_R_Cruickshank_DPI             ? 
_refine.overall_SU_R_free                        ? 
_refine.overall_SU_B                             ? 
_refine.overall_SU_ML                            ? 
_refine.pdbx_overall_ESU_R                       ? 
_refine.pdbx_overall_ESU_R_Free                  ? 
_refine.pdbx_data_cutoff_high_rms_absF           ? 
_refine.pdbx_refine_id                           'X-RAY DIFFRACTION' 
_refine.pdbx_diffrn_id                           1 
_refine.pdbx_TLS_residual_ADP_flag               ? 
_refine.pdbx_overall_phase_error                 ? 
_refine.pdbx_overall_SU_R_free_Cruickshank_DPI   ? 
_refine.pdbx_overall_SU_R_Blow_DPI               ? 
_refine.pdbx_overall_SU_R_free_Blow_DPI          ? 
# 
_refine_hist.pdbx_refine_id                   'X-RAY DIFFRACTION' 
_refine_hist.cycle_id                         LAST 
_refine_hist.pdbx_number_atoms_protein        1748 
_refine_hist.pdbx_number_atoms_nucleic_acid   0 
_refine_hist.pdbx_number_atoms_ligand         5 
_refine_hist.number_atoms_solvent             0 
_refine_hist.number_atoms_total               1753 
_refine_hist.d_res_high                       3.0 
_refine_hist.d_res_low                        20.0 
# 
loop_
_refine_ls_restr.type 
_refine_ls_restr.dev_ideal 
_refine_ls_restr.dev_ideal_target 
_refine_ls_restr.weight 
_refine_ls_restr.number 
_refine_ls_restr.pdbx_refine_id 
_refine_ls_restr.pdbx_restraint_function 
c_bond_d    0.009 ? ? ? 'X-RAY DIFFRACTION' ? 
c_angle_deg 1.3   ? ? ? 'X-RAY DIFFRACTION' ? 
# 
_refine_ls_shell.pdbx_total_number_of_bins_used   ? 
_refine_ls_shell.d_res_high                       3.00 
_refine_ls_shell.d_res_low                        3.05 
_refine_ls_shell.number_reflns_R_work             ? 
_refine_ls_shell.R_factor_R_work                  0.43 
_refine_ls_shell.percent_reflns_obs               ? 
_refine_ls_shell.R_factor_R_free                  0.42 
_refine_ls_shell.R_factor_R_free_error            ? 
_refine_ls_shell.percent_reflns_R_free            ? 
_refine_ls_shell.number_reflns_R_free             29 
_refine_ls_shell.number_reflns_obs                405 
_refine_ls_shell.redundancy_reflns_obs            ? 
_refine_ls_shell.number_reflns_all                ? 
_refine_ls_shell.pdbx_refine_id                   'X-RAY DIFFRACTION' 
_refine_ls_shell.R_factor_all                     ? 
# 
_struct.entry_id                  1NHY 
_struct.title                     
'Crystal Structure of the GST-like Domain of Elongation Factor 1-gamma from Saccharomyces cerevisiae.' 
_struct.pdbx_model_details        ? 
_struct.pdbx_CASP_flag            ? 
_struct.pdbx_model_type_details   ? 
# 
_struct_keywords.entry_id        1NHY 
_struct_keywords.pdbx_keywords   TRANSLATION 
_struct_keywords.text            'Protein synthesis, GST-like, TRANSLATION' 
# 
loop_
_struct_asym.id 
_struct_asym.pdbx_blank_PDB_chainid_flag 
_struct_asym.pdbx_modified 
_struct_asym.entity_id 
_struct_asym.details 
A N N 1 ? 
B N N 2 ? 
# 
_struct_ref.id                         1 
_struct_ref.db_name                    UNP 
_struct_ref.db_code                    EF1G1_YEAST 
_struct_ref.entity_id                  1 
_struct_ref.pdbx_seq_one_letter_code   
;MSQGTLYANFRIRTWVPRGLVKALKLDVKVVTPDAAAEQFARDFPLKKVPAFVGPKGYKLTEAMAINYYLVKLSQDDKMK
TQLLGADDDLNAQAQIIRWQSLANSDLCIQIANTIVPLKGGAPYNKKSVDSAMDAVDKIVDIFENRLKNYTYLATENISL
ADLVAASIFTRYFESLFGTEWRAQHPAIVRWFNTVRASPFLKDEYKDFKFADKPLSPPQ
;
_struct_ref.pdbx_align_begin           1 
_struct_ref.pdbx_db_accession          P29547 
_struct_ref.pdbx_db_isoform            ? 
# 
_struct_ref_seq.align_id                      1 
_struct_ref_seq.ref_id                        1 
_struct_ref_seq.pdbx_PDB_id_code              1NHY 
_struct_ref_seq.pdbx_strand_id                A 
_struct_ref_seq.seq_align_beg                 1 
_struct_ref_seq.pdbx_seq_align_beg_ins_code   ? 
_struct_ref_seq.seq_align_end                 219 
_struct_ref_seq.pdbx_seq_align_end_ins_code   ? 
_struct_ref_seq.pdbx_db_accession             P29547 
_struct_ref_seq.db_align_beg                  1 
_struct_ref_seq.pdbx_db_align_beg_ins_code    ? 
_struct_ref_seq.db_align_end                  219 
_struct_ref_seq.pdbx_db_align_end_ins_code    ? 
_struct_ref_seq.pdbx_auth_seq_align_beg       1 
_struct_ref_seq.pdbx_auth_seq_align_end       219 
# 
loop_
_struct_ref_seq_dif.align_id 
_struct_ref_seq_dif.pdbx_pdb_id_code 
_struct_ref_seq_dif.mon_id 
_struct_ref_seq_dif.pdbx_pdb_strand_id 
_struct_ref_seq_dif.seq_num 
_struct_ref_seq_dif.pdbx_pdb_ins_code 
_struct_ref_seq_dif.pdbx_seq_db_name 
_struct_ref_seq_dif.pdbx_seq_db_accession_code 
_struct_ref_seq_dif.db_mon_id 
_struct_ref_seq_dif.pdbx_seq_db_seq_num 
_struct_ref_seq_dif.details 
_struct_ref_seq_dif.pdbx_auth_seq_num 
_struct_ref_seq_dif.pdbx_ordinal 
1 1NHY MSE A 1   ? UNP P29547 MET 1   'engineered mutation' 1   1 
1 1NHY MSE A 64  ? UNP P29547 MET 64  'engineered mutation' 64  2 
1 1NHY MSE A 79  ? UNP P29547 MET 79  'engineered mutation' 79  3 
1 1NHY MSE A 133 ? UNP P29547 MET 133 'engineered mutation' 133 4 
# 
_pdbx_struct_assembly.id                   1 
_pdbx_struct_assembly.details              author_defined_assembly 
_pdbx_struct_assembly.method_details       ? 
_pdbx_struct_assembly.oligomeric_details   monomeric 
_pdbx_struct_assembly.oligomeric_count     1 
# 
_pdbx_struct_assembly_gen.assembly_id       1 
_pdbx_struct_assembly_gen.oper_expression   1 
_pdbx_struct_assembly_gen.asym_id_list      A,B 
# 
_pdbx_struct_oper_list.id                   1 
_pdbx_struct_oper_list.type                 'identity operation' 
_pdbx_struct_oper_list.name                 1_555 
_pdbx_struct_oper_list.symmetry_operation   x,y,z 
_pdbx_struct_oper_list.matrix[1][1]         1.0000000000 
_pdbx_struct_oper_list.matrix[1][2]         0.0000000000 
_pdbx_struct_oper_list.matrix[1][3]         0.0000000000 
_pdbx_struct_oper_list.vector[1]            0.0000000000 
_pdbx_struct_oper_list.matrix[2][1]         0.0000000000 
_pdbx_struct_oper_list.matrix[2][2]         1.0000000000 
_pdbx_struct_oper_list.matrix[2][3]         0.0000000000 
_pdbx_struct_oper_list.vector[2]            0.0000000000 
_pdbx_struct_oper_list.matrix[3][1]         0.0000000000 
_pdbx_struct_oper_list.matrix[3][2]         0.0000000000 
_pdbx_struct_oper_list.matrix[3][3]         1.0000000000 
_pdbx_struct_oper_list.vector[3]            0.0000000000 
# 
loop_
_struct_conf.conf_type_id 
_struct_conf.id 
_struct_conf.pdbx_PDB_helix_id 
_struct_conf.beg_label_comp_id 
_struct_conf.beg_label_asym_id 
_struct_conf.beg_label_seq_id 
_struct_conf.pdbx_beg_PDB_ins_code 
_struct_conf.end_label_comp_id 
_struct_conf.end_label_asym_id 
_struct_conf.end_label_seq_id 
_struct_conf.pdbx_end_PDB_ins_code 
_struct_conf.beg_auth_comp_id 
_struct_conf.beg_auth_asym_id 
_struct_conf.beg_auth_seq_id 
_struct_conf.end_auth_comp_id 
_struct_conf.end_auth_asym_id 
_struct_conf.end_auth_seq_id 
_struct_conf.pdbx_PDB_helix_class 
_struct_conf.details 
_struct_conf.pdbx_PDB_helix_length 
HELX_P HELX_P1  1  ARG A 11  ? LYS A 25  ? ARG A 11  LYS A 25  1 ? 15 
HELX_P HELX_P2  2  THR A 32  ? ALA A 35  ? THR A 32  ALA A 35  5 ? 4  
HELX_P HELX_P3  3  ALA A 36  ? PHE A 44  ? ALA A 36  PHE A 44  1 ? 9  
HELX_P HELX_P4  4  PRO A 55  ? GLY A 57  ? PRO A 55  GLY A 57  5 ? 3  
HELX_P HELX_P5  5  GLU A 62  ? SER A 74  ? GLU A 62  SER A 74  1 ? 13 
HELX_P HELX_P6  6  ASP A 76  ? LEU A 84  ? ASP A 76  LEU A 84  1 ? 9  
HELX_P HELX_P7  7  ASP A 89  ? SER A 105 ? ASP A 89  SER A 105 1 ? 17 
HELX_P HELX_P8  8  CYS A 108 ? ASN A 113 ? CYS A 108 ASN A 113 5 ? 6  
HELX_P HELX_P9  9  THR A 114 ? LYS A 119 ? THR A 114 LYS A 119 1 ? 6  
HELX_P HELX_P10 10 ASN A 125 ? LYS A 148 ? ASN A 125 LYS A 148 1 ? 24 
HELX_P HELX_P11 11 SER A 159 ? LEU A 176 ? SER A 159 LEU A 176 1 ? 18 
HELX_P HELX_P12 12 GLY A 178 ? HIS A 185 ? GLY A 178 HIS A 185 1 ? 8  
HELX_P HELX_P13 13 HIS A 185 ? SER A 198 ? HIS A 185 SER A 198 1 ? 14 
HELX_P HELX_P14 14 LEU A 201 ? TYR A 205 ? LEU A 201 TYR A 205 5 ? 5  
# 
_struct_conf_type.id          HELX_P 
_struct_conf_type.criteria    ? 
_struct_conf_type.reference   ? 
# 
loop_
_struct_conn.id 
_struct_conn.conn_type_id 
_struct_conn.pdbx_leaving_atom_flag 
_struct_conn.pdbx_PDB_id 
_struct_conn.ptnr1_label_asym_id 
_struct_conn.ptnr1_label_comp_id 
_struct_conn.ptnr1_label_seq_id 
_struct_conn.ptnr1_label_atom_id 
_struct_conn.pdbx_ptnr1_label_alt_id 
_struct_conn.pdbx_ptnr1_PDB_ins_code 
_struct_conn.pdbx_ptnr1_standard_comp_id 
_struct_conn.ptnr1_symmetry 
_struct_conn.ptnr2_label_asym_id 
_struct_conn.ptnr2_label_comp_id 
_struct_conn.ptnr2_label_seq_id 
_struct_conn.ptnr2_label_atom_id 
_struct_conn.pdbx_ptnr2_label_alt_id 
_struct_conn.pdbx_ptnr2_PDB_ins_code 
_struct_conn.ptnr1_auth_asym_id 
_struct_conn.ptnr1_auth_comp_id 
_struct_conn.ptnr1_auth_seq_id 
_struct_conn.ptnr2_auth_asym_id 
_struct_conn.ptnr2_auth_comp_id 
_struct_conn.ptnr2_auth_seq_id 
_struct_conn.ptnr2_symmetry 
_struct_conn.pdbx_ptnr3_label_atom_id 
_struct_conn.pdbx_ptnr3_label_seq_id 
_struct_conn.pdbx_ptnr3_label_comp_id 
_struct_conn.pdbx_ptnr3_label_asym_id 
_struct_conn.pdbx_ptnr3_label_alt_id 
_struct_conn.pdbx_ptnr3_PDB_ins_code 
_struct_conn.details 
_struct_conn.pdbx_dist_value 
_struct_conn.pdbx_value_order 
_struct_conn.pdbx_role 
covale1 covale both ? A MSE 1   C ? ? ? 1_555 A SER 2   N ? ? A MSE 1   A SER 2   1_555 ? ? ? ? ? ? ? 1.331 ? ? 
covale2 covale both ? A ALA 63  C ? ? ? 1_555 A MSE 64  N ? ? A ALA 63  A MSE 64  1_555 ? ? ? ? ? ? ? 1.328 ? ? 
covale3 covale both ? A MSE 64  C ? ? ? 1_555 A ALA 65  N ? ? A MSE 64  A ALA 65  1_555 ? ? ? ? ? ? ? 1.322 ? ? 
covale4 covale both ? A LYS 78  C ? ? ? 1_555 A MSE 79  N ? ? A LYS 78  A MSE 79  1_555 ? ? ? ? ? ? ? 1.327 ? ? 
covale5 covale both ? A MSE 79  C ? ? ? 1_555 A LYS 80  N ? ? A MSE 79  A LYS 80  1_555 ? ? ? ? ? ? ? 1.320 ? ? 
covale6 covale both ? A ALA 132 C ? ? ? 1_555 A MSE 133 N ? ? A ALA 132 A MSE 133 1_555 ? ? ? ? ? ? ? 1.328 ? ? 
covale7 covale both ? A MSE 133 C ? ? ? 1_555 A ASP 134 N ? ? A MSE 133 A ASP 134 1_555 ? ? ? ? ? ? ? 1.327 ? ? 
# 
_struct_conn_type.id          covale 
_struct_conn_type.criteria    ? 
_struct_conn_type.reference   ? 
# 
loop_
_pdbx_modification_feature.ordinal 
_pdbx_modification_feature.label_comp_id 
_pdbx_modification_feature.label_asym_id 
_pdbx_modification_feature.label_seq_id 
_pdbx_modification_feature.label_alt_id 
_pdbx_modification_feature.modified_residue_label_comp_id 
_pdbx_modification_feature.modified_residue_label_asym_id 
_pdbx_modification_feature.modified_residue_label_seq_id 
_pdbx_modification_feature.modified_residue_label_alt_id 
_pdbx_modification_feature.auth_comp_id 
_pdbx_modification_feature.auth_asym_id 
_pdbx_modification_feature.auth_seq_id 
_pdbx_modification_feature.PDB_ins_code 
_pdbx_modification_feature.symmetry 
_pdbx_modification_feature.modified_residue_auth_comp_id 
_pdbx_modification_feature.modified_residue_auth_asym_id 
_pdbx_modification_feature.modified_residue_auth_seq_id 
_pdbx_modification_feature.modified_residue_PDB_ins_code 
_pdbx_modification_feature.modified_residue_symmetry 
_pdbx_modification_feature.comp_id_linking_atom 
_pdbx_modification_feature.modified_residue_id_linking_atom 
_pdbx_modification_feature.modified_residue_id 
_pdbx_modification_feature.ref_pcm_id 
_pdbx_modification_feature.ref_comp_id 
_pdbx_modification_feature.type 
_pdbx_modification_feature.category 
1 MSE A 1   ? . . . . MSE A 1   ? 1_555 . . . . . . . MET 1 MSE Selenomethionine 'Named protein modification' 
2 MSE A 64  ? . . . . MSE A 64  ? 1_555 . . . . . . . MET 1 MSE Selenomethionine 'Named protein modification' 
3 MSE A 79  ? . . . . MSE A 79  ? 1_555 . . . . . . . MET 1 MSE Selenomethionine 'Named protein modification' 
4 MSE A 133 ? . . . . MSE A 133 ? 1_555 . . . . . . . MET 1 MSE Selenomethionine 'Named protein modification' 
# 
_struct_mon_prot_cis.pdbx_id                1 
_struct_mon_prot_cis.label_comp_id          VAL 
_struct_mon_prot_cis.label_seq_id           49 
_struct_mon_prot_cis.label_asym_id          A 
_struct_mon_prot_cis.label_alt_id           . 
_struct_mon_prot_cis.pdbx_PDB_ins_code      ? 
_struct_mon_prot_cis.auth_comp_id           VAL 
_struct_mon_prot_cis.auth_seq_id            49 
_struct_mon_prot_cis.auth_asym_id           A 
_struct_mon_prot_cis.pdbx_label_comp_id_2   PRO 
_struct_mon_prot_cis.pdbx_label_seq_id_2    50 
_struct_mon_prot_cis.pdbx_label_asym_id_2   A 
_struct_mon_prot_cis.pdbx_PDB_ins_code_2    ? 
_struct_mon_prot_cis.pdbx_auth_comp_id_2    PRO 
_struct_mon_prot_cis.pdbx_auth_seq_id_2     50 
_struct_mon_prot_cis.pdbx_auth_asym_id_2    A 
_struct_mon_prot_cis.pdbx_PDB_model_num     1 
_struct_mon_prot_cis.pdbx_omega_angle       0.24 
# 
_struct_sheet.id               A 
_struct_sheet.type             ? 
_struct_sheet.number_strands   4 
_struct_sheet.details          ? 
# 
loop_
_struct_sheet_order.sheet_id 
_struct_sheet_order.range_id_1 
_struct_sheet_order.range_id_2 
_struct_sheet_order.offset 
_struct_sheet_order.sense 
A 1 2 ? parallel      
A 2 3 ? anti-parallel 
A 3 4 ? anti-parallel 
# 
loop_
_struct_sheet_range.sheet_id 
_struct_sheet_range.id 
_struct_sheet_range.beg_label_comp_id 
_struct_sheet_range.beg_label_asym_id 
_struct_sheet_range.beg_label_seq_id 
_struct_sheet_range.pdbx_beg_PDB_ins_code 
_struct_sheet_range.end_label_comp_id 
_struct_sheet_range.end_label_asym_id 
_struct_sheet_range.end_label_seq_id 
_struct_sheet_range.pdbx_end_PDB_ins_code 
_struct_sheet_range.beg_auth_comp_id 
_struct_sheet_range.beg_auth_asym_id 
_struct_sheet_range.beg_auth_seq_id 
_struct_sheet_range.end_auth_comp_id 
_struct_sheet_range.end_auth_asym_id 
_struct_sheet_range.end_auth_seq_id 
A 1 LYS A 29 ? VAL A 31 ? LYS A 29 VAL A 31 
A 2 THR A 5  ? TYR A 7  ? THR A 5  TYR A 7  
A 3 ALA A 51 ? VAL A 53 ? ALA A 51 VAL A 53 
A 4 LYS A 59 ? THR A 61 ? LYS A 59 THR A 61 
# 
loop_
_pdbx_struct_sheet_hbond.sheet_id 
_pdbx_struct_sheet_hbond.range_id_1 
_pdbx_struct_sheet_hbond.range_id_2 
_pdbx_struct_sheet_hbond.range_1_label_atom_id 
_pdbx_struct_sheet_hbond.range_1_label_comp_id 
_pdbx_struct_sheet_hbond.range_1_label_asym_id 
_pdbx_struct_sheet_hbond.range_1_label_seq_id 
_pdbx_struct_sheet_hbond.range_1_PDB_ins_code 
_pdbx_struct_sheet_hbond.range_1_auth_atom_id 
_pdbx_struct_sheet_hbond.range_1_auth_comp_id 
_pdbx_struct_sheet_hbond.range_1_auth_asym_id 
_pdbx_struct_sheet_hbond.range_1_auth_seq_id 
_pdbx_struct_sheet_hbond.range_2_label_atom_id 
_pdbx_struct_sheet_hbond.range_2_label_comp_id 
_pdbx_struct_sheet_hbond.range_2_label_asym_id 
_pdbx_struct_sheet_hbond.range_2_label_seq_id 
_pdbx_struct_sheet_hbond.range_2_PDB_ins_code 
_pdbx_struct_sheet_hbond.range_2_auth_atom_id 
_pdbx_struct_sheet_hbond.range_2_auth_comp_id 
_pdbx_struct_sheet_hbond.range_2_auth_asym_id 
_pdbx_struct_sheet_hbond.range_2_auth_seq_id 
A 1 2 O LYS A 29 ? O LYS A 29 N LEU A 6  ? N LEU A 6  
A 2 3 N THR A 5  ? N THR A 5  O VAL A 53 ? O VAL A 53 
A 3 4 N PHE A 52 ? N PHE A 52 O LEU A 60 ? O LEU A 60 
# 
_struct_site.id                   AC1 
_struct_site.pdbx_evidence_code   Software 
_struct_site.pdbx_auth_asym_id    A 
_struct_site.pdbx_auth_comp_id    SO4 
_struct_site.pdbx_auth_seq_id     220 
_struct_site.pdbx_auth_ins_code   ? 
_struct_site.pdbx_num_residues    3 
_struct_site.details              'BINDING SITE FOR RESIDUE SO4 A 220' 
# 
loop_
_struct_site_gen.id 
_struct_site_gen.site_id 
_struct_site_gen.pdbx_num_res 
_struct_site_gen.label_comp_id 
_struct_site_gen.label_asym_id 
_struct_site_gen.label_seq_id 
_struct_site_gen.pdbx_auth_ins_code 
_struct_site_gen.auth_comp_id 
_struct_site_gen.auth_asym_id 
_struct_site_gen.auth_seq_id 
_struct_site_gen.label_atom_id 
_struct_site_gen.label_alt_id 
_struct_site_gen.symmetry 
_struct_site_gen.details 
1 AC1 3 ARG A 11  ? ARG A 11  . ? 1_555 ? 
2 AC1 3 ILE A 12  ? ILE A 12  . ? 1_555 ? 
3 AC1 3 ARG A 171 ? ARG A 171 . ? 1_555 ? 
# 
_pdbx_entry_details.entry_id                   1NHY 
_pdbx_entry_details.compound_details           ? 
_pdbx_entry_details.source_details             ? 
_pdbx_entry_details.nonpolymer_details         ? 
_pdbx_entry_details.sequence_details           ? 
_pdbx_entry_details.has_ligand_of_interest     ? 
_pdbx_entry_details.has_protein_modification   Y 
# 
loop_
_pdbx_validate_torsion.id 
_pdbx_validate_torsion.PDB_model_num 
_pdbx_validate_torsion.auth_comp_id 
_pdbx_validate_torsion.auth_asym_id 
_pdbx_validate_torsion.auth_seq_id 
_pdbx_validate_torsion.PDB_ins_code 
_pdbx_validate_torsion.label_alt_id 
_pdbx_validate_torsion.phi 
_pdbx_validate_torsion.psi 
1  1 ASN A 9   ? ? -88.55  -157.98 
2  1 PHE A 10  ? ? -111.94 77.09   
3  1 ASP A 27  ? ? -83.14  43.45   
4  1 ALA A 36  ? ? -171.84 75.91   
5  1 LYS A 47  ? ? 35.39   47.60   
6  1 GLU A 62  ? ? 73.96   117.67  
7  1 ASP A 89  ? ? -117.97 67.07   
8  1 SER A 105 ? ? -118.57 -89.33  
9  1 ASP A 106 ? ? -29.63  -47.92  
10 1 THR A 114 ? ? -143.15 -76.48  
11 1 LYS A 119 ? ? -60.17  7.91    
12 1 PRO A 123 ? ? -37.62  121.47  
13 1 SER A 128 ? ? -66.05  -70.22  
14 1 THR A 170 ? ? -32.72  -78.67  
15 1 LYS A 206 ? ? -47.53  -93.94  
16 1 PHE A 210 ? ? -69.01  87.77   
17 1 PRO A 214 ? ? -54.71  105.13  
18 1 LEU A 215 ? ? -36.59  128.80  
19 1 PRO A 217 ? ? -41.34  170.71  
20 1 PRO A 218 ? ? -48.10  161.49  
# 
loop_
_pdbx_struct_mod_residue.id 
_pdbx_struct_mod_residue.label_asym_id 
_pdbx_struct_mod_residue.label_comp_id 
_pdbx_struct_mod_residue.label_seq_id 
_pdbx_struct_mod_residue.auth_asym_id 
_pdbx_struct_mod_residue.auth_comp_id 
_pdbx_struct_mod_residue.auth_seq_id 
_pdbx_struct_mod_residue.PDB_ins_code 
_pdbx_struct_mod_residue.parent_comp_id 
_pdbx_struct_mod_residue.details 
1 A MSE 1   A MSE 1   ? MET SELENOMETHIONINE 
2 A MSE 64  A MSE 64  ? MET SELENOMETHIONINE 
3 A MSE 79  A MSE 79  ? MET SELENOMETHIONINE 
4 A MSE 133 A MSE 133 ? MET SELENOMETHIONINE 
# 
loop_
_chem_comp_atom.comp_id 
_chem_comp_atom.atom_id 
_chem_comp_atom.type_symbol 
_chem_comp_atom.pdbx_aromatic_flag 
_chem_comp_atom.pdbx_stereo_config 
_chem_comp_atom.pdbx_ordinal 
ALA N    N  N N 1   
ALA CA   C  N S 2   
ALA C    C  N N 3   
ALA O    O  N N 4   
ALA CB   C  N N 5   
ALA OXT  O  N N 6   
ALA H    H  N N 7   
ALA H2   H  N N 8   
ALA HA   H  N N 9   
ALA HB1  H  N N 10  
ALA HB2  H  N N 11  
ALA HB3  H  N N 12  
ALA HXT  H  N N 13  
ARG N    N  N N 14  
ARG CA   C  N S 15  
ARG C    C  N N 16  
ARG O    O  N N 17  
ARG CB   C  N N 18  
ARG CG   C  N N 19  
ARG CD   C  N N 20  
ARG NE   N  N N 21  
ARG CZ   C  N N 22  
ARG NH1  N  N N 23  
ARG NH2  N  N N 24  
ARG OXT  O  N N 25  
ARG H    H  N N 26  
ARG H2   H  N N 27  
ARG HA   H  N N 28  
ARG HB2  H  N N 29  
ARG HB3  H  N N 30  
ARG HG2  H  N N 31  
ARG HG3  H  N N 32  
ARG HD2  H  N N 33  
ARG HD3  H  N N 34  
ARG HE   H  N N 35  
ARG HH11 H  N N 36  
ARG HH12 H  N N 37  
ARG HH21 H  N N 38  
ARG HH22 H  N N 39  
ARG HXT  H  N N 40  
ASN N    N  N N 41  
ASN CA   C  N S 42  
ASN C    C  N N 43  
ASN O    O  N N 44  
ASN CB   C  N N 45  
ASN CG   C  N N 46  
ASN OD1  O  N N 47  
ASN ND2  N  N N 48  
ASN OXT  O  N N 49  
ASN H    H  N N 50  
ASN H2   H  N N 51  
ASN HA   H  N N 52  
ASN HB2  H  N N 53  
ASN HB3  H  N N 54  
ASN HD21 H  N N 55  
ASN HD22 H  N N 56  
ASN HXT  H  N N 57  
ASP N    N  N N 58  
ASP CA   C  N S 59  
ASP C    C  N N 60  
ASP O    O  N N 61  
ASP CB   C  N N 62  
ASP CG   C  N N 63  
ASP OD1  O  N N 64  
ASP OD2  O  N N 65  
ASP OXT  O  N N 66  
ASP H    H  N N 67  
ASP H2   H  N N 68  
ASP HA   H  N N 69  
ASP HB2  H  N N 70  
ASP HB3  H  N N 71  
ASP HD2  H  N N 72  
ASP HXT  H  N N 73  
CYS N    N  N N 74  
CYS CA   C  N R 75  
CYS C    C  N N 76  
CYS O    O  N N 77  
CYS CB   C  N N 78  
CYS SG   S  N N 79  
CYS OXT  O  N N 80  
CYS H    H  N N 81  
CYS H2   H  N N 82  
CYS HA   H  N N 83  
CYS HB2  H  N N 84  
CYS HB3  H  N N 85  
CYS HG   H  N N 86  
CYS HXT  H  N N 87  
GLN N    N  N N 88  
GLN CA   C  N S 89  
GLN C    C  N N 90  
GLN O    O  N N 91  
GLN CB   C  N N 92  
GLN CG   C  N N 93  
GLN CD   C  N N 94  
GLN OE1  O  N N 95  
GLN NE2  N  N N 96  
GLN OXT  O  N N 97  
GLN H    H  N N 98  
GLN H2   H  N N 99  
GLN HA   H  N N 100 
GLN HB2  H  N N 101 
GLN HB3  H  N N 102 
GLN HG2  H  N N 103 
GLN HG3  H  N N 104 
GLN HE21 H  N N 105 
GLN HE22 H  N N 106 
GLN HXT  H  N N 107 
GLU N    N  N N 108 
GLU CA   C  N S 109 
GLU C    C  N N 110 
GLU O    O  N N 111 
GLU CB   C  N N 112 
GLU CG   C  N N 113 
GLU CD   C  N N 114 
GLU OE1  O  N N 115 
GLU OE2  O  N N 116 
GLU OXT  O  N N 117 
GLU H    H  N N 118 
GLU H2   H  N N 119 
GLU HA   H  N N 120 
GLU HB2  H  N N 121 
GLU HB3  H  N N 122 
GLU HG2  H  N N 123 
GLU HG3  H  N N 124 
GLU HE2  H  N N 125 
GLU HXT  H  N N 126 
GLY N    N  N N 127 
GLY CA   C  N N 128 
GLY C    C  N N 129 
GLY O    O  N N 130 
GLY OXT  O  N N 131 
GLY H    H  N N 132 
GLY H2   H  N N 133 
GLY HA2  H  N N 134 
GLY HA3  H  N N 135 
GLY HXT  H  N N 136 
HIS N    N  N N 137 
HIS CA   C  N S 138 
HIS C    C  N N 139 
HIS O    O  N N 140 
HIS CB   C  N N 141 
HIS CG   C  Y N 142 
HIS ND1  N  Y N 143 
HIS CD2  C  Y N 144 
HIS CE1  C  Y N 145 
HIS NE2  N  Y N 146 
HIS OXT  O  N N 147 
HIS H    H  N N 148 
HIS H2   H  N N 149 
HIS HA   H  N N 150 
HIS HB2  H  N N 151 
HIS HB3  H  N N 152 
HIS HD1  H  N N 153 
HIS HD2  H  N N 154 
HIS HE1  H  N N 155 
HIS HE2  H  N N 156 
HIS HXT  H  N N 157 
ILE N    N  N N 158 
ILE CA   C  N S 159 
ILE C    C  N N 160 
ILE O    O  N N 161 
ILE CB   C  N S 162 
ILE CG1  C  N N 163 
ILE CG2  C  N N 164 
ILE CD1  C  N N 165 
ILE OXT  O  N N 166 
ILE H    H  N N 167 
ILE H2   H  N N 168 
ILE HA   H  N N 169 
ILE HB   H  N N 170 
ILE HG12 H  N N 171 
ILE HG13 H  N N 172 
ILE HG21 H  N N 173 
ILE HG22 H  N N 174 
ILE HG23 H  N N 175 
ILE HD11 H  N N 176 
ILE HD12 H  N N 177 
ILE HD13 H  N N 178 
ILE HXT  H  N N 179 
LEU N    N  N N 180 
LEU CA   C  N S 181 
LEU C    C  N N 182 
LEU O    O  N N 183 
LEU CB   C  N N 184 
LEU CG   C  N N 185 
LEU CD1  C  N N 186 
LEU CD2  C  N N 187 
LEU OXT  O  N N 188 
LEU H    H  N N 189 
LEU H2   H  N N 190 
LEU HA   H  N N 191 
LEU HB2  H  N N 192 
LEU HB3  H  N N 193 
LEU HG   H  N N 194 
LEU HD11 H  N N 195 
LEU HD12 H  N N 196 
LEU HD13 H  N N 197 
LEU HD21 H  N N 198 
LEU HD22 H  N N 199 
LEU HD23 H  N N 200 
LEU HXT  H  N N 201 
LYS N    N  N N 202 
LYS CA   C  N S 203 
LYS C    C  N N 204 
LYS O    O  N N 205 
LYS CB   C  N N 206 
LYS CG   C  N N 207 
LYS CD   C  N N 208 
LYS CE   C  N N 209 
LYS NZ   N  N N 210 
LYS OXT  O  N N 211 
LYS H    H  N N 212 
LYS H2   H  N N 213 
LYS HA   H  N N 214 
LYS HB2  H  N N 215 
LYS HB3  H  N N 216 
LYS HG2  H  N N 217 
LYS HG3  H  N N 218 
LYS HD2  H  N N 219 
LYS HD3  H  N N 220 
LYS HE2  H  N N 221 
LYS HE3  H  N N 222 
LYS HZ1  H  N N 223 
LYS HZ2  H  N N 224 
LYS HZ3  H  N N 225 
LYS HXT  H  N N 226 
MET N    N  N N 227 
MET CA   C  N S 228 
MET C    C  N N 229 
MET O    O  N N 230 
MET CB   C  N N 231 
MET CG   C  N N 232 
MET SD   S  N N 233 
MET CE   C  N N 234 
MET OXT  O  N N 235 
MET H    H  N N 236 
MET H2   H  N N 237 
MET HA   H  N N 238 
MET HB2  H  N N 239 
MET HB3  H  N N 240 
MET HG2  H  N N 241 
MET HG3  H  N N 242 
MET HE1  H  N N 243 
MET HE2  H  N N 244 
MET HE3  H  N N 245 
MET HXT  H  N N 246 
MSE N    N  N N 247 
MSE CA   C  N S 248 
MSE C    C  N N 249 
MSE O    O  N N 250 
MSE OXT  O  N N 251 
MSE CB   C  N N 252 
MSE CG   C  N N 253 
MSE SE   SE N N 254 
MSE CE   C  N N 255 
MSE H    H  N N 256 
MSE H2   H  N N 257 
MSE HA   H  N N 258 
MSE HXT  H  N N 259 
MSE HB2  H  N N 260 
MSE HB3  H  N N 261 
MSE HG2  H  N N 262 
MSE HG3  H  N N 263 
MSE HE1  H  N N 264 
MSE HE2  H  N N 265 
MSE HE3  H  N N 266 
PHE N    N  N N 267 
PHE CA   C  N S 268 
PHE C    C  N N 269 
PHE O    O  N N 270 
PHE CB   C  N N 271 
PHE CG   C  Y N 272 
PHE CD1  C  Y N 273 
PHE CD2  C  Y N 274 
PHE CE1  C  Y N 275 
PHE CE2  C  Y N 276 
PHE CZ   C  Y N 277 
PHE OXT  O  N N 278 
PHE H    H  N N 279 
PHE H2   H  N N 280 
PHE HA   H  N N 281 
PHE HB2  H  N N 282 
PHE HB3  H  N N 283 
PHE HD1  H  N N 284 
PHE HD2  H  N N 285 
PHE HE1  H  N N 286 
PHE HE2  H  N N 287 
PHE HZ   H  N N 288 
PHE HXT  H  N N 289 
PRO N    N  N N 290 
PRO CA   C  N S 291 
PRO C    C  N N 292 
PRO O    O  N N 293 
PRO CB   C  N N 294 
PRO CG   C  N N 295 
PRO CD   C  N N 296 
PRO OXT  O  N N 297 
PRO H    H  N N 298 
PRO HA   H  N N 299 
PRO HB2  H  N N 300 
PRO HB3  H  N N 301 
PRO HG2  H  N N 302 
PRO HG3  H  N N 303 
PRO HD2  H  N N 304 
PRO HD3  H  N N 305 
PRO HXT  H  N N 306 
SER N    N  N N 307 
SER CA   C  N S 308 
SER C    C  N N 309 
SER O    O  N N 310 
SER CB   C  N N 311 
SER OG   O  N N 312 
SER OXT  O  N N 313 
SER H    H  N N 314 
SER H2   H  N N 315 
SER HA   H  N N 316 
SER HB2  H  N N 317 
SER HB3  H  N N 318 
SER HG   H  N N 319 
SER HXT  H  N N 320 
SO4 S    S  N N 321 
SO4 O1   O  N N 322 
SO4 O2   O  N N 323 
SO4 O3   O  N N 324 
SO4 O4   O  N N 325 
THR N    N  N N 326 
THR CA   C  N S 327 
THR C    C  N N 328 
THR O    O  N N 329 
THR CB   C  N R 330 
THR OG1  O  N N 331 
THR CG2  C  N N 332 
THR OXT  O  N N 333 
THR H    H  N N 334 
THR H2   H  N N 335 
THR HA   H  N N 336 
THR HB   H  N N 337 
THR HG1  H  N N 338 
THR HG21 H  N N 339 
THR HG22 H  N N 340 
THR HG23 H  N N 341 
THR HXT  H  N N 342 
TRP N    N  N N 343 
TRP CA   C  N S 344 
TRP C    C  N N 345 
TRP O    O  N N 346 
TRP CB   C  N N 347 
TRP CG   C  Y N 348 
TRP CD1  C  Y N 349 
TRP CD2  C  Y N 350 
TRP NE1  N  Y N 351 
TRP CE2  C  Y N 352 
TRP CE3  C  Y N 353 
TRP CZ2  C  Y N 354 
TRP CZ3  C  Y N 355 
TRP CH2  C  Y N 356 
TRP OXT  O  N N 357 
TRP H    H  N N 358 
TRP H2   H  N N 359 
TRP HA   H  N N 360 
TRP HB2  H  N N 361 
TRP HB3  H  N N 362 
TRP HD1  H  N N 363 
TRP HE1  H  N N 364 
TRP HE3  H  N N 365 
TRP HZ2  H  N N 366 
TRP HZ3  H  N N 367 
TRP HH2  H  N N 368 
TRP HXT  H  N N 369 
TYR N    N  N N 370 
TYR CA   C  N S 371 
TYR C    C  N N 372 
TYR O    O  N N 373 
TYR CB   C  N N 374 
TYR CG   C  Y N 375 
TYR CD1  C  Y N 376 
TYR CD2  C  Y N 377 
TYR CE1  C  Y N 378 
TYR CE2  C  Y N 379 
TYR CZ   C  Y N 380 
TYR OH   O  N N 381 
TYR OXT  O  N N 382 
TYR H    H  N N 383 
TYR H2   H  N N 384 
TYR HA   H  N N 385 
TYR HB2  H  N N 386 
TYR HB3  H  N N 387 
TYR HD1  H  N N 388 
TYR HD2  H  N N 389 
TYR HE1  H  N N 390 
TYR HE2  H  N N 391 
TYR HH   H  N N 392 
TYR HXT  H  N N 393 
VAL N    N  N N 394 
VAL CA   C  N S 395 
VAL C    C  N N 396 
VAL O    O  N N 397 
VAL CB   C  N N 398 
VAL CG1  C  N N 399 
VAL CG2  C  N N 400 
VAL OXT  O  N N 401 
VAL H    H  N N 402 
VAL H2   H  N N 403 
VAL HA   H  N N 404 
VAL HB   H  N N 405 
VAL HG11 H  N N 406 
VAL HG12 H  N N 407 
VAL HG13 H  N N 408 
VAL HG21 H  N N 409 
VAL HG22 H  N N 410 
VAL HG23 H  N N 411 
VAL HXT  H  N N 412 
# 
loop_
_chem_comp_bond.comp_id 
_chem_comp_bond.atom_id_1 
_chem_comp_bond.atom_id_2 
_chem_comp_bond.value_order 
_chem_comp_bond.pdbx_aromatic_flag 
_chem_comp_bond.pdbx_stereo_config 
_chem_comp_bond.pdbx_ordinal 
ALA N   CA   sing N N 1   
ALA N   H    sing N N 2   
ALA N   H2   sing N N 3   
ALA CA  C    sing N N 4   
ALA CA  CB   sing N N 5   
ALA CA  HA   sing N N 6   
ALA C   O    doub N N 7   
ALA C   OXT  sing N N 8   
ALA CB  HB1  sing N N 9   
ALA CB  HB2  sing N N 10  
ALA CB  HB3  sing N N 11  
ALA OXT HXT  sing N N 12  
ARG N   CA   sing N N 13  
ARG N   H    sing N N 14  
ARG N   H2   sing N N 15  
ARG CA  C    sing N N 16  
ARG CA  CB   sing N N 17  
ARG CA  HA   sing N N 18  
ARG C   O    doub N N 19  
ARG C   OXT  sing N N 20  
ARG CB  CG   sing N N 21  
ARG CB  HB2  sing N N 22  
ARG CB  HB3  sing N N 23  
ARG CG  CD   sing N N 24  
ARG CG  HG2  sing N N 25  
ARG CG  HG3  sing N N 26  
ARG CD  NE   sing N N 27  
ARG CD  HD2  sing N N 28  
ARG CD  HD3  sing N N 29  
ARG NE  CZ   sing N N 30  
ARG NE  HE   sing N N 31  
ARG CZ  NH1  sing N N 32  
ARG CZ  NH2  doub N N 33  
ARG NH1 HH11 sing N N 34  
ARG NH1 HH12 sing N N 35  
ARG NH2 HH21 sing N N 36  
ARG NH2 HH22 sing N N 37  
ARG OXT HXT  sing N N 38  
ASN N   CA   sing N N 39  
ASN N   H    sing N N 40  
ASN N   H2   sing N N 41  
ASN CA  C    sing N N 42  
ASN CA  CB   sing N N 43  
ASN CA  HA   sing N N 44  
ASN C   O    doub N N 45  
ASN C   OXT  sing N N 46  
ASN CB  CG   sing N N 47  
ASN CB  HB2  sing N N 48  
ASN CB  HB3  sing N N 49  
ASN CG  OD1  doub N N 50  
ASN CG  ND2  sing N N 51  
ASN ND2 HD21 sing N N 52  
ASN ND2 HD22 sing N N 53  
ASN OXT HXT  sing N N 54  
ASP N   CA   sing N N 55  
ASP N   H    sing N N 56  
ASP N   H2   sing N N 57  
ASP CA  C    sing N N 58  
ASP CA  CB   sing N N 59  
ASP CA  HA   sing N N 60  
ASP C   O    doub N N 61  
ASP C   OXT  sing N N 62  
ASP CB  CG   sing N N 63  
ASP CB  HB2  sing N N 64  
ASP CB  HB3  sing N N 65  
ASP CG  OD1  doub N N 66  
ASP CG  OD2  sing N N 67  
ASP OD2 HD2  sing N N 68  
ASP OXT HXT  sing N N 69  
CYS N   CA   sing N N 70  
CYS N   H    sing N N 71  
CYS N   H2   sing N N 72  
CYS CA  C    sing N N 73  
CYS CA  CB   sing N N 74  
CYS CA  HA   sing N N 75  
CYS C   O    doub N N 76  
CYS C   OXT  sing N N 77  
CYS CB  SG   sing N N 78  
CYS CB  HB2  sing N N 79  
CYS CB  HB3  sing N N 80  
CYS SG  HG   sing N N 81  
CYS OXT HXT  sing N N 82  
GLN N   CA   sing N N 83  
GLN N   H    sing N N 84  
GLN N   H2   sing N N 85  
GLN CA  C    sing N N 86  
GLN CA  CB   sing N N 87  
GLN CA  HA   sing N N 88  
GLN C   O    doub N N 89  
GLN C   OXT  sing N N 90  
GLN CB  CG   sing N N 91  
GLN CB  HB2  sing N N 92  
GLN CB  HB3  sing N N 93  
GLN CG  CD   sing N N 94  
GLN CG  HG2  sing N N 95  
GLN CG  HG3  sing N N 96  
GLN CD  OE1  doub N N 97  
GLN CD  NE2  sing N N 98  
GLN NE2 HE21 sing N N 99  
GLN NE2 HE22 sing N N 100 
GLN OXT HXT  sing N N 101 
GLU N   CA   sing N N 102 
GLU N   H    sing N N 103 
GLU N   H2   sing N N 104 
GLU CA  C    sing N N 105 
GLU CA  CB   sing N N 106 
GLU CA  HA   sing N N 107 
GLU C   O    doub N N 108 
GLU C   OXT  sing N N 109 
GLU CB  CG   sing N N 110 
GLU CB  HB2  sing N N 111 
GLU CB  HB3  sing N N 112 
GLU CG  CD   sing N N 113 
GLU CG  HG2  sing N N 114 
GLU CG  HG3  sing N N 115 
GLU CD  OE1  doub N N 116 
GLU CD  OE2  sing N N 117 
GLU OE2 HE2  sing N N 118 
GLU OXT HXT  sing N N 119 
GLY N   CA   sing N N 120 
GLY N   H    sing N N 121 
GLY N   H2   sing N N 122 
GLY CA  C    sing N N 123 
GLY CA  HA2  sing N N 124 
GLY CA  HA3  sing N N 125 
GLY C   O    doub N N 126 
GLY C   OXT  sing N N 127 
GLY OXT HXT  sing N N 128 
HIS N   CA   sing N N 129 
HIS N   H    sing N N 130 
HIS N   H2   sing N N 131 
HIS CA  C    sing N N 132 
HIS CA  CB   sing N N 133 
HIS CA  HA   sing N N 134 
HIS C   O    doub N N 135 
HIS C   OXT  sing N N 136 
HIS CB  CG   sing N N 137 
HIS CB  HB2  sing N N 138 
HIS CB  HB3  sing N N 139 
HIS CG  ND1  sing Y N 140 
HIS CG  CD2  doub Y N 141 
HIS ND1 CE1  doub Y N 142 
HIS ND1 HD1  sing N N 143 
HIS CD2 NE2  sing Y N 144 
HIS CD2 HD2  sing N N 145 
HIS CE1 NE2  sing Y N 146 
HIS CE1 HE1  sing N N 147 
HIS NE2 HE2  sing N N 148 
HIS OXT HXT  sing N N 149 
ILE N   CA   sing N N 150 
ILE N   H    sing N N 151 
ILE N   H2   sing N N 152 
ILE CA  C    sing N N 153 
ILE CA  CB   sing N N 154 
ILE CA  HA   sing N N 155 
ILE C   O    doub N N 156 
ILE C   OXT  sing N N 157 
ILE CB  CG1  sing N N 158 
ILE CB  CG2  sing N N 159 
ILE CB  HB   sing N N 160 
ILE CG1 CD1  sing N N 161 
ILE CG1 HG12 sing N N 162 
ILE CG1 HG13 sing N N 163 
ILE CG2 HG21 sing N N 164 
ILE CG2 HG22 sing N N 165 
ILE CG2 HG23 sing N N 166 
ILE CD1 HD11 sing N N 167 
ILE CD1 HD12 sing N N 168 
ILE CD1 HD13 sing N N 169 
ILE OXT HXT  sing N N 170 
LEU N   CA   sing N N 171 
LEU N   H    sing N N 172 
LEU N   H2   sing N N 173 
LEU CA  C    sing N N 174 
LEU CA  CB   sing N N 175 
LEU CA  HA   sing N N 176 
LEU C   O    doub N N 177 
LEU C   OXT  sing N N 178 
LEU CB  CG   sing N N 179 
LEU CB  HB2  sing N N 180 
LEU CB  HB3  sing N N 181 
LEU CG  CD1  sing N N 182 
LEU CG  CD2  sing N N 183 
LEU CG  HG   sing N N 184 
LEU CD1 HD11 sing N N 185 
LEU CD1 HD12 sing N N 186 
LEU CD1 HD13 sing N N 187 
LEU CD2 HD21 sing N N 188 
LEU CD2 HD22 sing N N 189 
LEU CD2 HD23 sing N N 190 
LEU OXT HXT  sing N N 191 
LYS N   CA   sing N N 192 
LYS N   H    sing N N 193 
LYS N   H2   sing N N 194 
LYS CA  C    sing N N 195 
LYS CA  CB   sing N N 196 
LYS CA  HA   sing N N 197 
LYS C   O    doub N N 198 
LYS C   OXT  sing N N 199 
LYS CB  CG   sing N N 200 
LYS CB  HB2  sing N N 201 
LYS CB  HB3  sing N N 202 
LYS CG  CD   sing N N 203 
LYS CG  HG2  sing N N 204 
LYS CG  HG3  sing N N 205 
LYS CD  CE   sing N N 206 
LYS CD  HD2  sing N N 207 
LYS CD  HD3  sing N N 208 
LYS CE  NZ   sing N N 209 
LYS CE  HE2  sing N N 210 
LYS CE  HE3  sing N N 211 
LYS NZ  HZ1  sing N N 212 
LYS NZ  HZ2  sing N N 213 
LYS NZ  HZ3  sing N N 214 
LYS OXT HXT  sing N N 215 
MET N   CA   sing N N 216 
MET N   H    sing N N 217 
MET N   H2   sing N N 218 
MET CA  C    sing N N 219 
MET CA  CB   sing N N 220 
MET CA  HA   sing N N 221 
MET C   O    doub N N 222 
MET C   OXT  sing N N 223 
MET CB  CG   sing N N 224 
MET CB  HB2  sing N N 225 
MET CB  HB3  sing N N 226 
MET CG  SD   sing N N 227 
MET CG  HG2  sing N N 228 
MET CG  HG3  sing N N 229 
MET SD  CE   sing N N 230 
MET CE  HE1  sing N N 231 
MET CE  HE2  sing N N 232 
MET CE  HE3  sing N N 233 
MET OXT HXT  sing N N 234 
MSE N   CA   sing N N 235 
MSE N   H    sing N N 236 
MSE N   H2   sing N N 237 
MSE CA  C    sing N N 238 
MSE CA  CB   sing N N 239 
MSE CA  HA   sing N N 240 
MSE C   O    doub N N 241 
MSE C   OXT  sing N N 242 
MSE OXT HXT  sing N N 243 
MSE CB  CG   sing N N 244 
MSE CB  HB2  sing N N 245 
MSE CB  HB3  sing N N 246 
MSE CG  SE   sing N N 247 
MSE CG  HG2  sing N N 248 
MSE CG  HG3  sing N N 249 
MSE SE  CE   sing N N 250 
MSE CE  HE1  sing N N 251 
MSE CE  HE2  sing N N 252 
MSE CE  HE3  sing N N 253 
PHE N   CA   sing N N 254 
PHE N   H    sing N N 255 
PHE N   H2   sing N N 256 
PHE CA  C    sing N N 257 
PHE CA  CB   sing N N 258 
PHE CA  HA   sing N N 259 
PHE C   O    doub N N 260 
PHE C   OXT  sing N N 261 
PHE CB  CG   sing N N 262 
PHE CB  HB2  sing N N 263 
PHE CB  HB3  sing N N 264 
PHE CG  CD1  doub Y N 265 
PHE CG  CD2  sing Y N 266 
PHE CD1 CE1  sing Y N 267 
PHE CD1 HD1  sing N N 268 
PHE CD2 CE2  doub Y N 269 
PHE CD2 HD2  sing N N 270 
PHE CE1 CZ   doub Y N 271 
PHE CE1 HE1  sing N N 272 
PHE CE2 CZ   sing Y N 273 
PHE CE2 HE2  sing N N 274 
PHE CZ  HZ   sing N N 275 
PHE OXT HXT  sing N N 276 
PRO N   CA   sing N N 277 
PRO N   CD   sing N N 278 
PRO N   H    sing N N 279 
PRO CA  C    sing N N 280 
PRO CA  CB   sing N N 281 
PRO CA  HA   sing N N 282 
PRO C   O    doub N N 283 
PRO C   OXT  sing N N 284 
PRO CB  CG   sing N N 285 
PRO CB  HB2  sing N N 286 
PRO CB  HB3  sing N N 287 
PRO CG  CD   sing N N 288 
PRO CG  HG2  sing N N 289 
PRO CG  HG3  sing N N 290 
PRO CD  HD2  sing N N 291 
PRO CD  HD3  sing N N 292 
PRO OXT HXT  sing N N 293 
SER N   CA   sing N N 294 
SER N   H    sing N N 295 
SER N   H2   sing N N 296 
SER CA  C    sing N N 297 
SER CA  CB   sing N N 298 
SER CA  HA   sing N N 299 
SER C   O    doub N N 300 
SER C   OXT  sing N N 301 
SER CB  OG   sing N N 302 
SER CB  HB2  sing N N 303 
SER CB  HB3  sing N N 304 
SER OG  HG   sing N N 305 
SER OXT HXT  sing N N 306 
SO4 S   O1   doub N N 307 
SO4 S   O2   doub N N 308 
SO4 S   O3   sing N N 309 
SO4 S   O4   sing N N 310 
THR N   CA   sing N N 311 
THR N   H    sing N N 312 
THR N   H2   sing N N 313 
THR CA  C    sing N N 314 
THR CA  CB   sing N N 315 
THR CA  HA   sing N N 316 
THR C   O    doub N N 317 
THR C   OXT  sing N N 318 
THR CB  OG1  sing N N 319 
THR CB  CG2  sing N N 320 
THR CB  HB   sing N N 321 
THR OG1 HG1  sing N N 322 
THR CG2 HG21 sing N N 323 
THR CG2 HG22 sing N N 324 
THR CG2 HG23 sing N N 325 
THR OXT HXT  sing N N 326 
TRP N   CA   sing N N 327 
TRP N   H    sing N N 328 
TRP N   H2   sing N N 329 
TRP CA  C    sing N N 330 
TRP CA  CB   sing N N 331 
TRP CA  HA   sing N N 332 
TRP C   O    doub N N 333 
TRP C   OXT  sing N N 334 
TRP CB  CG   sing N N 335 
TRP CB  HB2  sing N N 336 
TRP CB  HB3  sing N N 337 
TRP CG  CD1  doub Y N 338 
TRP CG  CD2  sing Y N 339 
TRP CD1 NE1  sing Y N 340 
TRP CD1 HD1  sing N N 341 
TRP CD2 CE2  doub Y N 342 
TRP CD2 CE3  sing Y N 343 
TRP NE1 CE2  sing Y N 344 
TRP NE1 HE1  sing N N 345 
TRP CE2 CZ2  sing Y N 346 
TRP CE3 CZ3  doub Y N 347 
TRP CE3 HE3  sing N N 348 
TRP CZ2 CH2  doub Y N 349 
TRP CZ2 HZ2  sing N N 350 
TRP CZ3 CH2  sing Y N 351 
TRP CZ3 HZ3  sing N N 352 
TRP CH2 HH2  sing N N 353 
TRP OXT HXT  sing N N 354 
TYR N   CA   sing N N 355 
TYR N   H    sing N N 356 
TYR N   H2   sing N N 357 
TYR CA  C    sing N N 358 
TYR CA  CB   sing N N 359 
TYR CA  HA   sing N N 360 
TYR C   O    doub N N 361 
TYR C   OXT  sing N N 362 
TYR CB  CG   sing N N 363 
TYR CB  HB2  sing N N 364 
TYR CB  HB3  sing N N 365 
TYR CG  CD1  doub Y N 366 
TYR CG  CD2  sing Y N 367 
TYR CD1 CE1  sing Y N 368 
TYR CD1 HD1  sing N N 369 
TYR CD2 CE2  doub Y N 370 
TYR CD2 HD2  sing N N 371 
TYR CE1 CZ   doub Y N 372 
TYR CE1 HE1  sing N N 373 
TYR CE2 CZ   sing Y N 374 
TYR CE2 HE2  sing N N 375 
TYR CZ  OH   sing N N 376 
TYR OH  HH   sing N N 377 
TYR OXT HXT  sing N N 378 
VAL N   CA   sing N N 379 
VAL N   H    sing N N 380 
VAL N   H2   sing N N 381 
VAL CA  C    sing N N 382 
VAL CA  CB   sing N N 383 
VAL CA  HA   sing N N 384 
VAL C   O    doub N N 385 
VAL C   OXT  sing N N 386 
VAL CB  CG1  sing N N 387 
VAL CB  CG2  sing N N 388 
VAL CB  HB   sing N N 389 
VAL CG1 HG11 sing N N 390 
VAL CG1 HG12 sing N N 391 
VAL CG1 HG13 sing N N 392 
VAL CG2 HG21 sing N N 393 
VAL CG2 HG22 sing N N 394 
VAL CG2 HG23 sing N N 395 
VAL OXT HXT  sing N N 396 
# 
_atom_sites.entry_id                    1NHY 
_atom_sites.fract_transf_matrix[1][1]   -0.00502883 
_atom_sites.fract_transf_matrix[1][2]   -0.00146152 
_atom_sites.fract_transf_matrix[1][3]   -0.00308495 
_atom_sites.fract_transf_matrix[2][1]   0.00304577 
_atom_sites.fract_transf_matrix[2][2]   -0.00440138 
_atom_sites.fract_transf_matrix[2][3]   -0.00287979 
_atom_sites.fract_transf_matrix[3][1]   -0.00154149 
_atom_sites.fract_transf_matrix[3][2]   -0.00392860 
_atom_sites.fract_transf_matrix[3][3]   0.00437402 
_atom_sites.fract_transf_vector[1]      -0.120788 
_atom_sites.fract_transf_vector[2]      0.070751 
_atom_sites.fract_transf_vector[3]      0.239583 
# 
loop_
_atom_type.symbol 
C  
N  
O  
S  
SE 
# 
loop_
_atom_site.group_PDB 
_atom_site.id 
_atom_site.type_symbol 
_atom_site.label_atom_id 
_atom_site.label_alt_id 
_atom_site.label_comp_id 
_atom_site.label_asym_id 
_atom_site.label_entity_id 
_atom_site.label_seq_id 
_atom_site.pdbx_PDB_ins_code 
_atom_site.Cartn_x 
_atom_site.Cartn_y 
_atom_site.Cartn_z 
_atom_site.occupancy 
_atom_site.B_iso_or_equiv 
_atom_site.pdbx_formal_charge 
_atom_site.auth_seq_id 
_atom_site.auth_comp_id 
_atom_site.auth_asym_id 
_atom_site.auth_atom_id 
_atom_site.pdbx_PDB_model_num 
HETATM 1    N  N   . MSE A 1 1   ? -6.406  5.879   -24.144 1.00 111.47 ? 1   MSE A N   1 
HETATM 2    C  CA  . MSE A 1 1   ? -6.162  6.568   -22.837 1.00 111.25 ? 1   MSE A CA  1 
HETATM 3    C  C   . MSE A 1 1   ? -7.372  7.420   -22.476 1.00 107.40 ? 1   MSE A C   1 
HETATM 4    O  O   . MSE A 1 1   ? -7.265  8.361   -21.690 1.00 107.32 ? 1   MSE A O   1 
HETATM 5    C  CB  . MSE A 1 1   ? -4.924  7.476   -22.935 1.00 117.46 ? 1   MSE A CB  1 
HETATM 6    C  CG  . MSE A 1 1   ? -3.703  6.803   -23.553 1.00 125.06 ? 1   MSE A CG  1 
HETATM 7    SE SE  . MSE A 1 1   ? -3.337  5.057   -22.733 1.00 135.95 ? 1   MSE A SE  1 
HETATM 8    C  CE  . MSE A 1 1   ? -4.230  3.920   -24.052 1.00 133.03 ? 1   MSE A CE  1 
ATOM   9    N  N   . SER A 1 2   ? -8.518  7.071   -23.055 1.00 102.13 ? 2   SER A N   1 
ATOM   10   C  CA  . SER A 1 2   ? -9.766  7.800   -22.853 1.00 96.71  ? 2   SER A CA  1 
ATOM   11   C  C   . SER A 1 2   ? -10.175 8.061   -21.411 1.00 93.28  ? 2   SER A C   1 
ATOM   12   O  O   . SER A 1 2   ? -10.718 9.118   -21.090 1.00 91.73  ? 2   SER A O   1 
ATOM   13   C  CB  . SER A 1 2   ? -10.905 7.059   -23.547 1.00 97.08  ? 2   SER A CB  1 
ATOM   14   O  OG  . SER A 1 2   ? -11.169 5.823   -22.907 1.00 95.60  ? 2   SER A OG  1 
ATOM   15   N  N   . GLN A 1 3   ? -9.921  7.092   -20.545 1.00 88.99  ? 3   GLN A N   1 
ATOM   16   C  CA  . GLN A 1 3   ? -10.303 7.211   -19.150 1.00 84.51  ? 3   GLN A CA  1 
ATOM   17   C  C   . GLN A 1 3   ? -9.440  8.084   -18.258 1.00 82.54  ? 3   GLN A C   1 
ATOM   18   O  O   . GLN A 1 3   ? -9.731  8.233   -17.070 1.00 83.03  ? 3   GLN A O   1 
ATOM   19   C  CB  . GLN A 1 3   ? -10.417 5.831   -18.543 1.00 83.43  ? 3   GLN A CB  1 
ATOM   20   C  CG  . GLN A 1 3   ? -11.596 5.082   -19.074 1.00 82.56  ? 3   GLN A CG  1 
ATOM   21   C  CD  . GLN A 1 3   ? -12.073 4.046   -18.101 1.00 82.58  ? 3   GLN A CD  1 
ATOM   22   O  OE1 . GLN A 1 3   ? -11.353 3.094   -17.796 1.00 83.18  ? 3   GLN A OE1 1 
ATOM   23   N  NE2 . GLN A 1 3   ? -13.290 4.227   -17.587 1.00 82.31  ? 3   GLN A NE2 1 
ATOM   24   N  N   . GLY A 1 4   ? -8.379  8.658   -18.814 1.00 78.92  ? 4   GLY A N   1 
ATOM   25   C  CA  . GLY A 1 4   ? -7.539  9.520   -18.011 1.00 73.70  ? 4   GLY A CA  1 
ATOM   26   C  C   . GLY A 1 4   ? -6.098  9.097   -17.872 1.00 70.28  ? 4   GLY A C   1 
ATOM   27   O  O   . GLY A 1 4   ? -5.688  8.049   -18.352 1.00 70.22  ? 4   GLY A O   1 
ATOM   28   N  N   . THR A 1 5   ? -5.333  9.927   -17.184 1.00 67.47  ? 5   THR A N   1 
ATOM   29   C  CA  . THR A 1 5   ? -3.923  9.677   -16.979 1.00 65.00  ? 5   THR A CA  1 
ATOM   30   C  C   . THR A 1 5   ? -3.529  9.642   -15.506 1.00 64.48  ? 5   THR A C   1 
ATOM   31   O  O   . THR A 1 5   ? -4.001  10.436  -14.698 1.00 64.86  ? 5   THR A O   1 
ATOM   32   C  CB  . THR A 1 5   ? -3.109  10.753  -17.674 1.00 64.38  ? 5   THR A CB  1 
ATOM   33   O  OG1 . THR A 1 5   ? -3.439  10.754  -19.069 1.00 64.60  ? 5   THR A OG1 1 
ATOM   34   C  CG2 . THR A 1 5   ? -1.618  10.505  -17.492 1.00 64.45  ? 5   THR A CG2 1 
ATOM   35   N  N   . LEU A 1 6   ? -2.643  8.721   -15.160 1.00 63.11  ? 6   LEU A N   1 
ATOM   36   C  CA  . LEU A 1 6   ? -2.201  8.607   -13.790 1.00 61.55  ? 6   LEU A CA  1 
ATOM   37   C  C   . LEU A 1 6   ? -0.719  8.915   -13.657 1.00 61.89  ? 6   LEU A C   1 
ATOM   38   O  O   . LEU A 1 6   ? 0.113   8.056   -13.904 1.00 61.81  ? 6   LEU A O   1 
ATOM   39   C  CB  . LEU A 1 6   ? -2.488  7.194   -13.284 1.00 59.60  ? 6   LEU A CB  1 
ATOM   40   C  CG  . LEU A 1 6   ? -1.778  6.723   -12.005 1.00 58.35  ? 6   LEU A CG  1 
ATOM   41   C  CD1 . LEU A 1 6   ? -2.078  7.660   -10.836 1.00 57.23  ? 6   LEU A CD1 1 
ATOM   42   C  CD2 . LEU A 1 6   ? -2.221  5.297   -11.693 1.00 55.93  ? 6   LEU A CD2 1 
ATOM   43   N  N   . TYR A 1 7   ? -0.384  10.143  -13.279 1.00 63.02  ? 7   TYR A N   1 
ATOM   44   C  CA  . TYR A 1 7   ? 1.017   10.505  -13.091 1.00 63.86  ? 7   TYR A CA  1 
ATOM   45   C  C   . TYR A 1 7   ? 1.490   9.807   -11.822 1.00 64.56  ? 7   TYR A C   1 
ATOM   46   O  O   . TYR A 1 7   ? 1.037   10.117  -10.722 1.00 64.93  ? 7   TYR A O   1 
ATOM   47   C  CB  . TYR A 1 7   ? 1.177   12.011  -12.909 1.00 64.41  ? 7   TYR A CB  1 
ATOM   48   C  CG  . TYR A 1 7   ? 0.890   12.843  -14.134 1.00 64.84  ? 7   TYR A CG  1 
ATOM   49   C  CD1 . TYR A 1 7   ? 1.842   12.992  -15.137 1.00 64.12  ? 7   TYR A CD1 1 
ATOM   50   C  CD2 . TYR A 1 7   ? -0.329  13.502  -14.278 1.00 65.29  ? 7   TYR A CD2 1 
ATOM   51   C  CE1 . TYR A 1 7   ? 1.587   13.781  -16.252 1.00 65.37  ? 7   TYR A CE1 1 
ATOM   52   C  CE2 . TYR A 1 7   ? -0.592  14.290  -15.389 1.00 66.00  ? 7   TYR A CE2 1 
ATOM   53   C  CZ  . TYR A 1 7   ? 0.372   14.426  -16.374 1.00 66.16  ? 7   TYR A CZ  1 
ATOM   54   O  OH  . TYR A 1 7   ? 0.125   15.215  -17.473 1.00 67.74  ? 7   TYR A OH  1 
ATOM   55   N  N   . ALA A 1 8   ? 2.403   8.859   -11.970 1.00 66.45  ? 8   ALA A N   1 
ATOM   56   C  CA  . ALA A 1 8   ? 2.909   8.132   -10.817 1.00 67.69  ? 8   ALA A CA  1 
ATOM   57   C  C   . ALA A 1 8   ? 4.305   7.575   -11.055 1.00 68.99  ? 8   ALA A C   1 
ATOM   58   O  O   . ALA A 1 8   ? 4.564   6.920   -12.062 1.00 69.65  ? 8   ALA A O   1 
ATOM   59   C  CB  . ALA A 1 8   ? 1.962   7.006   -10.472 1.00 67.44  ? 8   ALA A CB  1 
ATOM   60   N  N   . ASN A 1 9   ? 5.205   7.855   -10.121 1.00 69.51  ? 9   ASN A N   1 
ATOM   61   C  CA  . ASN A 1 9   ? 6.567   7.365   -10.202 1.00 69.35  ? 9   ASN A CA  1 
ATOM   62   C  C   . ASN A 1 9   ? 6.545   6.013   -9.523  1.00 70.34  ? 9   ASN A C   1 
ATOM   63   O  O   . ASN A 1 9   ? 5.496   5.400   -9.393  1.00 69.86  ? 9   ASN A O   1 
ATOM   64   C  CB  . ASN A 1 9   ? 7.536   8.301   -9.465  1.00 67.66  ? 9   ASN A CB  1 
ATOM   65   C  CG  . ASN A 1 9   ? 7.367   8.268   -7.937  1.00 66.30  ? 9   ASN A CG  1 
ATOM   66   O  OD1 . ASN A 1 9   ? 6.820   7.327   -7.365  1.00 65.66  ? 9   ASN A OD1 1 
ATOM   67   N  ND2 . ASN A 1 9   ? 7.870   9.299   -7.274  1.00 65.20  ? 9   ASN A ND2 1 
ATOM   68   N  N   . PHE A 1 10  ? 7.698   5.554   -9.064  1.00 72.82  ? 10  PHE A N   1 
ATOM   69   C  CA  . PHE A 1 10  ? 7.751   4.271   -8.390  1.00 74.69  ? 10  PHE A CA  1 
ATOM   70   C  C   . PHE A 1 10  ? 8.073   4.415   -6.904  1.00 74.85  ? 10  PHE A C   1 
ATOM   71   O  O   . PHE A 1 10  ? 9.198   4.214   -6.458  1.00 73.97  ? 10  PHE A O   1 
ATOM   72   C  CB  . PHE A 1 10  ? 8.758   3.370   -9.096  1.00 76.38  ? 10  PHE A CB  1 
ATOM   73   C  CG  . PHE A 1 10  ? 8.290   2.875   -10.441 1.00 77.55  ? 10  PHE A CG  1 
ATOM   74   C  CD1 . PHE A 1 10  ? 7.797   1.580   -10.585 1.00 79.50  ? 10  PHE A CD1 1 
ATOM   75   C  CD2 . PHE A 1 10  ? 8.338   3.700   -11.565 1.00 78.87  ? 10  PHE A CD2 1 
ATOM   76   C  CE1 . PHE A 1 10  ? 7.360   1.106   -11.833 1.00 81.20  ? 10  PHE A CE1 1 
ATOM   77   C  CE2 . PHE A 1 10  ? 7.905   3.244   -12.818 1.00 79.68  ? 10  PHE A CE2 1 
ATOM   78   C  CZ  . PHE A 1 10  ? 7.416   1.943   -12.951 1.00 81.12  ? 10  PHE A CZ  1 
ATOM   79   N  N   . ARG A 1 11  ? 7.054   4.813   -6.154  1.00 75.67  ? 11  ARG A N   1 
ATOM   80   C  CA  . ARG A 1 11  ? 7.136   4.972   -4.711  1.00 75.83  ? 11  ARG A CA  1 
ATOM   81   C  C   . ARG A 1 11  ? 6.032   4.058   -4.226  1.00 75.12  ? 11  ARG A C   1 
ATOM   82   O  O   . ARG A 1 11  ? 5.029   3.873   -4.920  1.00 75.87  ? 11  ARG A O   1 
ATOM   83   C  CB  . ARG A 1 11  ? 6.836   6.415   -4.296  1.00 78.00  ? 11  ARG A CB  1 
ATOM   84   C  CG  . ARG A 1 11  ? 8.022   7.126   -3.656  1.00 81.67  ? 11  ARG A CG  1 
ATOM   85   C  CD  . ARG A 1 11  ? 7.736   8.604   -3.396  1.00 84.34  ? 11  ARG A CD  1 
ATOM   86   N  NE  . ARG A 1 11  ? 8.972   9.364   -3.194  1.00 85.43  ? 11  ARG A NE  1 
ATOM   87   C  CZ  . ARG A 1 11  ? 9.066   10.691  -3.287  1.00 85.87  ? 11  ARG A CZ  1 
ATOM   88   N  NH1 . ARG A 1 11  ? 8.000   11.436  -3.577  1.00 84.41  ? 11  ARG A NH1 1 
ATOM   89   N  NH2 . ARG A 1 11  ? 10.241  11.277  -3.107  1.00 84.91  ? 11  ARG A NH2 1 
ATOM   90   N  N   . ILE A 1 12  ? 6.211   3.476   -3.053  1.00 73.66  ? 12  ILE A N   1 
ATOM   91   C  CA  . ILE A 1 12  ? 5.205   2.575   -2.528  1.00 72.81  ? 12  ILE A CA  1 
ATOM   92   C  C   . ILE A 1 12  ? 3.763   3.081   -2.706  1.00 72.40  ? 12  ILE A C   1 
ATOM   93   O  O   . ILE A 1 12  ? 2.883   2.322   -3.146  1.00 72.20  ? 12  ILE A O   1 
ATOM   94   C  CB  . ILE A 1 12  ? 5.482   2.286   -1.048  1.00 72.87  ? 12  ILE A CB  1 
ATOM   95   C  CG1 . ILE A 1 12  ? 6.642   1.315   -0.939  1.00 74.24  ? 12  ILE A CG1 1 
ATOM   96   C  CG2 . ILE A 1 12  ? 4.277   1.640   -0.391  1.00 74.10  ? 12  ILE A CG2 1 
ATOM   97   C  CD1 . ILE A 1 12  ? 6.304   -0.062  -1.474  1.00 74.91  ? 12  ILE A CD1 1 
ATOM   98   N  N   . ARG A 1 13  ? 3.517   4.355   -2.387  1.00 71.27  ? 13  ARG A N   1 
ATOM   99   C  CA  . ARG A 1 13  ? 2.169   4.913   -2.510  1.00 69.77  ? 13  ARG A CA  1 
ATOM   100  C  C   . ARG A 1 13  ? 1.627   4.864   -3.939  1.00 67.63  ? 13  ARG A C   1 
ATOM   101  O  O   . ARG A 1 13  ? 0.447   5.105   -4.178  1.00 66.81  ? 13  ARG A O   1 
ATOM   102  C  CB  . ARG A 1 13  ? 2.135   6.355   -1.992  1.00 71.54  ? 13  ARG A CB  1 
ATOM   103  C  CG  . ARG A 1 13  ? 2.945   7.325   -2.802  1.00 76.16  ? 13  ARG A CG  1 
ATOM   104  C  CD  . ARG A 1 13  ? 2.956   8.706   -2.172  1.00 78.96  ? 13  ARG A CD  1 
ATOM   105  N  NE  . ARG A 1 13  ? 4.064   9.491   -2.718  1.00 84.51  ? 13  ARG A NE  1 
ATOM   106  C  CZ  . ARG A 1 13  ? 4.368   10.741  -2.365  1.00 87.19  ? 13  ARG A CZ  1 
ATOM   107  N  NH1 . ARG A 1 13  ? 3.641   11.378  -1.447  1.00 88.07  ? 13  ARG A NH1 1 
ATOM   108  N  NH2 . ARG A 1 13  ? 5.399   11.359  -2.935  1.00 88.29  ? 13  ARG A NH2 1 
ATOM   109  N  N   . THR A 1 14  ? 2.489   4.529   -4.889  1.00 65.59  ? 14  THR A N   1 
ATOM   110  C  CA  . THR A 1 14  ? 2.081   4.456   -6.276  1.00 64.04  ? 14  THR A CA  1 
ATOM   111  C  C   . THR A 1 14  ? 1.810   3.038   -6.733  1.00 62.43  ? 14  THR A C   1 
ATOM   112  O  O   . THR A 1 14  ? 1.128   2.809   -7.723  1.00 62.79  ? 14  THR A O   1 
ATOM   113  C  CB  . THR A 1 14  ? 3.152   5.036   -7.169  1.00 63.95  ? 14  THR A CB  1 
ATOM   114  O  OG1 . THR A 1 14  ? 3.135   6.460   -7.050  1.00 65.50  ? 14  THR A OG1 1 
ATOM   115  C  CG2 . THR A 1 14  ? 2.913   4.637   -8.604  1.00 65.02  ? 14  THR A CG2 1 
ATOM   116  N  N   . TRP A 1 15  ? 2.342   2.081   -6.002  1.00 60.61  ? 15  TRP A N   1 
ATOM   117  C  CA  . TRP A 1 15  ? 2.176   0.699   -6.383  1.00 58.48  ? 15  TRP A CA  1 
ATOM   118  C  C   . TRP A 1 15  ? 0.738   0.268   -6.640  1.00 56.49  ? 15  TRP A C   1 
ATOM   119  O  O   . TRP A 1 15  ? 0.404   -0.135  -7.757  1.00 56.43  ? 15  TRP A O   1 
ATOM   120  C  CB  . TRP A 1 15  ? 2.833   -0.190  -5.331  1.00 60.01  ? 15  TRP A CB  1 
ATOM   121  C  CG  . TRP A 1 15  ? 4.339   -0.056  -5.290  1.00 62.43  ? 15  TRP A CG  1 
ATOM   122  C  CD1 . TRP A 1 15  ? 5.100   0.979   -5.779  1.00 62.98  ? 15  TRP A CD1 1 
ATOM   123  C  CD2 . TRP A 1 15  ? 5.256   -0.969  -4.691  1.00 64.30  ? 15  TRP A CD2 1 
ATOM   124  N  NE1 . TRP A 1 15  ? 6.430   0.760   -5.516  1.00 63.70  ? 15  TRP A NE1 1 
ATOM   125  C  CE2 . TRP A 1 15  ? 6.553   -0.428  -4.849  1.00 64.43  ? 15  TRP A CE2 1 
ATOM   126  C  CE3 . TRP A 1 15  ? 5.109   -2.197  -4.029  1.00 66.01  ? 15  TRP A CE3 1 
ATOM   127  C  CZ2 . TRP A 1 15  ? 7.689   -1.072  -4.370  1.00 65.37  ? 15  TRP A CZ2 1 
ATOM   128  C  CZ3 . TRP A 1 15  ? 6.242   -2.838  -3.548  1.00 66.00  ? 15  TRP A CZ3 1 
ATOM   129  C  CH2 . TRP A 1 15  ? 7.514   -2.276  -3.723  1.00 66.22  ? 15  TRP A CH2 1 
ATOM   130  N  N   . VAL A 1 16  ? -0.124  0.356   -5.631  1.00 53.84  ? 16  VAL A N   1 
ATOM   131  C  CA  . VAL A 1 16  ? -1.509  -0.066  -5.833  1.00 50.47  ? 16  VAL A CA  1 
ATOM   132  C  C   . VAL A 1 16  ? -2.195  0.634   -7.000  1.00 48.94  ? 16  VAL A C   1 
ATOM   133  O  O   . VAL A 1 16  ? -2.770  -0.026  -7.853  1.00 49.31  ? 16  VAL A O   1 
ATOM   134  C  CB  . VAL A 1 16  ? -2.353  0.104   -4.557  1.00 48.60  ? 16  VAL A CB  1 
ATOM   135  C  CG1 . VAL A 1 16  ? -3.819  -0.181  -4.862  1.00 47.24  ? 16  VAL A CG1 1 
ATOM   136  C  CG2 . VAL A 1 16  ? -1.854  -0.853  -3.486  1.00 47.17  ? 16  VAL A CG2 1 
ATOM   137  N  N   . PRO A 1 17  ? -2.158  1.971   -7.054  1.00 47.37  ? 17  PRO A N   1 
ATOM   138  C  CA  . PRO A 1 17  ? -2.818  2.631   -8.182  1.00 46.80  ? 17  PRO A CA  1 
ATOM   139  C  C   . PRO A 1 17  ? -2.354  2.042   -9.495  1.00 48.63  ? 17  PRO A C   1 
ATOM   140  O  O   . PRO A 1 17  ? -3.171  1.703   -10.357 1.00 49.26  ? 17  PRO A O   1 
ATOM   141  C  CB  . PRO A 1 17  ? -2.381  4.070   -8.033  1.00 46.72  ? 17  PRO A CB  1 
ATOM   142  C  CG  . PRO A 1 17  ? -2.317  4.222   -6.534  1.00 47.48  ? 17  PRO A CG  1 
ATOM   143  C  CD  . PRO A 1 17  ? -1.644  2.955   -6.086  1.00 47.65  ? 17  PRO A CD  1 
ATOM   144  N  N   . ARG A 1 18  ? -1.035  1.904   -9.643  1.00 51.10  ? 18  ARG A N   1 
ATOM   145  C  CA  . ARG A 1 18  ? -0.471  1.358   -10.870 1.00 51.67  ? 18  ARG A CA  1 
ATOM   146  C  C   . ARG A 1 18  ? -0.985  -0.056  -11.111 1.00 51.18  ? 18  ARG A C   1 
ATOM   147  O  O   . ARG A 1 18  ? -1.425  -0.381  -12.222 1.00 50.54  ? 18  ARG A O   1 
ATOM   148  C  CB  . ARG A 1 18  ? 1.055   1.364   -10.816 1.00 54.06  ? 18  ARG A CB  1 
ATOM   149  C  CG  . ARG A 1 18  ? 1.677   0.908   -12.129 1.00 59.34  ? 18  ARG A CG  1 
ATOM   150  C  CD  . ARG A 1 18  ? 3.184   1.033   -12.119 1.00 59.39  ? 18  ARG A CD  1 
ATOM   151  N  NE  . ARG A 1 18  ? 3.599   2.418   -12.265 1.00 58.64  ? 18  ARG A NE  1 
ATOM   152  C  CZ  . ARG A 1 18  ? 4.239   3.108   -11.332 1.00 58.14  ? 18  ARG A CZ  1 
ATOM   153  N  NH1 . ARG A 1 18  ? 4.545   2.532   -10.167 1.00 56.33  ? 18  ARG A NH1 1 
ATOM   154  N  NH2 . ARG A 1 18  ? 4.572   4.377   -11.577 1.00 59.13  ? 18  ARG A NH2 1 
ATOM   155  N  N   . GLY A 1 19  ? -0.933  -0.889  -10.070 1.00 51.39  ? 19  GLY A N   1 
ATOM   156  C  CA  . GLY A 1 19  ? -1.425  -2.251  -10.196 1.00 52.09  ? 19  GLY A CA  1 
ATOM   157  C  C   . GLY A 1 19  ? -2.904  -2.300  -10.562 1.00 53.36  ? 19  GLY A C   1 
ATOM   158  O  O   . GLY A 1 19  ? -3.334  -3.133  -11.358 1.00 54.25  ? 19  GLY A O   1 
ATOM   159  N  N   . LEU A 1 20  ? -3.682  -1.394  -9.981  1.00 53.37  ? 20  LEU A N   1 
ATOM   160  C  CA  . LEU A 1 20  ? -5.114  -1.324  -10.226 1.00 52.10  ? 20  LEU A CA  1 
ATOM   161  C  C   . LEU A 1 20  ? -5.396  -1.082  -11.676 1.00 53.31  ? 20  LEU A C   1 
ATOM   162  O  O   . LEU A 1 20  ? -6.305  -1.679  -12.250 1.00 54.76  ? 20  LEU A O   1 
ATOM   163  C  CB  . LEU A 1 20  ? -5.747  -0.198  -9.409  1.00 50.49  ? 20  LEU A CB  1 
ATOM   164  C  CG  . LEU A 1 20  ? -5.966  -0.470  -7.919  1.00 48.48  ? 20  LEU A CG  1 
ATOM   165  C  CD1 . LEU A 1 20  ? -6.433  0.803   -7.234  1.00 46.96  ? 20  LEU A CD1 1 
ATOM   166  C  CD2 . LEU A 1 20  ? -6.984  -1.586  -7.749  1.00 46.77  ? 20  LEU A CD2 1 
ATOM   167  N  N   . VAL A 1 21  ? -4.629  -0.186  -12.273 1.00 53.68  ? 21  VAL A N   1 
ATOM   168  C  CA  . VAL A 1 21  ? -4.847  0.097   -13.674 1.00 54.71  ? 21  VAL A CA  1 
ATOM   169  C  C   . VAL A 1 21  ? -4.606  -1.161  -14.483 1.00 56.56  ? 21  VAL A C   1 
ATOM   170  O  O   . VAL A 1 21  ? -5.448  -1.568  -15.278 1.00 57.21  ? 21  VAL A O   1 
ATOM   171  C  CB  . VAL A 1 21  ? -3.927  1.195   -14.144 1.00 53.25  ? 21  VAL A CB  1 
ATOM   172  C  CG1 . VAL A 1 21  ? -4.276  1.598   -15.562 1.00 50.49  ? 21  VAL A CG1 1 
ATOM   173  C  CG2 . VAL A 1 21  ? -4.050  2.368   -13.188 1.00 53.33  ? 21  VAL A CG2 1 
ATOM   174  N  N   . LYS A 1 22  ? -3.459  -1.794  -14.263 1.00 58.75  ? 22  LYS A N   1 
ATOM   175  C  CA  . LYS A 1 22  ? -3.142  -3.017  -14.991 1.00 60.56  ? 22  LYS A CA  1 
ATOM   176  C  C   . LYS A 1 22  ? -4.225  -4.063  -14.748 1.00 58.77  ? 22  LYS A C   1 
ATOM   177  O  O   . LYS A 1 22  ? -4.995  -4.391  -15.658 1.00 58.67  ? 22  LYS A O   1 
ATOM   178  C  CB  . LYS A 1 22  ? -1.774  -3.560  -14.555 1.00 63.93  ? 22  LYS A CB  1 
ATOM   179  C  CG  . LYS A 1 22  ? -0.689  -2.478  -14.551 1.00 70.64  ? 22  LYS A CG  1 
ATOM   180  C  CD  . LYS A 1 22  ? 0.668   -2.991  -14.061 1.00 74.92  ? 22  LYS A CD  1 
ATOM   181  C  CE  . LYS A 1 22  ? 1.449   -3.672  -15.186 1.00 77.47  ? 22  LYS A CE  1 
ATOM   182  N  NZ  . LYS A 1 22  ? 0.689   -4.802  -15.809 1.00 79.48  ? 22  LYS A NZ  1 
ATOM   183  N  N   . ALA A 1 23  ? -4.292  -4.561  -13.514 1.00 56.43  ? 23  ALA A N   1 
ATOM   184  C  CA  . ALA A 1 23  ? -5.262  -5.586  -13.141 1.00 55.84  ? 23  ALA A CA  1 
ATOM   185  C  C   . ALA A 1 23  ? -6.715  -5.317  -13.531 1.00 56.34  ? 23  ALA A C   1 
ATOM   186  O  O   . ALA A 1 23  ? -7.407  -6.221  -13.994 1.00 56.10  ? 23  ALA A O   1 
ATOM   187  C  CB  . ALA A 1 23  ? -5.177  -5.853  -11.656 1.00 54.75  ? 23  ALA A CB  1 
ATOM   188  N  N   . LEU A 1 24  ? -7.196  -4.092  -13.342 1.00 57.68  ? 24  LEU A N   1 
ATOM   189  C  CA  . LEU A 1 24  ? -8.573  -3.804  -13.710 1.00 57.66  ? 24  LEU A CA  1 
ATOM   190  C  C   . LEU A 1 24  ? -8.671  -3.483  -15.189 1.00 58.62  ? 24  LEU A C   1 
ATOM   191  O  O   . LEU A 1 24  ? -9.762  -3.291  -15.726 1.00 59.48  ? 24  LEU A O   1 
ATOM   192  C  CB  . LEU A 1 24  ? -9.119  -2.648  -12.884 1.00 56.32  ? 24  LEU A CB  1 
ATOM   193  C  CG  . LEU A 1 24  ? -9.326  -2.943  -11.396 1.00 55.88  ? 24  LEU A CG  1 
ATOM   194  C  CD1 . LEU A 1 24  ? -10.094 -1.774  -10.813 1.00 56.53  ? 24  LEU A CD1 1 
ATOM   195  C  CD2 . LEU A 1 24  ? -10.093 -4.248  -11.175 1.00 53.43  ? 24  LEU A CD2 1 
ATOM   196  N  N   . LYS A 1 25  ? -7.518  -3.454  -15.850 1.00 58.30  ? 25  LYS A N   1 
ATOM   197  C  CA  . LYS A 1 25  ? -7.448  -3.150  -17.268 1.00 58.46  ? 25  LYS A CA  1 
ATOM   198  C  C   . LYS A 1 25  ? -8.083  -1.794  -17.551 1.00 58.22  ? 25  LYS A C   1 
ATOM   199  O  O   . LYS A 1 25  ? -8.747  -1.607  -18.570 1.00 57.66  ? 25  LYS A O   1 
ATOM   200  C  CB  . LYS A 1 25  ? -8.154  -4.231  -18.091 1.00 59.13  ? 25  LYS A CB  1 
ATOM   201  C  CG  . LYS A 1 25  ? -7.418  -5.564  -18.178 1.00 61.38  ? 25  LYS A CG  1 
ATOM   202  C  CD  . LYS A 1 25  ? -7.666  -6.203  -19.548 1.00 64.04  ? 25  LYS A CD  1 
ATOM   203  C  CE  . LYS A 1 25  ? -7.048  -7.603  -19.699 1.00 65.76  ? 25  LYS A CE  1 
ATOM   204  N  NZ  . LYS A 1 25  ? -7.175  -8.123  -21.120 1.00 66.96  ? 25  LYS A NZ  1 
ATOM   205  N  N   . LEU A 1 26  ? -7.892  -0.852  -16.636 1.00 58.88  ? 26  LEU A N   1 
ATOM   206  C  CA  . LEU A 1 26  ? -8.447  0.475   -16.818 1.00 59.41  ? 26  LEU A CA  1 
ATOM   207  C  C   . LEU A 1 26  ? -7.777  1.118   -18.025 1.00 60.33  ? 26  LEU A C   1 
ATOM   208  O  O   . LEU A 1 26  ? -6.592  0.894   -18.283 1.00 60.13  ? 26  LEU A O   1 
ATOM   209  C  CB  . LEU A 1 26  ? -8.210  1.321   -15.567 1.00 58.51  ? 26  LEU A CB  1 
ATOM   210  C  CG  . LEU A 1 26  ? -8.971  0.822   -14.343 1.00 58.70  ? 26  LEU A CG  1 
ATOM   211  C  CD1 . LEU A 1 26  ? -8.562  1.622   -13.114 1.00 59.27  ? 26  LEU A CD1 1 
ATOM   212  C  CD2 . LEU A 1 26  ? -10.463 0.955   -14.597 1.00 58.15  ? 26  LEU A CD2 1 
ATOM   213  N  N   . ASP A 1 27  ? -8.542  1.906   -18.767 1.00 61.09  ? 27  ASP A N   1 
ATOM   214  C  CA  . ASP A 1 27  ? -8.019  2.578   -19.937 1.00 62.52  ? 27  ASP A CA  1 
ATOM   215  C  C   . ASP A 1 27  ? -7.318  3.857   -19.503 1.00 61.68  ? 27  ASP A C   1 
ATOM   216  O  O   . ASP A 1 27  ? -7.463  4.921   -20.114 1.00 62.27  ? 27  ASP A O   1 
ATOM   217  C  CB  . ASP A 1 27  ? -9.157  2.926   -20.869 1.00 67.27  ? 27  ASP A CB  1 
ATOM   218  C  CG  . ASP A 1 27  ? -8.679  3.245   -22.270 1.00 72.66  ? 27  ASP A CG  1 
ATOM   219  O  OD1 . ASP A 1 27  ? -7.581  3.851   -22.427 1.00 74.89  ? 27  ASP A OD1 1 
ATOM   220  O  OD2 . ASP A 1 27  ? -9.419  2.890   -23.217 1.00 75.69  ? 27  ASP A OD2 1 
ATOM   221  N  N   . VAL A 1 28  ? -6.547  3.740   -18.438 1.00 59.96  ? 28  VAL A N   1 
ATOM   222  C  CA  . VAL A 1 28  ? -5.846  4.880   -17.893 1.00 58.29  ? 28  VAL A CA  1 
ATOM   223  C  C   . VAL A 1 28  ? -4.363  4.830   -18.230 1.00 58.29  ? 28  VAL A C   1 
ATOM   224  O  O   . VAL A 1 28  ? -3.718  3.789   -18.084 1.00 59.10  ? 28  VAL A O   1 
ATOM   225  C  CB  . VAL A 1 28  ? -6.034  4.919   -16.371 1.00 56.88  ? 28  VAL A CB  1 
ATOM   226  C  CG1 . VAL A 1 28  ? -5.347  6.131   -15.786 1.00 57.34  ? 28  VAL A CG1 1 
ATOM   227  C  CG2 . VAL A 1 28  ? -7.518  4.911   -16.058 1.00 56.97  ? 28  VAL A CG2 1 
ATOM   228  N  N   . LYS A 1 29  ? -3.834  5.963   -18.685 1.00 57.66  ? 29  LYS A N   1 
ATOM   229  C  CA  . LYS A 1 29  ? -2.426  6.098   -19.034 1.00 56.64  ? 29  LYS A CA  1 
ATOM   230  C  C   . LYS A 1 29  ? -1.578  6.288   -17.795 1.00 55.23  ? 29  LYS A C   1 
ATOM   231  O  O   . LYS A 1 29  ? -1.846  7.177   -16.990 1.00 55.90  ? 29  LYS A O   1 
ATOM   232  C  CB  . LYS A 1 29  ? -2.240  7.315   -19.925 1.00 60.61  ? 29  LYS A CB  1 
ATOM   233  C  CG  . LYS A 1 29  ? -0.785  7.761   -20.087 1.00 62.10  ? 29  LYS A CG  1 
ATOM   234  C  CD  . LYS A 1 29  ? -0.712  8.990   -20.994 1.00 64.04  ? 29  LYS A CD  1 
ATOM   235  C  CE  . LYS A 1 29  ? 0.722   9.309   -21.398 1.00 66.18  ? 29  LYS A CE  1 
ATOM   236  N  NZ  . LYS A 1 29  ? 0.836   10.611  -22.141 1.00 69.51  ? 29  LYS A NZ  1 
ATOM   237  N  N   . VAL A 1 30  ? -0.553  5.468   -17.630 1.00 52.84  ? 30  VAL A N   1 
ATOM   238  C  CA  . VAL A 1 30  ? 0.299   5.627   -16.467 1.00 51.27  ? 30  VAL A CA  1 
ATOM   239  C  C   . VAL A 1 30  ? 1.584   6.245   -16.968 1.00 51.99  ? 30  VAL A C   1 
ATOM   240  O  O   . VAL A 1 30  ? 2.122   5.833   -17.979 1.00 53.25  ? 30  VAL A O   1 
ATOM   241  C  CB  . VAL A 1 30  ? 0.561   4.286   -15.774 1.00 49.79  ? 30  VAL A CB  1 
ATOM   242  C  CG1 . VAL A 1 30  ? 1.308   4.504   -14.463 1.00 50.63  ? 30  VAL A CG1 1 
ATOM   243  C  CG2 . VAL A 1 30  ? -0.759  3.595   -15.502 1.00 50.03  ? 30  VAL A CG2 1 
ATOM   244  N  N   . VAL A 1 31  ? 2.065   7.265   -16.277 1.00 53.52  ? 31  VAL A N   1 
ATOM   245  C  CA  . VAL A 1 31  ? 3.269   7.952   -16.711 1.00 54.91  ? 31  VAL A CA  1 
ATOM   246  C  C   . VAL A 1 31  ? 4.020   8.402   -15.498 1.00 57.30  ? 31  VAL A C   1 
ATOM   247  O  O   . VAL A 1 31  ? 3.450   8.531   -14.416 1.00 56.88  ? 31  VAL A O   1 
ATOM   248  C  CB  . VAL A 1 31  ? 2.922   9.216   -17.513 1.00 54.58  ? 31  VAL A CB  1 
ATOM   249  C  CG1 . VAL A 1 31  ? 4.143   9.740   -18.222 1.00 53.05  ? 31  VAL A CG1 1 
ATOM   250  C  CG2 . VAL A 1 31  ? 1.811   8.910   -18.486 1.00 57.57  ? 31  VAL A CG2 1 
ATOM   251  N  N   . THR A 1 32  ? 5.304   8.645   -15.667 1.00 59.85  ? 32  THR A N   1 
ATOM   252  C  CA  . THR A 1 32  ? 6.084   9.113   -14.546 1.00 61.59  ? 32  THR A CA  1 
ATOM   253  C  C   . THR A 1 32  ? 6.404   10.569  -14.829 1.00 62.71  ? 32  THR A C   1 
ATOM   254  O  O   . THR A 1 32  ? 6.532   10.963  -15.988 1.00 61.53  ? 32  THR A O   1 
ATOM   255  C  CB  . THR A 1 32  ? 7.360   8.270   -14.385 1.00 62.17  ? 32  THR A CB  1 
ATOM   256  O  OG1 . THR A 1 32  ? 8.332   8.996   -13.628 1.00 63.43  ? 32  THR A OG1 1 
ATOM   257  C  CG2 . THR A 1 32  ? 7.929   7.902   -15.747 1.00 63.78  ? 32  THR A CG2 1 
ATOM   258  N  N   . PRO A 1 33  ? 6.502   11.398  -13.780 1.00 65.18  ? 33  PRO A N   1 
ATOM   259  C  CA  . PRO A 1 33  ? 6.809   12.813  -14.007 1.00 67.80  ? 33  PRO A CA  1 
ATOM   260  C  C   . PRO A 1 33  ? 7.942   13.027  -15.018 1.00 71.02  ? 33  PRO A C   1 
ATOM   261  O  O   . PRO A 1 33  ? 7.836   13.872  -15.923 1.00 71.14  ? 33  PRO A O   1 
ATOM   262  C  CB  . PRO A 1 33  ? 7.185   13.300  -12.617 1.00 67.37  ? 33  PRO A CB  1 
ATOM   263  C  CG  . PRO A 1 33  ? 6.294   12.496  -11.743 1.00 65.82  ? 33  PRO A CG  1 
ATOM   264  C  CD  . PRO A 1 33  ? 6.400   11.112  -12.336 1.00 65.35  ? 33  PRO A CD  1 
ATOM   265  N  N   . ASP A 1 34  ? 9.017   12.254  -14.844 1.00 73.59  ? 34  ASP A N   1 
ATOM   266  C  CA  . ASP A 1 34  ? 10.199  12.315  -15.710 1.00 74.64  ? 34  ASP A CA  1 
ATOM   267  C  C   . ASP A 1 34  ? 9.855   12.005  -17.157 1.00 74.40  ? 34  ASP A C   1 
ATOM   268  O  O   . ASP A 1 34  ? 10.493  12.520  -18.069 1.00 74.80  ? 34  ASP A O   1 
ATOM   269  C  CB  . ASP A 1 34  ? 11.270  11.326  -15.221 1.00 76.87  ? 34  ASP A CB  1 
ATOM   270  C  CG  . ASP A 1 34  ? 11.733  11.621  -13.791 1.00 79.44  ? 34  ASP A CG  1 
ATOM   271  O  OD1 . ASP A 1 34  ? 10.846  11.727  -12.905 1.00 80.03  ? 34  ASP A OD1 1 
ATOM   272  O  OD2 . ASP A 1 34  ? 12.968  11.740  -13.545 1.00 79.27  ? 34  ASP A OD2 1 
ATOM   273  N  N   . ALA A 1 35  ? 8.848   11.165  -17.369 1.00 73.97  ? 35  ALA A N   1 
ATOM   274  C  CA  . ALA A 1 35  ? 8.438   10.806  -18.719 1.00 75.16  ? 35  ALA A CA  1 
ATOM   275  C  C   . ALA A 1 35  ? 7.700   11.954  -19.409 1.00 76.11  ? 35  ALA A C   1 
ATOM   276  O  O   . ALA A 1 35  ? 7.601   11.995  -20.641 1.00 75.98  ? 35  ALA A O   1 
ATOM   277  C  CB  . ALA A 1 35  ? 7.550   9.558   -18.680 1.00 76.49  ? 35  ALA A CB  1 
ATOM   278  N  N   . ALA A 1 36  ? 7.177   12.885  -18.616 1.00 76.58  ? 36  ALA A N   1 
ATOM   279  C  CA  . ALA A 1 36  ? 6.451   14.014  -19.177 1.00 77.71  ? 36  ALA A CA  1 
ATOM   280  C  C   . ALA A 1 36  ? 6.123   15.041  -18.104 1.00 78.49  ? 36  ALA A C   1 
ATOM   281  O  O   . ALA A 1 36  ? 4.979   15.142  -17.662 1.00 77.79  ? 36  ALA A O   1 
ATOM   282  C  CB  . ALA A 1 36  ? 5.173   13.525  -19.846 1.00 76.85  ? 36  ALA A CB  1 
ATOM   283  N  N   . ALA A 1 37  ? 7.128   15.812  -17.699 1.00 79.49  ? 37  ALA A N   1 
ATOM   284  C  CA  . ALA A 1 37  ? 6.950   16.832  -16.667 1.00 80.26  ? 37  ALA A CA  1 
ATOM   285  C  C   . ALA A 1 37  ? 6.352   18.133  -17.200 1.00 81.43  ? 37  ALA A C   1 
ATOM   286  O  O   . ALA A 1 37  ? 5.840   18.952  -16.430 1.00 81.05  ? 37  ALA A O   1 
ATOM   287  C  CB  . ALA A 1 37  ? 8.266   17.121  -15.982 1.00 78.70  ? 37  ALA A CB  1 
ATOM   288  N  N   . GLU A 1 38  ? 6.422   18.332  -18.511 1.00 84.13  ? 38  GLU A N   1 
ATOM   289  C  CA  . GLU A 1 38  ? 5.856   19.542  -19.101 1.00 87.12  ? 38  GLU A CA  1 
ATOM   290  C  C   . GLU A 1 38  ? 4.335   19.499  -18.899 1.00 86.78  ? 38  GLU A C   1 
ATOM   291  O  O   . GLU A 1 38  ? 3.670   20.534  -18.859 1.00 86.70  ? 38  GLU A O   1 
ATOM   292  C  CB  . GLU A 1 38  ? 6.185   19.603  -20.589 1.00 90.43  ? 38  GLU A CB  1 
ATOM   293  C  CG  . GLU A 1 38  ? 7.633   19.270  -20.910 1.00 94.93  ? 38  GLU A CG  1 
ATOM   294  C  CD  . GLU A 1 38  ? 7.801   18.839  -22.359 1.00 98.43  ? 38  GLU A CD  1 
ATOM   295  O  OE1 . GLU A 1 38  ? 7.598   19.692  -23.263 1.00 99.54  ? 38  GLU A OE1 1 
ATOM   296  O  OE2 . GLU A 1 38  ? 8.121   17.644  -22.590 1.00 99.87  ? 38  GLU A OE2 1 
ATOM   297  N  N   . GLN A 1 39  ? 3.791   18.291  -18.766 1.00 86.46  ? 39  GLN A N   1 
ATOM   298  C  CA  . GLN A 1 39  ? 2.363   18.118  -18.553 1.00 84.74  ? 39  GLN A CA  1 
ATOM   299  C  C   . GLN A 1 39  ? 2.055   17.931  -17.078 1.00 83.03  ? 39  GLN A C   1 
ATOM   300  O  O   . GLN A 1 39  ? 1.042   18.390  -16.588 1.00 82.41  ? 39  GLN A O   1 
ATOM   301  C  CB  . GLN A 1 39  ? 1.858   16.913  -19.343 1.00 84.96  ? 39  GLN A CB  1 
ATOM   302  C  CG  . GLN A 1 39  ? 0.996   17.289  -20.532 1.00 85.84  ? 39  GLN A CG  1 
ATOM   303  C  CD  . GLN A 1 39  ? -0.289  18.007  -20.131 1.00 86.19  ? 39  GLN A CD  1 
ATOM   304  O  OE1 . GLN A 1 39  ? -0.987  18.573  -20.974 1.00 87.26  ? 39  GLN A OE1 1 
ATOM   305  N  NE2 . GLN A 1 39  ? -0.612  17.976  -18.842 1.00 85.38  ? 39  GLN A NE2 1 
ATOM   306  N  N   . PHE A 1 40  ? 2.940   17.249  -16.371 1.00 81.58  ? 40  PHE A N   1 
ATOM   307  C  CA  . PHE A 1 40  ? 2.730   17.005  -14.959 1.00 81.47  ? 40  PHE A CA  1 
ATOM   308  C  C   . PHE A 1 40  ? 2.635   18.310  -14.181 1.00 82.51  ? 40  PHE A C   1 
ATOM   309  O  O   . PHE A 1 40  ? 1.798   18.454  -13.287 1.00 82.52  ? 40  PHE A O   1 
ATOM   310  C  CB  . PHE A 1 40  ? 3.871   16.159  -14.412 1.00 79.92  ? 40  PHE A CB  1 
ATOM   311  C  CG  . PHE A 1 40  ? 3.762   15.873  -12.954 1.00 78.68  ? 40  PHE A CG  1 
ATOM   312  C  CD1 . PHE A 1 40  ? 2.698   15.135  -12.456 1.00 78.88  ? 40  PHE A CD1 1 
ATOM   313  C  CD2 . PHE A 1 40  ? 4.741   16.306  -12.078 1.00 78.16  ? 40  PHE A CD2 1 
ATOM   314  C  CE1 . PHE A 1 40  ? 2.623   14.831  -11.101 1.00 78.07  ? 40  PHE A CE1 1 
ATOM   315  C  CE2 . PHE A 1 40  ? 4.673   16.009  -10.728 1.00 77.40  ? 40  PHE A CE2 1 
ATOM   316  C  CZ  . PHE A 1 40  ? 3.617   15.271  -10.239 1.00 77.38  ? 40  PHE A CZ  1 
ATOM   317  N  N   . ALA A 1 41  ? 3.494   19.264  -14.519 1.00 84.05  ? 41  ALA A N   1 
ATOM   318  C  CA  . ALA A 1 41  ? 3.497   20.549  -13.830 1.00 84.60  ? 41  ALA A CA  1 
ATOM   319  C  C   . ALA A 1 41  ? 2.225   21.320  -14.169 1.00 85.04  ? 41  ALA A C   1 
ATOM   320  O  O   . ALA A 1 41  ? 1.575   21.879  -13.287 1.00 85.21  ? 41  ALA A O   1 
ATOM   321  C  CB  . ALA A 1 41  ? 4.727   21.351  -14.227 1.00 84.89  ? 41  ALA A CB  1 
ATOM   322  N  N   . ARG A 1 42  ? 1.870   21.343  -15.449 1.00 85.32  ? 42  ARG A N   1 
ATOM   323  C  CA  . ARG A 1 42  ? 0.667   22.042  -15.882 1.00 85.35  ? 42  ARG A CA  1 
ATOM   324  C  C   . ARG A 1 42  ? -0.596  21.498  -15.196 1.00 84.26  ? 42  ARG A C   1 
ATOM   325  O  O   . ARG A 1 42  ? -1.509  22.256  -14.889 1.00 85.16  ? 42  ARG A O   1 
ATOM   326  C  CB  . ARG A 1 42  ? 0.517   21.945  -17.414 1.00 88.11  ? 42  ARG A CB  1 
ATOM   327  C  CG  . ARG A 1 42  ? -0.905  22.189  -17.917 1.00 91.56  ? 42  ARG A CG  1 
ATOM   328  C  CD  . ARG A 1 42  ? -1.042  22.118  -19.437 1.00 94.97  ? 42  ARG A CD  1 
ATOM   329  N  NE  . ARG A 1 42  ? -2.459  22.136  -19.821 1.00 98.26  ? 42  ARG A NE  1 
ATOM   330  C  CZ  . ARG A 1 42  ? -2.920  22.316  -21.059 1.00 99.43  ? 42  ARG A CZ  1 
ATOM   331  N  NH1 . ARG A 1 42  ? -2.075  22.503  -22.068 1.00 100.28 ? 42  ARG A NH1 1 
ATOM   332  N  NH2 . ARG A 1 42  ? -4.230  22.305  -21.292 1.00 99.19  ? 42  ARG A NH2 1 
ATOM   333  N  N   . ASP A 1 43  ? -0.640  20.189  -14.949 1.00 82.07  ? 43  ASP A N   1 
ATOM   334  C  CA  . ASP A 1 43  ? -1.796  19.554  -14.329 1.00 78.91  ? 43  ASP A CA  1 
ATOM   335  C  C   . ASP A 1 43  ? -1.733  19.542  -12.815 1.00 77.52  ? 43  ASP A C   1 
ATOM   336  O  O   . ASP A 1 43  ? -2.766  19.582  -12.147 1.00 77.64  ? 43  ASP A O   1 
ATOM   337  C  CB  . ASP A 1 43  ? -1.937  18.118  -14.832 1.00 78.88  ? 43  ASP A CB  1 
ATOM   338  C  CG  . ASP A 1 43  ? -2.159  18.046  -16.321 1.00 79.52  ? 43  ASP A CG  1 
ATOM   339  O  OD1 . ASP A 1 43  ? -2.162  19.112  -16.959 1.00 80.99  ? 43  ASP A OD1 1 
ATOM   340  O  OD2 . ASP A 1 43  ? -2.331  16.932  -16.857 1.00 78.58  ? 43  ASP A OD2 1 
ATOM   341  N  N   . PHE A 1 44  ? -0.523  19.478  -12.272 1.00 74.91  ? 44  PHE A N   1 
ATOM   342  C  CA  . PHE A 1 44  ? -0.361  19.442  -10.827 1.00 74.14  ? 44  PHE A CA  1 
ATOM   343  C  C   . PHE A 1 44  ? 0.779   20.321  -10.362 1.00 74.14  ? 44  PHE A C   1 
ATOM   344  O  O   . PHE A 1 44  ? 1.828   19.837  -9.950  1.00 74.04  ? 44  PHE A O   1 
ATOM   345  C  CB  . PHE A 1 44  ? -0.142  17.998  -10.366 1.00 72.97  ? 44  PHE A CB  1 
ATOM   346  C  CG  . PHE A 1 44  ? -1.305  17.100  -10.649 1.00 70.80  ? 44  PHE A CG  1 
ATOM   347  C  CD1 . PHE A 1 44  ? -2.242  16.826  -9.664  1.00 70.94  ? 44  PHE A CD1 1 
ATOM   348  C  CD2 . PHE A 1 44  ? -1.504  16.585  -11.927 1.00 70.87  ? 44  PHE A CD2 1 
ATOM   349  C  CE1 . PHE A 1 44  ? -3.359  16.050  -9.945  1.00 71.24  ? 44  PHE A CE1 1 
ATOM   350  C  CE2 . PHE A 1 44  ? -2.614  15.812  -12.220 1.00 69.82  ? 44  PHE A CE2 1 
ATOM   351  C  CZ  . PHE A 1 44  ? -3.546  15.545  -11.232 1.00 71.20  ? 44  PHE A CZ  1 
ATOM   352  N  N   . PRO A 1 45  ? 0.583   21.641  -10.426 1.00 74.15  ? 45  PRO A N   1 
ATOM   353  C  CA  . PRO A 1 45  ? 1.592   22.618  -10.008 1.00 73.64  ? 45  PRO A CA  1 
ATOM   354  C  C   . PRO A 1 45  ? 2.259   22.278  -8.676  1.00 72.92  ? 45  PRO A C   1 
ATOM   355  O  O   . PRO A 1 45  ? 3.348   22.757  -8.384  1.00 73.14  ? 45  PRO A O   1 
ATOM   356  C  CB  . PRO A 1 45  ? 0.794   23.917  -9.958  1.00 73.91  ? 45  PRO A CB  1 
ATOM   357  C  CG  . PRO A 1 45  ? -0.132  23.752  -11.145 1.00 73.45  ? 45  PRO A CG  1 
ATOM   358  C  CD  . PRO A 1 45  ? -0.613  22.317  -10.966 1.00 73.32  ? 45  PRO A CD  1 
ATOM   359  N  N   . LEU A 1 46  ? 1.612   21.454  -7.865  1.00 71.59  ? 46  LEU A N   1 
ATOM   360  C  CA  . LEU A 1 46  ? 2.207   21.066  -6.597  1.00 71.27  ? 46  LEU A CA  1 
ATOM   361  C  C   . LEU A 1 46  ? 3.165   19.901  -6.834  1.00 70.88  ? 46  LEU A C   1 
ATOM   362  O  O   . LEU A 1 46  ? 3.758   19.370  -5.888  1.00 68.74  ? 46  LEU A O   1 
ATOM   363  C  CB  . LEU A 1 46  ? 1.129   20.623  -5.628  1.00 73.11  ? 46  LEU A CB  1 
ATOM   364  C  CG  . LEU A 1 46  ? -0.027  21.599  -5.454  1.00 74.37  ? 46  LEU A CG  1 
ATOM   365  C  CD1 . LEU A 1 46  ? -1.191  20.885  -4.747  1.00 75.78  ? 46  LEU A CD1 1 
ATOM   366  C  CD2 . LEU A 1 46  ? 0.445   22.811  -4.668  1.00 75.41  ? 46  LEU A CD2 1 
ATOM   367  N  N   . LYS A 1 47  ? 3.291   19.507  -8.103  1.00 71.02  ? 47  LYS A N   1 
ATOM   368  C  CA  . LYS A 1 47  ? 4.165   18.405  -8.520  1.00 72.25  ? 47  LYS A CA  1 
ATOM   369  C  C   . LYS A 1 47  ? 4.224   17.265  -7.492  1.00 73.34  ? 47  LYS A C   1 
ATOM   370  O  O   . LYS A 1 47  ? 5.308   16.790  -7.147  1.00 74.39  ? 47  LYS A O   1 
ATOM   371  C  CB  . LYS A 1 47  ? 5.582   18.923  -8.775  1.00 71.71  ? 47  LYS A CB  1 
ATOM   372  C  CG  . LYS A 1 47  ? 5.678   19.986  -9.842  1.00 72.35  ? 47  LYS A CG  1 
ATOM   373  C  CD  . LYS A 1 47  ? 7.111   20.458  -10.015 1.00 73.64  ? 47  LYS A CD  1 
ATOM   374  C  CE  . LYS A 1 47  ? 7.190   21.507  -11.120 1.00 76.34  ? 47  LYS A CE  1 
ATOM   375  N  NZ  . LYS A 1 47  ? 8.591   21.845  -11.554 1.00 78.24  ? 47  LYS A NZ  1 
ATOM   376  N  N   . LYS A 1 48  ? 3.062   16.830  -7.009  1.00 73.59  ? 48  LYS A N   1 
ATOM   377  C  CA  . LYS A 1 48  ? 2.980   15.756  -6.028  1.00 72.84  ? 48  LYS A CA  1 
ATOM   378  C  C   . LYS A 1 48  ? 2.398   14.498  -6.685  1.00 71.38  ? 48  LYS A C   1 
ATOM   379  O  O   . LYS A 1 48  ? 1.673   14.577  -7.677  1.00 71.99  ? 48  LYS A O   1 
ATOM   380  C  CB  . LYS A 1 48  ? 2.106   16.215  -4.859  1.00 76.37  ? 48  LYS A CB  1 
ATOM   381  C  CG  . LYS A 1 48  ? 1.705   15.102  -3.900  1.00 80.92  ? 48  LYS A CG  1 
ATOM   382  C  CD  . LYS A 1 48  ? 0.252   15.267  -3.398  1.00 82.73  ? 48  LYS A CD  1 
ATOM   383  C  CE  . LYS A 1 48  ? -0.268  13.988  -2.717  1.00 85.46  ? 48  LYS A CE  1 
ATOM   384  N  NZ  . LYS A 1 48  ? 0.639   13.512  -1.614  1.00 86.28  ? 48  LYS A NZ  1 
ATOM   385  N  N   . VAL A 1 49  ? 2.703   13.335  -6.123  1.00 69.28  ? 49  VAL A N   1 
ATOM   386  C  CA  . VAL A 1 49  ? 2.226   12.084  -6.685  1.00 67.36  ? 49  VAL A CA  1 
ATOM   387  C  C   . VAL A 1 49  ? 1.694   11.161  -5.574  1.00 66.51  ? 49  VAL A C   1 
ATOM   388  O  O   . VAL A 1 49  ? 2.142   11.261  -4.433  1.00 66.63  ? 49  VAL A O   1 
ATOM   389  C  CB  . VAL A 1 49  ? 3.391   11.438  -7.467  1.00 66.44  ? 49  VAL A CB  1 
ATOM   390  C  CG1 . VAL A 1 49  ? 3.591   10.009  -7.057  1.00 67.77  ? 49  VAL A CG1 1 
ATOM   391  C  CG2 . VAL A 1 49  ? 3.128   11.564  -8.956  1.00 65.81  ? 49  VAL A CG2 1 
ATOM   392  N  N   . PRO A 1 50  ? 0.708   10.279  -5.874  1.00 64.81  ? 50  PRO A N   1 
ATOM   393  C  CA  . PRO A 1 50  ? -0.004  9.997   -7.123  1.00 62.78  ? 50  PRO A CA  1 
ATOM   394  C  C   . PRO A 1 50  ? -0.904  11.156  -7.546  1.00 61.80  ? 50  PRO A C   1 
ATOM   395  O  O   . PRO A 1 50  ? -1.479  11.873  -6.715  1.00 61.89  ? 50  PRO A O   1 
ATOM   396  C  CB  . PRO A 1 50  ? -0.816  8.750   -6.781  1.00 62.62  ? 50  PRO A CB  1 
ATOM   397  C  CG  . PRO A 1 50  ? -0.021  8.110   -5.723  1.00 62.83  ? 50  PRO A CG  1 
ATOM   398  C  CD  . PRO A 1 50  ? 0.349   9.270   -4.868  1.00 64.02  ? 50  PRO A CD  1 
ATOM   399  N  N   . ALA A 1 51  ? -1.034  11.306  -8.855  1.00 59.87  ? 51  ALA A N   1 
ATOM   400  C  CA  . ALA A 1 51  ? -1.827  12.359  -9.448  1.00 57.34  ? 51  ALA A CA  1 
ATOM   401  C  C   . ALA A 1 51  ? -2.652  11.769  -10.588 1.00 57.59  ? 51  ALA A C   1 
ATOM   402  O  O   . ALA A 1 51  ? -2.118  11.136  -11.498 1.00 58.74  ? 51  ALA A O   1 
ATOM   403  C  CB  . ALA A 1 51  ? -0.905  13.427  -9.975  1.00 54.60  ? 51  ALA A CB  1 
ATOM   404  N  N   . PHE A 1 52  ? -3.958  11.966  -10.545 1.00 57.97  ? 52  PHE A N   1 
ATOM   405  C  CA  . PHE A 1 52  ? -4.797  11.454  -11.614 1.00 57.06  ? 52  PHE A CA  1 
ATOM   406  C  C   . PHE A 1 52  ? -5.526  12.567  -12.363 1.00 58.33  ? 52  PHE A C   1 
ATOM   407  O  O   . PHE A 1 52  ? -5.883  13.588  -11.777 1.00 57.49  ? 52  PHE A O   1 
ATOM   408  C  CB  . PHE A 1 52  ? -5.831  10.491  -11.073 1.00 53.62  ? 52  PHE A CB  1 
ATOM   409  C  CG  . PHE A 1 52  ? -6.729  9.946   -12.139 1.00 51.75  ? 52  PHE A CG  1 
ATOM   410  C  CD1 . PHE A 1 52  ? -6.304  8.910   -12.956 1.00 51.59  ? 52  PHE A CD1 1 
ATOM   411  C  CD2 . PHE A 1 52  ? -7.989  10.494  -12.354 1.00 50.45  ? 52  PHE A CD2 1 
ATOM   412  C  CE1 . PHE A 1 52  ? -7.120  8.432   -13.973 1.00 49.70  ? 52  PHE A CE1 1 
ATOM   413  C  CE2 . PHE A 1 52  ? -8.810  10.021  -13.368 1.00 48.87  ? 52  PHE A CE2 1 
ATOM   414  C  CZ  . PHE A 1 52  ? -8.374  8.988   -14.177 1.00 49.23  ? 52  PHE A CZ  1 
ATOM   415  N  N   . VAL A 1 53  ? -5.755  12.356  -13.655 1.00 60.07  ? 53  VAL A N   1 
ATOM   416  C  CA  . VAL A 1 53  ? -6.448  13.335  -14.478 1.00 62.87  ? 53  VAL A CA  1 
ATOM   417  C  C   . VAL A 1 53  ? -7.390  12.618  -15.404 1.00 66.42  ? 53  VAL A C   1 
ATOM   418  O  O   . VAL A 1 53  ? -6.962  11.850  -16.260 1.00 66.91  ? 53  VAL A O   1 
ATOM   419  C  CB  . VAL A 1 53  ? -5.511  14.118  -15.377 1.00 61.49  ? 53  VAL A CB  1 
ATOM   420  C  CG1 . VAL A 1 53  ? -6.288  15.192  -16.087 1.00 59.95  ? 53  VAL A CG1 1 
ATOM   421  C  CG2 . VAL A 1 53  ? -4.389  14.703  -14.583 1.00 61.54  ? 53  VAL A CG2 1 
ATOM   422  N  N   . GLY A 1 54  ? -8.677  12.874  -15.247 1.00 70.34  ? 54  GLY A N   1 
ATOM   423  C  CA  . GLY A 1 54  ? -9.639  12.232  -16.117 1.00 75.15  ? 54  GLY A CA  1 
ATOM   424  C  C   . GLY A 1 54  ? -10.159 13.243  -17.113 1.00 78.10  ? 54  GLY A C   1 
ATOM   425  O  O   . GLY A 1 54  ? -9.718  14.393  -17.110 1.00 79.44  ? 54  GLY A O   1 
ATOM   426  N  N   . PRO A 1 55  ? -11.087 12.840  -17.991 1.00 79.88  ? 55  PRO A N   1 
ATOM   427  C  CA  . PRO A 1 55  ? -11.666 13.732  -18.992 1.00 80.38  ? 55  PRO A CA  1 
ATOM   428  C  C   . PRO A 1 55  ? -12.381 14.877  -18.280 1.00 80.75  ? 55  PRO A C   1 
ATOM   429  O  O   . PRO A 1 55  ? -12.591 14.832  -17.052 1.00 80.75  ? 55  PRO A O   1 
ATOM   430  C  CB  . PRO A 1 55  ? -12.647 12.830  -19.735 1.00 81.70  ? 55  PRO A CB  1 
ATOM   431  C  CG  . PRO A 1 55  ? -12.035 11.477  -19.592 1.00 81.92  ? 55  PRO A CG  1 
ATOM   432  C  CD  . PRO A 1 55  ? -11.591 11.468  -18.158 1.00 80.74  ? 55  PRO A CD  1 
ATOM   433  N  N   . LYS A 1 56  ? -12.769 15.885  -19.061 1.00 79.22  ? 56  LYS A N   1 
ATOM   434  C  CA  . LYS A 1 56  ? -13.450 17.062  -18.537 1.00 77.73  ? 56  LYS A CA  1 
ATOM   435  C  C   . LYS A 1 56  ? -12.500 17.796  -17.592 1.00 76.08  ? 56  LYS A C   1 
ATOM   436  O  O   . LYS A 1 56  ? -12.904 18.728  -16.897 1.00 77.44  ? 56  LYS A O   1 
ATOM   437  C  CB  . LYS A 1 56  ? -14.725 16.672  -17.778 1.00 80.03  ? 56  LYS A CB  1 
ATOM   438  C  CG  . LYS A 1 56  ? -15.799 15.961  -18.606 1.00 82.85  ? 56  LYS A CG  1 
ATOM   439  C  CD  . LYS A 1 56  ? -16.531 16.911  -19.545 1.00 85.94  ? 56  LYS A CD  1 
ATOM   440  C  CE  . LYS A 1 56  ? -17.626 16.185  -20.332 1.00 86.92  ? 56  LYS A CE  1 
ATOM   441  N  NZ  . LYS A 1 56  ? -18.315 17.090  -21.314 1.00 87.51  ? 56  LYS A NZ  1 
ATOM   442  N  N   . GLY A 1 57  ? -11.241 17.370  -17.558 1.00 72.87  ? 57  GLY A N   1 
ATOM   443  C  CA  . GLY A 1 57  ? -10.266 18.027  -16.706 1.00 69.46  ? 57  GLY A CA  1 
ATOM   444  C  C   . GLY A 1 57  ? -10.374 17.767  -15.210 1.00 67.72  ? 57  GLY A C   1 
ATOM   445  O  O   . GLY A 1 57  ? -9.970  18.601  -14.402 1.00 65.85  ? 57  GLY A O   1 
ATOM   446  N  N   . TYR A 1 58  ? -10.915 16.613  -14.832 1.00 66.62  ? 58  TYR A N   1 
ATOM   447  C  CA  . TYR A 1 58  ? -11.046 16.275  -13.423 1.00 65.51  ? 58  TYR A CA  1 
ATOM   448  C  C   . TYR A 1 58  ? -9.677  15.973  -12.853 1.00 64.68  ? 58  TYR A C   1 
ATOM   449  O  O   . TYR A 1 58  ? -8.890  15.246  -13.464 1.00 66.00  ? 58  TYR A O   1 
ATOM   450  C  CB  . TYR A 1 58  ? -11.925 15.041  -13.257 1.00 66.63  ? 58  TYR A CB  1 
ATOM   451  C  CG  . TYR A 1 58  ? -12.016 14.547  -11.834 1.00 66.67  ? 58  TYR A CG  1 
ATOM   452  C  CD1 . TYR A 1 58  ? -12.539 15.353  -10.839 1.00 66.83  ? 58  TYR A CD1 1 
ATOM   453  C  CD2 . TYR A 1 58  ? -11.614 13.256  -11.491 1.00 67.44  ? 58  TYR A CD2 1 
ATOM   454  C  CE1 . TYR A 1 58  ? -12.674 14.898  -9.540  1.00 67.65  ? 58  TYR A CE1 1 
ATOM   455  C  CE2 . TYR A 1 58  ? -11.743 12.786  -10.187 1.00 67.71  ? 58  TYR A CE2 1 
ATOM   456  C  CZ  . TYR A 1 58  ? -12.281 13.619  -9.218  1.00 68.21  ? 58  TYR A CZ  1 
ATOM   457  O  OH  . TYR A 1 58  ? -12.446 13.178  -7.928  1.00 69.23  ? 58  TYR A OH  1 
ATOM   458  N  N   . LYS A 1 59  ? -9.380  16.519  -11.687 1.00 63.06  ? 59  LYS A N   1 
ATOM   459  C  CA  . LYS A 1 59  ? -8.089  16.240  -11.085 1.00 61.53  ? 59  LYS A CA  1 
ATOM   460  C  C   . LYS A 1 59  ? -8.296  15.647  -9.708  1.00 60.51  ? 59  LYS A C   1 
ATOM   461  O  O   . LYS A 1 59  ? -9.308  15.886  -9.056  1.00 61.72  ? 59  LYS A O   1 
ATOM   462  C  CB  . LYS A 1 59  ? -7.228  17.509  -11.064 1.00 61.10  ? 59  LYS A CB  1 
ATOM   463  C  CG  . LYS A 1 59  ? -6.825  17.917  -12.482 1.00 62.47  ? 59  LYS A CG  1 
ATOM   464  C  CD  . LYS A 1 59  ? -6.136  19.257  -12.551 1.00 64.19  ? 59  LYS A CD  1 
ATOM   465  C  CE  . LYS A 1 59  ? -5.824  19.593  -14.006 1.00 65.13  ? 59  LYS A CE  1 
ATOM   466  N  NZ  . LYS A 1 59  ? -5.152  20.923  -14.168 1.00 65.91  ? 59  LYS A NZ  1 
ATOM   467  N  N   . LEU A 1 60  ? -7.342  14.842  -9.278  1.00 59.08  ? 60  LEU A N   1 
ATOM   468  C  CA  . LEU A 1 60  ? -7.462  14.184  -7.997  1.00 57.00  ? 60  LEU A CA  1 
ATOM   469  C  C   . LEU A 1 60  ? -6.071  13.750  -7.556  1.00 56.82  ? 60  LEU A C   1 
ATOM   470  O  O   . LEU A 1 60  ? -5.209  13.452  -8.389  1.00 55.42  ? 60  LEU A O   1 
ATOM   471  C  CB  . LEU A 1 60  ? -8.392  12.971  -8.153  1.00 55.94  ? 60  LEU A CB  1 
ATOM   472  C  CG  . LEU A 1 60  ? -8.478  12.018  -6.966  1.00 56.19  ? 60  LEU A CG  1 
ATOM   473  C  CD1 . LEU A 1 60  ? -8.958  12.801  -5.761  1.00 56.11  ? 60  LEU A CD1 1 
ATOM   474  C  CD2 . LEU A 1 60  ? -9.397  10.840  -7.271  1.00 55.15  ? 60  LEU A CD2 1 
ATOM   475  N  N   . THR A 1 61  ? -5.869  13.737  -6.243  1.00 56.01  ? 61  THR A N   1 
ATOM   476  C  CA  . THR A 1 61  ? -4.607  13.348  -5.638  1.00 55.11  ? 61  THR A CA  1 
ATOM   477  C  C   . THR A 1 61  ? -4.858  12.547  -4.364  1.00 56.22  ? 61  THR A C   1 
ATOM   478  O  O   . THR A 1 61  ? -6.002  12.293  -3.978  1.00 55.71  ? 61  THR A O   1 
ATOM   479  C  CB  . THR A 1 61  ? -3.761  14.569  -5.277  1.00 54.38  ? 61  THR A CB  1 
ATOM   480  O  OG1 . THR A 1 61  ? -4.525  15.450  -4.449  1.00 53.97  ? 61  THR A OG1 1 
ATOM   481  C  CG2 . THR A 1 61  ? -3.330  15.301  -6.536  1.00 52.93  ? 61  THR A CG2 1 
ATOM   482  N  N   . GLU A 1 62  ? -3.768  12.183  -3.697  1.00 57.29  ? 62  GLU A N   1 
ATOM   483  C  CA  . GLU A 1 62  ? -3.813  11.362  -2.488  1.00 57.16  ? 62  GLU A CA  1 
ATOM   484  C  C   . GLU A 1 62  ? -4.135  9.953   -2.949  1.00 56.94  ? 62  GLU A C   1 
ATOM   485  O  O   . GLU A 1 62  ? -5.179  9.697   -3.554  1.00 55.04  ? 62  GLU A O   1 
ATOM   486  C  CB  . GLU A 1 62  ? -4.862  11.857  -1.502  1.00 56.70  ? 62  GLU A CB  1 
ATOM   487  C  CG  . GLU A 1 62  ? -4.691  13.309  -1.083  1.00 60.91  ? 62  GLU A CG  1 
ATOM   488  C  CD  . GLU A 1 62  ? -3.285  13.670  -0.594  1.00 63.13  ? 62  GLU A CD  1 
ATOM   489  O  OE1 . GLU A 1 62  ? -2.759  12.968  0.304   1.00 62.66  ? 62  GLU A OE1 1 
ATOM   490  O  OE2 . GLU A 1 62  ? -2.725  14.673  -1.109  1.00 63.17  ? 62  GLU A OE2 1 
ATOM   491  N  N   . ALA A 1 63  ? -3.194  9.054   -2.688  1.00 59.10  ? 63  ALA A N   1 
ATOM   492  C  CA  . ALA A 1 63  ? -3.311  7.672   -3.097  1.00 60.45  ? 63  ALA A CA  1 
ATOM   493  C  C   . ALA A 1 63  ? -4.700  7.135   -2.851  1.00 61.65  ? 63  ALA A C   1 
ATOM   494  O  O   . ALA A 1 63  ? -5.428  6.855   -3.805  1.00 63.08  ? 63  ALA A O   1 
ATOM   495  C  CB  . ALA A 1 63  ? -2.276  6.833   -2.376  1.00 59.39  ? 63  ALA A CB  1 
HETATM 496  N  N   . MSE A 1 64  ? -5.077  7.012   -1.583  1.00 62.63  ? 64  MSE A N   1 
HETATM 497  C  CA  . MSE A 1 64  ? -6.392  6.488   -1.242  1.00 64.67  ? 64  MSE A CA  1 
HETATM 498  C  C   . MSE A 1 64  ? -7.472  6.946   -2.194  1.00 62.00  ? 64  MSE A C   1 
HETATM 499  O  O   . MSE A 1 64  ? -8.198  6.130   -2.757  1.00 63.21  ? 64  MSE A O   1 
HETATM 500  C  CB  . MSE A 1 64  ? -6.780  6.886   0.173   1.00 72.14  ? 64  MSE A CB  1 
HETATM 501  C  CG  . MSE A 1 64  ? -6.034  6.110   1.220   1.00 83.38  ? 64  MSE A CG  1 
HETATM 502  SE SE  . MSE A 1 64  ? -6.194  4.188   0.922   1.00 102.03 ? 64  MSE A SE  1 
HETATM 503  C  CE  . MSE A 1 64  ? -8.051  4.108   0.340   1.00 94.18  ? 64  MSE A CE  1 
ATOM   504  N  N   . ALA A 1 65  ? -7.582  8.249   -2.384  1.00 58.37  ? 65  ALA A N   1 
ATOM   505  C  CA  . ALA A 1 65  ? -8.589  8.764   -3.282  1.00 55.48  ? 65  ALA A CA  1 
ATOM   506  C  C   . ALA A 1 65  ? -8.456  8.138   -4.664  1.00 54.84  ? 65  ALA A C   1 
ATOM   507  O  O   . ALA A 1 65  ? -9.411  7.566   -5.177  1.00 54.52  ? 65  ALA A O   1 
ATOM   508  C  CB  . ALA A 1 65  ? -8.476  10.266  -3.376  1.00 56.95  ? 65  ALA A CB  1 
ATOM   509  N  N   . ILE A 1 66  ? -7.274  8.235   -5.268  1.00 54.16  ? 66  ILE A N   1 
ATOM   510  C  CA  . ILE A 1 66  ? -7.085  7.665   -6.593  1.00 53.42  ? 66  ILE A CA  1 
ATOM   511  C  C   . ILE A 1 66  ? -7.418  6.176   -6.637  1.00 52.52  ? 66  ILE A C   1 
ATOM   512  O  O   . ILE A 1 66  ? -8.098  5.711   -7.562  1.00 52.28  ? 66  ILE A O   1 
ATOM   513  C  CB  . ILE A 1 66  ? -5.665  7.910   -7.087  1.00 52.29  ? 66  ILE A CB  1 
ATOM   514  C  CG1 . ILE A 1 66  ? -5.444  9.416   -7.185  1.00 52.03  ? 66  ILE A CG1 1 
ATOM   515  C  CG2 . ILE A 1 66  ? -5.473  7.273   -8.452  1.00 51.72  ? 66  ILE A CG2 1 
ATOM   516  C  CD1 . ILE A 1 66  ? -4.027  9.824   -7.122  1.00 54.86  ? 66  ILE A CD1 1 
ATOM   517  N  N   . ASN A 1 67  ? -6.958  5.434   -5.634  1.00 50.53  ? 67  ASN A N   1 
ATOM   518  C  CA  . ASN A 1 67  ? -7.231  4.006   -5.577  1.00 50.67  ? 67  ASN A CA  1 
ATOM   519  C  C   . ASN A 1 67  ? -8.709  3.738   -5.690  1.00 50.77  ? 67  ASN A C   1 
ATOM   520  O  O   . ASN A 1 67  ? -9.144  2.946   -6.518  1.00 52.39  ? 67  ASN A O   1 
ATOM   521  C  CB  . ASN A 1 67  ? -6.708  3.419   -4.278  1.00 51.61  ? 67  ASN A CB  1 
ATOM   522  C  CG  . ASN A 1 67  ? -5.221  3.177   -4.319  1.00 55.09  ? 67  ASN A CG  1 
ATOM   523  O  OD1 . ASN A 1 67  ? -4.570  3.069   -3.282  1.00 57.54  ? 67  ASN A OD1 1 
ATOM   524  N  ND2 . ASN A 1 67  ? -4.672  3.079   -5.522  1.00 55.80  ? 67  ASN A ND2 1 
ATOM   525  N  N   . TYR A 1 68  ? -9.486  4.407   -4.853  1.00 50.53  ? 68  TYR A N   1 
ATOM   526  C  CA  . TYR A 1 68  ? -10.940 4.246   -4.850  1.00 48.71  ? 68  TYR A CA  1 
ATOM   527  C  C   . TYR A 1 68  ? -11.535 4.644   -6.194  1.00 48.04  ? 68  TYR A C   1 
ATOM   528  O  O   . TYR A 1 68  ? -12.371 3.933   -6.757  1.00 46.69  ? 68  TYR A O   1 
ATOM   529  C  CB  . TYR A 1 68  ? -11.552 5.110   -3.752  1.00 48.70  ? 68  TYR A CB  1 
ATOM   530  C  CG  . TYR A 1 68  ? -13.064 5.141   -3.766  1.00 49.87  ? 68  TYR A CG  1 
ATOM   531  C  CD1 . TYR A 1 68  ? -13.817 4.109   -3.202  1.00 49.06  ? 68  TYR A CD1 1 
ATOM   532  C  CD2 . TYR A 1 68  ? -13.748 6.206   -4.358  1.00 49.62  ? 68  TYR A CD2 1 
ATOM   533  C  CE1 . TYR A 1 68  ? -15.205 4.138   -3.226  1.00 49.30  ? 68  TYR A CE1 1 
ATOM   534  C  CE2 . TYR A 1 68  ? -15.136 6.244   -4.390  1.00 49.76  ? 68  TYR A CE2 1 
ATOM   535  C  CZ  . TYR A 1 68  ? -15.855 5.209   -3.819  1.00 51.41  ? 68  TYR A CZ  1 
ATOM   536  O  OH  . TYR A 1 68  ? -17.229 5.256   -3.834  1.00 53.81  ? 68  TYR A OH  1 
ATOM   537  N  N   . TYR A 1 69  ? -11.103 5.796   -6.697  1.00 47.97  ? 69  TYR A N   1 
ATOM   538  C  CA  . TYR A 1 69  ? -11.588 6.276   -7.972  1.00 48.78  ? 69  TYR A CA  1 
ATOM   539  C  C   . TYR A 1 69  ? -11.327 5.214   -9.042  1.00 48.93  ? 69  TYR A C   1 
ATOM   540  O  O   . TYR A 1 69  ? -12.247 4.766   -9.733  1.00 49.76  ? 69  TYR A O   1 
ATOM   541  C  CB  . TYR A 1 69  ? -10.873 7.564   -8.357  1.00 49.02  ? 69  TYR A CB  1 
ATOM   542  C  CG  . TYR A 1 69  ? -11.512 8.252   -9.539  1.00 51.02  ? 69  TYR A CG  1 
ATOM   543  C  CD1 . TYR A 1 69  ? -12.543 9.168   -9.350  1.00 52.45  ? 69  TYR A CD1 1 
ATOM   544  C  CD2 . TYR A 1 69  ? -11.079 7.998   -10.848 1.00 52.83  ? 69  TYR A CD2 1 
ATOM   545  C  CE1 . TYR A 1 69  ? -13.130 9.826   -10.425 1.00 54.47  ? 69  TYR A CE1 1 
ATOM   546  C  CE2 . TYR A 1 69  ? -11.654 8.647   -11.930 1.00 54.65  ? 69  TYR A CE2 1 
ATOM   547  C  CZ  . TYR A 1 69  ? -12.676 9.568   -11.708 1.00 56.18  ? 69  TYR A CZ  1 
ATOM   548  O  OH  . TYR A 1 69  ? -13.221 10.268  -12.759 1.00 56.58  ? 69  TYR A OH  1 
ATOM   549  N  N   . LEU A 1 70  ? -10.065 4.816   -9.178  1.00 48.25  ? 70  LEU A N   1 
ATOM   550  C  CA  . LEU A 1 70  ? -9.734  3.813   -10.174 1.00 47.69  ? 70  LEU A CA  1 
ATOM   551  C  C   . LEU A 1 70  ? -10.615 2.586   -10.020 1.00 47.41  ? 70  LEU A C   1 
ATOM   552  O  O   . LEU A 1 70  ? -11.218 2.117   -10.987 1.00 46.60  ? 70  LEU A O   1 
ATOM   553  C  CB  . LEU A 1 70  ? -8.278  3.395   -10.061 1.00 46.67  ? 70  LEU A CB  1 
ATOM   554  C  CG  . LEU A 1 70  ? -7.315  4.531   -10.322 1.00 46.82  ? 70  LEU A CG  1 
ATOM   555  C  CD1 . LEU A 1 70  ? -5.968  4.082   -9.817  1.00 46.58  ? 70  LEU A CD1 1 
ATOM   556  C  CD2 . LEU A 1 70  ? -7.278  4.898   -11.799 1.00 45.50  ? 70  LEU A CD2 1 
ATOM   557  N  N   . VAL A 1 71  ? -10.705 2.052   -8.814  1.00 46.14  ? 71  VAL A N   1 
ATOM   558  C  CA  . VAL A 1 71  ? -11.525 0.862   -8.660  1.00 46.54  ? 71  VAL A CA  1 
ATOM   559  C  C   . VAL A 1 71  ? -12.920 1.049   -9.222  1.00 47.98  ? 71  VAL A C   1 
ATOM   560  O  O   . VAL A 1 71  ? -13.429 0.182   -9.922  1.00 48.87  ? 71  VAL A O   1 
ATOM   561  C  CB  . VAL A 1 71  ? -11.687 0.429   -7.207  1.00 45.32  ? 71  VAL A CB  1 
ATOM   562  C  CG1 . VAL A 1 71  ? -12.666 -0.723  -7.139  1.00 43.15  ? 71  VAL A CG1 1 
ATOM   563  C  CG2 . VAL A 1 71  ? -10.345 0.011   -6.640  1.00 44.99  ? 71  VAL A CG2 1 
ATOM   564  N  N   . LYS A 1 72  ? -13.541 2.185   -8.915  1.00 48.87  ? 72  LYS A N   1 
ATOM   565  C  CA  . LYS A 1 72  ? -14.891 2.455   -9.396  1.00 49.03  ? 72  LYS A CA  1 
ATOM   566  C  C   . LYS A 1 72  ? -14.986 2.615   -10.910 1.00 50.11  ? 72  LYS A C   1 
ATOM   567  O  O   . LYS A 1 72  ? -16.045 2.396   -11.476 1.00 51.04  ? 72  LYS A O   1 
ATOM   568  C  CB  . LYS A 1 72  ? -15.449 3.707   -8.717  1.00 47.27  ? 72  LYS A CB  1 
ATOM   569  C  CG  . LYS A 1 72  ? -15.708 3.557   -7.220  1.00 46.81  ? 72  LYS A CG  1 
ATOM   570  C  CD  . LYS A 1 72  ? -16.836 2.590   -6.935  1.00 45.43  ? 72  LYS A CD  1 
ATOM   571  C  CE  . LYS A 1 72  ? -17.217 2.637   -5.475  1.00 46.93  ? 72  LYS A CE  1 
ATOM   572  N  NZ  . LYS A 1 72  ? -18.270 1.628   -5.162  1.00 50.45  ? 72  LYS A NZ  1 
ATOM   573  N  N   . LEU A 1 73  ? -13.894 3.013   -11.560 1.00 52.65  ? 73  LEU A N   1 
ATOM   574  C  CA  . LEU A 1 73  ? -13.888 3.179   -13.015 1.00 55.98  ? 73  LEU A CA  1 
ATOM   575  C  C   . LEU A 1 73  ? -14.078 1.847   -13.703 1.00 58.72  ? 73  LEU A C   1 
ATOM   576  O  O   . LEU A 1 73  ? -14.544 1.770   -14.842 1.00 59.79  ? 73  LEU A O   1 
ATOM   577  C  CB  . LEU A 1 73  ? -12.564 3.737   -13.491 1.00 56.84  ? 73  LEU A CB  1 
ATOM   578  C  CG  . LEU A 1 73  ? -12.439 5.235   -13.502 1.00 58.77  ? 73  LEU A CG  1 
ATOM   579  C  CD1 . LEU A 1 73  ? -11.012 5.571   -13.840 1.00 62.31  ? 73  LEU A CD1 1 
ATOM   580  C  CD2 . LEU A 1 73  ? -13.388 5.824   -14.519 1.00 60.53  ? 73  LEU A CD2 1 
ATOM   581  N  N   . SER A 1 74  ? -13.668 0.794   -13.013 1.00 61.06  ? 74  SER A N   1 
ATOM   582  C  CA  . SER A 1 74  ? -13.793 -0.539  -13.549 1.00 63.37  ? 74  SER A CA  1 
ATOM   583  C  C   . SER A 1 74  ? -15.244 -0.856  -13.845 1.00 66.33  ? 74  SER A C   1 
ATOM   584  O  O   . SER A 1 74  ? -16.159 -0.341  -13.202 1.00 65.56  ? 74  SER A O   1 
ATOM   585  C  CB  . SER A 1 74  ? -13.238 -1.552  -12.554 1.00 62.94  ? 74  SER A CB  1 
ATOM   586  O  OG  . SER A 1 74  ? -13.817 -2.830  -12.737 1.00 60.98  ? 74  SER A OG  1 
ATOM   587  N  N   . GLN A 1 75  ? -15.446 -1.711  -14.839 1.00 70.81  ? 75  GLN A N   1 
ATOM   588  C  CA  . GLN A 1 75  ? -16.773 -2.131  -15.231 1.00 73.66  ? 75  GLN A CA  1 
ATOM   589  C  C   . GLN A 1 75  ? -17.039 -3.563  -14.651 1.00 74.48  ? 75  GLN A C   1 
ATOM   590  O  O   . GLN A 1 75  ? -18.196 -3.978  -14.710 1.00 75.38  ? 75  GLN A O   1 
ATOM   591  C  CB  . GLN A 1 75  ? -16.892 -2.161  -16.751 1.00 75.87  ? 75  GLN A CB  1 
ATOM   592  C  CG  . GLN A 1 75  ? -16.159 -1.037  -17.452 1.00 80.33  ? 75  GLN A CG  1 
ATOM   593  C  CD  . GLN A 1 75  ? -16.609 -0.879  -18.887 1.00 82.21  ? 75  GLN A CD  1 
ATOM   594  O  OE1 . GLN A 1 75  ? -16.434 -1.781  -19.722 1.00 83.11  ? 75  GLN A OE1 1 
ATOM   595  N  NE2 . GLN A 1 75  ? -17.208 0.268   -19.187 1.00 81.70  ? 75  GLN A NE2 1 
ATOM   596  N  N   . ASP A 1 76  ? -16.037 -4.205  -14.144 1.00 75.78  ? 76  ASP A N   1 
ATOM   597  C  CA  . ASP A 1 76  ? -16.127 -5.595  -13.556 1.00 77.56  ? 76  ASP A CA  1 
ATOM   598  C  C   . ASP A 1 76  ? -16.809 -5.571  -12.177 1.00 78.66  ? 76  ASP A C   1 
ATOM   599  O  O   . ASP A 1 76  ? -16.136 -5.517  -11.142 1.00 79.67  ? 76  ASP A O   1 
ATOM   600  C  CB  . ASP A 1 76  ? -14.706 -6.192  -13.416 1.00 78.01  ? 76  ASP A CB  1 
ATOM   601  C  CG  . ASP A 1 76  ? -14.710 -7.711  -13.172 1.00 79.03  ? 76  ASP A CG  1 
ATOM   602  O  OD1 . ASP A 1 76  ? -15.605 -8.207  -12.443 1.00 80.60  ? 76  ASP A OD1 1 
ATOM   603  O  OD2 . ASP A 1 76  ? -13.798 -8.405  -13.697 1.00 77.87  ? 76  ASP A OD2 1 
ATOM   604  N  N   . ASP A 1 77  ? -18.138 -5.630  -12.156 1.00 80.07  ? 77  ASP A N   1 
ATOM   605  C  CA  . ASP A 1 77  ? -18.878 -5.586  -10.894 1.00 80.76  ? 77  ASP A CA  1 
ATOM   606  C  C   . ASP A 1 77  ? -18.375 -6.532  -9.826  1.00 79.94  ? 77  ASP A C   1 
ATOM   607  O  O   . ASP A 1 77  ? -18.324 -6.174  -8.650  1.00 80.39  ? 77  ASP A O   1 
ATOM   608  C  CB  . ASP A 1 77  ? -20.366 -5.856  -11.119 1.00 84.01  ? 77  ASP A CB  1 
ATOM   609  C  CG  . ASP A 1 77  ? -21.193 -4.578  -11.156 1.00 87.70  ? 77  ASP A CG  1 
ATOM   610  O  OD1 . ASP A 1 77  ? -20.955 -3.738  -12.061 1.00 89.25  ? 77  ASP A OD1 1 
ATOM   611  O  OD2 . ASP A 1 77  ? -22.079 -4.416  -10.279 1.00 88.92  ? 77  ASP A OD2 1 
ATOM   612  N  N   . LYS A 1 78  ? -18.008 -7.737  -10.226 1.00 78.88  ? 78  LYS A N   1 
ATOM   613  C  CA  . LYS A 1 78  ? -17.527 -8.710  -9.268  1.00 79.04  ? 78  LYS A CA  1 
ATOM   614  C  C   . LYS A 1 78  ? -16.250 -8.213  -8.594  1.00 78.58  ? 78  LYS A C   1 
ATOM   615  O  O   . LYS A 1 78  ? -16.061 -8.388  -7.389  1.00 78.10  ? 78  LYS A O   1 
ATOM   616  C  CB  . LYS A 1 78  ? -17.302 -10.045 -9.970  1.00 80.09  ? 78  LYS A CB  1 
ATOM   617  C  CG  . LYS A 1 78  ? -18.478 -10.445 -10.868 1.00 83.83  ? 78  LYS A CG  1 
ATOM   618  C  CD  . LYS A 1 78  ? -18.470 -9.662  -12.206 1.00 84.85  ? 78  LYS A CD  1 
ATOM   619  C  CE  . LYS A 1 78  ? -19.888 -9.403  -12.736 1.00 85.03  ? 78  LYS A CE  1 
ATOM   620  N  NZ  . LYS A 1 78  ? -19.918 -8.599  -13.994 1.00 83.19  ? 78  LYS A NZ  1 
HETATM 621  N  N   . MSE A 1 79  ? -15.384 -7.573  -9.371  1.00 78.58  ? 79  MSE A N   1 
HETATM 622  C  CA  . MSE A 1 79  ? -14.138 -7.041  -8.847  1.00 79.11  ? 79  MSE A CA  1 
HETATM 623  C  C   . MSE A 1 79  ? -14.361 -5.906  -7.863  1.00 75.31  ? 79  MSE A C   1 
HETATM 624  O  O   . MSE A 1 79  ? -13.772 -5.867  -6.782  1.00 75.27  ? 79  MSE A O   1 
HETATM 625  C  CB  . MSE A 1 79  ? -13.267 -6.546  -9.994  1.00 86.43  ? 79  MSE A CB  1 
HETATM 626  C  CG  . MSE A 1 79  ? -12.276 -7.575  -10.466 1.00 96.55  ? 79  MSE A CG  1 
HETATM 627  SE SE  . MSE A 1 79  ? -11.280 -8.164  -8.931  1.00 113.19 ? 79  MSE A SE  1 
HETATM 628  C  CE  . MSE A 1 79  ? -10.207 -6.554  -8.699  1.00 108.56 ? 79  MSE A CE  1 
ATOM   629  N  N   . LYS A 1 80  ? -15.207 -4.975  -8.260  1.00 70.24  ? 80  LYS A N   1 
ATOM   630  C  CA  . LYS A 1 80  ? -15.521 -3.840  -7.424  1.00 65.76  ? 80  LYS A CA  1 
ATOM   631  C  C   . LYS A 1 80  ? -16.030 -4.323  -6.076  1.00 64.37  ? 80  LYS A C   1 
ATOM   632  O  O   . LYS A 1 80  ? -15.570 -3.881  -5.015  1.00 63.51  ? 80  LYS A O   1 
ATOM   633  C  CB  . LYS A 1 80  ? -16.550 -2.963  -8.132  1.00 63.54  ? 80  LYS A CB  1 
ATOM   634  C  CG  . LYS A 1 80  ? -15.897 -2.182  -9.252  1.00 63.27  ? 80  LYS A CG  1 
ATOM   635  C  CD  . LYS A 1 80  ? -16.787 -1.148  -9.883  1.00 64.31  ? 80  LYS A CD  1 
ATOM   636  C  CE  . LYS A 1 80  ? -17.699 -1.756  -10.918 1.00 64.71  ? 80  LYS A CE  1 
ATOM   637  N  NZ  . LYS A 1 80  ? -18.343 -0.697  -11.729 1.00 64.04  ? 80  LYS A NZ  1 
ATOM   638  N  N   . THR A 1 81  ? -16.978 -5.246  -6.126  1.00 62.44  ? 81  THR A N   1 
ATOM   639  C  CA  . THR A 1 81  ? -17.548 -5.824  -4.923  1.00 60.23  ? 81  THR A CA  1 
ATOM   640  C  C   . THR A 1 81  ? -16.517 -6.614  -4.158  1.00 58.43  ? 81  THR A C   1 
ATOM   641  O  O   . THR A 1 81  ? -16.647 -6.835  -2.967  1.00 57.93  ? 81  THR A O   1 
ATOM   642  C  CB  . THR A 1 81  ? -18.685 -6.771  -5.274  1.00 59.18  ? 81  THR A CB  1 
ATOM   643  O  OG1 . THR A 1 81  ? -19.807 -6.002  -5.717  1.00 60.09  ? 81  THR A OG1 1 
ATOM   644  C  CG2 . THR A 1 81  ? -19.059 -7.618  -4.085  1.00 56.71  ? 81  THR A CG2 1 
ATOM   645  N  N   . GLN A 1 82  ? -15.477 -7.047  -4.839  1.00 57.72  ? 82  GLN A N   1 
ATOM   646  C  CA  . GLN A 1 82  ? -14.493 -7.830  -4.145  1.00 56.50  ? 82  GLN A CA  1 
ATOM   647  C  C   . GLN A 1 82  ? -13.457 -6.977  -3.448  1.00 54.39  ? 82  GLN A C   1 
ATOM   648  O  O   . GLN A 1 82  ? -12.979 -7.323  -2.369  1.00 54.68  ? 82  GLN A O   1 
ATOM   649  C  CB  . GLN A 1 82  ? -13.827 -8.776  -5.118  1.00 58.65  ? 82  GLN A CB  1 
ATOM   650  C  CG  . GLN A 1 82  ? -12.886 -9.710  -4.452  1.00 60.83  ? 82  GLN A CG  1 
ATOM   651  C  CD  . GLN A 1 82  ? -11.868 -10.206 -5.419  1.00 63.30  ? 82  GLN A CD  1 
ATOM   652  O  OE1 . GLN A 1 82  ? -12.213 -10.893 -6.390  1.00 64.97  ? 82  GLN A OE1 1 
ATOM   653  N  NE2 . GLN A 1 82  ? -10.593 -9.848  -5.187  1.00 62.51  ? 82  GLN A NE2 1 
ATOM   654  N  N   . LEU A 1 83  ? -13.120 -5.856  -4.066  1.00 52.35  ? 83  LEU A N   1 
ATOM   655  C  CA  . LEU A 1 83  ? -12.128 -4.952  -3.506  1.00 51.95  ? 83  LEU A CA  1 
ATOM   656  C  C   . LEU A 1 83  ? -12.686 -4.029  -2.414  1.00 51.73  ? 83  LEU A C   1 
ATOM   657  O  O   . LEU A 1 83  ? -12.047 -3.841  -1.380  1.00 52.00  ? 83  LEU A O   1 
ATOM   658  C  CB  . LEU A 1 83  ? -11.493 -4.126  -4.635  1.00 51.13  ? 83  LEU A CB  1 
ATOM   659  C  CG  . LEU A 1 83  ? -10.575 -4.848  -5.633  1.00 48.42  ? 83  LEU A CG  1 
ATOM   660  C  CD1 . LEU A 1 83  ? -10.241 -3.898  -6.757  1.00 48.16  ? 83  LEU A CD1 1 
ATOM   661  C  CD2 . LEU A 1 83  ? -9.290  -5.332  -4.948  1.00 46.91  ? 83  LEU A CD2 1 
ATOM   662  N  N   . LEU A 1 84  ? -13.874 -3.474  -2.638  1.00 51.50  ? 84  LEU A N   1 
ATOM   663  C  CA  . LEU A 1 84  ? -14.499 -2.572  -1.679  1.00 51.52  ? 84  LEU A CA  1 
ATOM   664  C  C   . LEU A 1 84  ? -15.697 -3.149  -0.937  1.00 52.40  ? 84  LEU A C   1 
ATOM   665  O  O   . LEU A 1 84  ? -16.217 -2.528  -0.011  1.00 52.94  ? 84  LEU A O   1 
ATOM   666  C  CB  . LEU A 1 84  ? -14.958 -1.321  -2.392  1.00 49.27  ? 84  LEU A CB  1 
ATOM   667  C  CG  . LEU A 1 84  ? -13.859 -0.619  -3.163  1.00 48.65  ? 84  LEU A CG  1 
ATOM   668  C  CD1 . LEU A 1 84  ? -14.484 0.365   -4.125  1.00 47.88  ? 84  LEU A CD1 1 
ATOM   669  C  CD2 . LEU A 1 84  ? -12.902 0.059   -2.186  1.00 46.95  ? 84  LEU A CD2 1 
ATOM   670  N  N   . GLY A 1 85  ? -16.144 -4.325  -1.351  1.00 52.98  ? 85  GLY A N   1 
ATOM   671  C  CA  . GLY A 1 85  ? -17.293 -4.930  -0.709  1.00 54.17  ? 85  GLY A CA  1 
ATOM   672  C  C   . GLY A 1 85  ? -18.569 -4.510  -1.413  1.00 56.72  ? 85  GLY A C   1 
ATOM   673  O  O   . GLY A 1 85  ? -18.620 -3.435  -2.026  1.00 56.06  ? 85  GLY A O   1 
ATOM   674  N  N   . ALA A 1 86  ? -19.597 -5.358  -1.318  1.00 59.99  ? 86  ALA A N   1 
ATOM   675  C  CA  . ALA A 1 86  ? -20.906 -5.114  -1.938  1.00 63.35  ? 86  ALA A CA  1 
ATOM   676  C  C   . ALA A 1 86  ? -21.653 -3.922  -1.346  1.00 66.02  ? 86  ALA A C   1 
ATOM   677  O  O   . ALA A 1 86  ? -21.478 -3.592  -0.169  1.00 66.75  ? 86  ALA A O   1 
ATOM   678  C  CB  . ALA A 1 86  ? -21.763 -6.354  -1.803  1.00 62.16  ? 86  ALA A CB  1 
ATOM   679  N  N   . ASP A 1 87  ? -22.496 -3.274  -2.151  1.00 68.85  ? 87  ASP A N   1 
ATOM   680  C  CA  . ASP A 1 87  ? -23.255 -2.128  -1.652  1.00 71.88  ? 87  ASP A CA  1 
ATOM   681  C  C   . ASP A 1 87  ? -24.273 -2.635  -0.648  1.00 71.63  ? 87  ASP A C   1 
ATOM   682  O  O   . ASP A 1 87  ? -24.564 -1.984  0.351   1.00 71.89  ? 87  ASP A O   1 
ATOM   683  C  CB  . ASP A 1 87  ? -23.985 -1.428  -2.781  1.00 75.90  ? 87  ASP A CB  1 
ATOM   684  C  CG  . ASP A 1 87  ? -23.075 -1.103  -3.944  1.00 81.01  ? 87  ASP A CG  1 
ATOM   685  O  OD1 . ASP A 1 87  ? -22.294 -0.121  -3.839  1.00 83.31  ? 87  ASP A OD1 1 
ATOM   686  O  OD2 . ASP A 1 87  ? -23.139 -1.845  -4.960  1.00 82.09  ? 87  ASP A OD2 1 
ATOM   687  N  N   . ASP A 1 88  ? -24.823 -3.805  -0.910  1.00 71.36  ? 88  ASP A N   1 
ATOM   688  C  CA  . ASP A 1 88  ? -25.796 -4.373  0.009   1.00 71.15  ? 88  ASP A CA  1 
ATOM   689  C  C   . ASP A 1 88  ? -25.066 -5.090  1.145   1.00 69.80  ? 88  ASP A C   1 
ATOM   690  O  O   . ASP A 1 88  ? -25.696 -5.706  1.997   1.00 70.72  ? 88  ASP A O   1 
ATOM   691  C  CB  . ASP A 1 88  ? -26.686 -5.375  -0.712  1.00 73.67  ? 88  ASP A CB  1 
ATOM   692  C  CG  . ASP A 1 88  ? -25.930 -6.627  -1.117  1.00 76.69  ? 88  ASP A CG  1 
ATOM   693  O  OD1 . ASP A 1 88  ? -25.113 -6.558  -2.065  1.00 78.77  ? 88  ASP A OD1 1 
ATOM   694  O  OD2 . ASP A 1 88  ? -26.138 -7.678  -0.472  1.00 77.41  ? 88  ASP A OD2 1 
ATOM   695  N  N   . ASP A 1 89  ? -23.737 -5.020  1.150   1.00 67.90  ? 89  ASP A N   1 
ATOM   696  C  CA  . ASP A 1 89  ? -22.960 -5.683  2.191   1.00 64.88  ? 89  ASP A CA  1 
ATOM   697  C  C   . ASP A 1 89  ? -22.159 -4.680  3.010   1.00 63.20  ? 89  ASP A C   1 
ATOM   698  O  O   . ASP A 1 89  ? -20.922 -4.662  2.972   1.00 64.09  ? 89  ASP A O   1 
ATOM   699  C  CB  . ASP A 1 89  ? -22.015 -6.701  1.564   1.00 64.99  ? 89  ASP A CB  1 
ATOM   700  C  CG  . ASP A 1 89  ? -21.294 -7.526  2.604   1.00 65.77  ? 89  ASP A CG  1 
ATOM   701  O  OD1 . ASP A 1 89  ? -21.410 -7.199  3.811   1.00 66.19  ? 89  ASP A OD1 1 
ATOM   702  O  OD2 . ASP A 1 89  ? -20.606 -8.498  2.212   1.00 65.99  ? 89  ASP A OD2 1 
ATOM   703  N  N   . LEU A 1 90  ? -22.868 -3.846  3.761   1.00 60.52  ? 90  LEU A N   1 
ATOM   704  C  CA  . LEU A 1 90  ? -22.234 -2.830  4.582   1.00 56.28  ? 90  LEU A CA  1 
ATOM   705  C  C   . LEU A 1 90  ? -21.217 -3.423  5.540   1.00 54.58  ? 90  LEU A C   1 
ATOM   706  O  O   . LEU A 1 90  ? -20.078 -2.943  5.621   1.00 54.50  ? 90  LEU A O   1 
ATOM   707  C  CB  . LEU A 1 90  ? -23.296 -2.061  5.360   1.00 57.10  ? 90  LEU A CB  1 
ATOM   708  C  CG  . LEU A 1 90  ? -22.889 -0.888  6.262   1.00 56.83  ? 90  LEU A CG  1 
ATOM   709  C  CD1 . LEU A 1 90  ? -22.032 0.113   5.489   1.00 57.99  ? 90  LEU A CD1 1 
ATOM   710  C  CD2 . LEU A 1 90  ? -24.133 -0.208  6.788   1.00 54.35  ? 90  LEU A CD2 1 
ATOM   711  N  N   . ASN A 1 91  ? -21.607 -4.468  6.260   1.00 52.82  ? 91  ASN A N   1 
ATOM   712  C  CA  . ASN A 1 91  ? -20.682 -5.078  7.204   1.00 51.86  ? 91  ASN A CA  1 
ATOM   713  C  C   . ASN A 1 91  ? -19.272 -5.261  6.657   1.00 51.73  ? 91  ASN A C   1 
ATOM   714  O  O   . ASN A 1 91  ? -18.282 -5.075  7.384   1.00 52.18  ? 91  ASN A O   1 
ATOM   715  C  CB  . ASN A 1 91  ? -21.217 -6.417  7.669   1.00 52.62  ? 91  ASN A CB  1 
ATOM   716  C  CG  . ASN A 1 91  ? -22.117 -6.277  8.859   1.00 54.36  ? 91  ASN A CG  1 
ATOM   717  O  OD1 . ASN A 1 91  ? -22.412 -5.167  9.287   1.00 58.67  ? 91  ASN A OD1 1 
ATOM   718  N  ND2 . ASN A 1 91  ? -22.560 -7.400  9.409   1.00 54.33  ? 91  ASN A ND2 1 
ATOM   719  N  N   . ALA A 1 92  ? -19.193 -5.613  5.371   1.00 49.68  ? 92  ALA A N   1 
ATOM   720  C  CA  . ALA A 1 92  ? -17.928 -5.843  4.706   1.00 47.63  ? 92  ALA A CA  1 
ATOM   721  C  C   . ALA A 1 92  ? -17.232 -4.548  4.331   1.00 49.42  ? 92  ALA A C   1 
ATOM   722  O  O   . ALA A 1 92  ? -16.019 -4.380  4.548   1.00 49.89  ? 92  ALA A O   1 
ATOM   723  C  CB  . ALA A 1 92  ? -18.158 -6.653  3.490   1.00 44.38  ? 92  ALA A CB  1 
ATOM   724  N  N   . GLN A 1 93  ? -18.000 -3.639  3.749   1.00 49.15  ? 93  GLN A N   1 
ATOM   725  C  CA  . GLN A 1 93  ? -17.425 -2.383  3.355   1.00 50.09  ? 93  GLN A CA  1 
ATOM   726  C  C   . GLN A 1 93  ? -16.701 -1.791  4.546   1.00 51.59  ? 93  GLN A C   1 
ATOM   727  O  O   . GLN A 1 93  ? -15.517 -1.439  4.450   1.00 51.76  ? 93  GLN A O   1 
ATOM   728  C  CB  . GLN A 1 93  ? -18.503 -1.442  2.890   1.00 49.90  ? 93  GLN A CB  1 
ATOM   729  C  CG  . GLN A 1 93  ? -19.272 -1.931  1.697   1.00 52.54  ? 93  GLN A CG  1 
ATOM   730  C  CD  . GLN A 1 93  ? -20.210 -0.856  1.185   1.00 56.46  ? 93  GLN A CD  1 
ATOM   731  O  OE1 . GLN A 1 93  ? -21.003 -0.296  1.950   1.00 57.33  ? 93  GLN A OE1 1 
ATOM   732  N  NE2 . GLN A 1 93  ? -20.126 -0.551  -0.110  1.00 57.71  ? 93  GLN A NE2 1 
ATOM   733  N  N   . ALA A 1 94  ? -17.401 -1.703  5.676   1.00 52.17  ? 94  ALA A N   1 
ATOM   734  C  CA  . ALA A 1 94  ? -16.806 -1.125  6.879   1.00 52.82  ? 94  ALA A CA  1 
ATOM   735  C  C   . ALA A 1 94  ? -15.524 -1.844  7.278   1.00 53.28  ? 94  ALA A C   1 
ATOM   736  O  O   . ALA A 1 94  ? -14.463 -1.221  7.460   1.00 54.57  ? 94  ALA A O   1 
ATOM   737  C  CB  . ALA A 1 94  ? -17.792 -1.162  8.019   1.00 50.96  ? 94  ALA A CB  1 
ATOM   738  N  N   . GLN A 1 95  ? -15.626 -3.159  7.414   1.00 51.64  ? 95  GLN A N   1 
ATOM   739  C  CA  . GLN A 1 95  ? -14.475 -3.944  7.786   1.00 50.09  ? 95  GLN A CA  1 
ATOM   740  C  C   . GLN A 1 95  ? -13.281 -3.677  6.890   1.00 48.99  ? 95  GLN A C   1 
ATOM   741  O  O   . GLN A 1 95  ? -12.143 -3.599  7.359   1.00 48.24  ? 95  GLN A O   1 
ATOM   742  C  CB  . GLN A 1 95  ? -14.838 -5.412  7.748   1.00 50.36  ? 95  GLN A CB  1 
ATOM   743  C  CG  . GLN A 1 95  ? -15.464 -5.863  9.029   1.00 54.76  ? 95  GLN A CG  1 
ATOM   744  C  CD  . GLN A 1 95  ? -14.541 -5.632  10.208  1.00 58.24  ? 95  GLN A CD  1 
ATOM   745  O  OE1 . GLN A 1 95  ? -13.321 -5.625  10.056  1.00 59.31  ? 95  GLN A OE1 1 
ATOM   746  N  NE2 . GLN A 1 95  ? -15.112 -5.459  11.395  1.00 59.75  ? 95  GLN A NE2 1 
ATOM   747  N  N   . ILE A 1 96  ? -13.535 -3.529  5.597   1.00 46.63  ? 96  ILE A N   1 
ATOM   748  C  CA  . ILE A 1 96  ? -12.445 -3.272  4.680   1.00 45.24  ? 96  ILE A CA  1 
ATOM   749  C  C   . ILE A 1 96  ? -11.789 -1.944  5.042   1.00 46.06  ? 96  ILE A C   1 
ATOM   750  O  O   . ILE A 1 96  ? -10.564 -1.805  5.005   1.00 48.52  ? 96  ILE A O   1 
ATOM   751  C  CB  . ILE A 1 96  ? -12.925 -3.202  3.227   1.00 44.29  ? 96  ILE A CB  1 
ATOM   752  C  CG1 . ILE A 1 96  ? -13.540 -4.544  2.815   1.00 44.48  ? 96  ILE A CG1 1 
ATOM   753  C  CG2 . ILE A 1 96  ? -11.760 -2.827  2.332   1.00 40.55  ? 96  ILE A CG2 1 
ATOM   754  C  CD1 . ILE A 1 96  ? -14.282 -4.496  1.500   1.00 43.29  ? 96  ILE A CD1 1 
ATOM   755  N  N   . ILE A 1 97  ? -12.616 -0.972  5.402   1.00 45.12  ? 97  ILE A N   1 
ATOM   756  C  CA  . ILE A 1 97  ? -12.144 0.356   5.764   1.00 43.03  ? 97  ILE A CA  1 
ATOM   757  C  C   . ILE A 1 97  ? -11.414 0.301   7.082   1.00 43.35  ? 97  ILE A C   1 
ATOM   758  O  O   . ILE A 1 97  ? -10.504 1.093   7.355   1.00 43.63  ? 97  ILE A O   1 
ATOM   759  C  CB  . ILE A 1 97  ? -13.319 1.321   5.903   1.00 41.58  ? 97  ILE A CB  1 
ATOM   760  C  CG1 . ILE A 1 97  ? -14.153 1.263   4.627   1.00 41.61  ? 97  ILE A CG1 1 
ATOM   761  C  CG2 . ILE A 1 97  ? -12.824 2.714   6.175   1.00 37.27  ? 97  ILE A CG2 1 
ATOM   762  C  CD1 . ILE A 1 97  ? -15.270 2.239   4.576   1.00 43.65  ? 97  ILE A CD1 1 
ATOM   763  N  N   . ARG A 1 98  ? -11.825 -0.637  7.917   1.00 42.47  ? 98  ARG A N   1 
ATOM   764  C  CA  . ARG A 1 98  ? -11.174 -0.775  9.195   1.00 43.19  ? 98  ARG A CA  1 
ATOM   765  C  C   . ARG A 1 98  ? -9.701  -1.073  8.970   1.00 43.95  ? 98  ARG A C   1 
ATOM   766  O  O   . ARG A 1 98  ? -8.839  -0.291  9.365   1.00 43.59  ? 98  ARG A O   1 
ATOM   767  C  CB  . ARG A 1 98  ? -11.823 -1.888  9.991   1.00 43.27  ? 98  ARG A CB  1 
ATOM   768  C  CG  . ARG A 1 98  ? -11.135 -2.163  11.283  1.00 44.74  ? 98  ARG A CG  1 
ATOM   769  C  CD  . ARG A 1 98  ? -11.929 -3.157  12.071  1.00 49.45  ? 98  ARG A CD  1 
ATOM   770  N  NE  . ARG A 1 98  ? -11.054 -4.166  12.647  1.00 54.58  ? 98  ARG A NE  1 
ATOM   771  C  CZ  . ARG A 1 98  ? -11.401 -4.982  13.632  1.00 56.80  ? 98  ARG A CZ  1 
ATOM   772  N  NH1 . ARG A 1 98  ? -12.633 -4.900  14.167  1.00 56.94  ? 98  ARG A NH1 1 
ATOM   773  N  NH2 . ARG A 1 98  ? -10.513 -5.876  14.073  1.00 55.31  ? 98  ARG A NH2 1 
ATOM   774  N  N   . TRP A 1 99  ? -9.405  -2.188  8.314   1.00 45.41  ? 99  TRP A N   1 
ATOM   775  C  CA  . TRP A 1 99  ? -8.014  -2.524  8.073   1.00 45.97  ? 99  TRP A CA  1 
ATOM   776  C  C   . TRP A 1 99  ? -7.354  -1.508  7.188   1.00 47.94  ? 99  TRP A C   1 
ATOM   777  O  O   . TRP A 1 99  ? -6.191  -1.140  7.399   1.00 47.89  ? 99  TRP A O   1 
ATOM   778  C  CB  . TRP A 1 99  ? -7.920  -3.901  7.483   1.00 43.31  ? 99  TRP A CB  1 
ATOM   779  C  CG  . TRP A 1 99  ? -8.353  -4.880  8.495   1.00 42.04  ? 99  TRP A CG  1 
ATOM   780  C  CD1 . TRP A 1 99  ? -9.617  -5.352  8.696   1.00 40.22  ? 99  TRP A CD1 1 
ATOM   781  C  CD2 . TRP A 1 99  ? -7.521  -5.502  9.476   1.00 41.84  ? 99  TRP A CD2 1 
ATOM   782  N  NE1 . TRP A 1 99  ? -9.626  -6.238  9.743   1.00 41.39  ? 99  TRP A NE1 1 
ATOM   783  C  CE2 . TRP A 1 99  ? -8.351  -6.349  10.243  1.00 42.37  ? 99  TRP A CE2 1 
ATOM   784  C  CE3 . TRP A 1 99  ? -6.147  -5.427  9.783   1.00 41.93  ? 99  TRP A CE3 1 
ATOM   785  C  CZ2 . TRP A 1 99  ? -7.855  -7.127  11.299  1.00 42.57  ? 99  TRP A CZ2 1 
ATOM   786  C  CZ3 . TRP A 1 99  ? -5.654  -6.192  10.823  1.00 43.67  ? 99  TRP A CZ3 1 
ATOM   787  C  CH2 . TRP A 1 99  ? -6.507  -7.034  11.574  1.00 43.32  ? 99  TRP A CH2 1 
ATOM   788  N  N   . GLN A 1 100 ? -8.112  -1.041  6.203   1.00 50.73  ? 100 GLN A N   1 
ATOM   789  C  CA  . GLN A 1 100 ? -7.623  -0.016  5.307   1.00 53.48  ? 100 GLN A CA  1 
ATOM   790  C  C   . GLN A 1 100 ? -7.018  1.074   6.184   1.00 53.32  ? 100 GLN A C   1 
ATOM   791  O  O   . GLN A 1 100 ? -6.030  1.706   5.832   1.00 53.40  ? 100 GLN A O   1 
ATOM   792  C  CB  . GLN A 1 100 ? -8.781  0.565   4.516   1.00 57.92  ? 100 GLN A CB  1 
ATOM   793  C  CG  . GLN A 1 100 ? -8.329  1.241   3.263   1.00 66.36  ? 100 GLN A CG  1 
ATOM   794  C  CD  . GLN A 1 100 ? -7.923  0.237   2.235   1.00 72.47  ? 100 GLN A CD  1 
ATOM   795  O  OE1 . GLN A 1 100 ? -8.760  -0.263  1.486   1.00 77.86  ? 100 GLN A OE1 1 
ATOM   796  N  NE2 . GLN A 1 100 ? -6.638  -0.100  2.204   1.00 74.46  ? 100 GLN A NE2 1 
ATOM   797  N  N   . SER A 1 101 ? -7.614  1.273   7.346   1.00 54.50  ? 101 SER A N   1 
ATOM   798  C  CA  . SER A 1 101 ? -7.154  2.291   8.274   1.00 55.97  ? 101 SER A CA  1 
ATOM   799  C  C   . SER A 1 101 ? -6.008  1.889   9.209   1.00 56.57  ? 101 SER A C   1 
ATOM   800  O  O   . SER A 1 101 ? -5.047  2.641   9.377   1.00 56.53  ? 101 SER A O   1 
ATOM   801  C  CB  . SER A 1 101 ? -8.341  2.785   9.092   1.00 56.15  ? 101 SER A CB  1 
ATOM   802  O  OG  . SER A 1 101 ? -7.922  3.679   10.102  1.00 58.68  ? 101 SER A OG  1 
ATOM   803  N  N   . LEU A 1 102 ? -6.123  0.720   9.837   1.00 57.09  ? 102 LEU A N   1 
ATOM   804  C  CA  . LEU A 1 102 ? -5.085  0.213   10.740  1.00 57.54  ? 102 LEU A CA  1 
ATOM   805  C  C   . LEU A 1 102 ? -3.719  0.227   10.067  1.00 58.43  ? 102 LEU A C   1 
ATOM   806  O  O   . LEU A 1 102 ? -2.694  0.516   10.688  1.00 57.97  ? 102 LEU A O   1 
ATOM   807  C  CB  . LEU A 1 102 ? -5.395  -1.217  11.132  1.00 57.14  ? 102 LEU A CB  1 
ATOM   808  C  CG  . LEU A 1 102 ? -6.417  -1.358  12.239  1.00 58.60  ? 102 LEU A CG  1 
ATOM   809  C  CD1 . LEU A 1 102 ? -6.951  -2.790  12.282  1.00 60.73  ? 102 LEU A CD1 1 
ATOM   810  C  CD2 . LEU A 1 102 ? -5.749  -0.962  13.543  1.00 59.07  ? 102 LEU A CD2 1 
ATOM   811  N  N   . ALA A 1 103 ? -3.721  -0.112  8.784   1.00 59.67  ? 103 ALA A N   1 
ATOM   812  C  CA  . ALA A 1 103 ? -2.508  -0.156  8.007   1.00 60.61  ? 103 ALA A CA  1 
ATOM   813  C  C   . ALA A 1 103 ? -2.064  1.241   7.650   1.00 62.15  ? 103 ALA A C   1 
ATOM   814  O  O   . ALA A 1 103 ? -0.980  1.685   8.030   1.00 62.33  ? 103 ALA A O   1 
ATOM   815  C  CB  . ALA A 1 103 ? -2.753  -0.951  6.751   1.00 60.99  ? 103 ALA A CB  1 
ATOM   816  N  N   . ASN A 1 104 ? -2.928  1.926   6.912   1.00 64.18  ? 104 ASN A N   1 
ATOM   817  C  CA  . ASN A 1 104 ? -2.666  3.274   6.446   1.00 65.83  ? 104 ASN A CA  1 
ATOM   818  C  C   . ASN A 1 104 ? -2.326  4.273   7.534   1.00 66.90  ? 104 ASN A C   1 
ATOM   819  O  O   . ASN A 1 104 ? -1.715  5.308   7.273   1.00 68.73  ? 104 ASN A O   1 
ATOM   820  C  CB  . ASN A 1 104 ? -3.856  3.777   5.669   1.00 66.56  ? 104 ASN A CB  1 
ATOM   821  C  CG  . ASN A 1 104 ? -3.441  4.470   4.414   1.00 69.71  ? 104 ASN A CG  1 
ATOM   822  O  OD1 . ASN A 1 104 ? -2.512  5.286   4.421   1.00 71.20  ? 104 ASN A OD1 1 
ATOM   823  N  ND2 . ASN A 1 104 ? -4.113  4.153   3.311   1.00 69.93  ? 104 ASN A ND2 1 
ATOM   824  N  N   . SER A 1 105 ? -2.736  3.969   8.755   1.00 66.10  ? 105 SER A N   1 
ATOM   825  C  CA  . SER A 1 105 ? -2.456  4.844   9.879   1.00 64.73  ? 105 SER A CA  1 
ATOM   826  C  C   . SER A 1 105 ? -1.609  4.088   10.886  1.00 64.29  ? 105 SER A C   1 
ATOM   827  O  O   . SER A 1 105 ? -0.385  4.096   10.815  1.00 65.67  ? 105 SER A O   1 
ATOM   828  C  CB  . SER A 1 105 ? -3.752  5.284   10.530  1.00 65.09  ? 105 SER A CB  1 
ATOM   829  O  OG  . SER A 1 105 ? -4.642  5.764   9.549   1.00 68.08  ? 105 SER A OG  1 
ATOM   830  N  N   . ASP A 1 106 ? -2.274  3.404   11.809  1.00 62.11  ? 106 ASP A N   1 
ATOM   831  C  CA  . ASP A 1 106 ? -1.590  2.645   12.852  1.00 60.89  ? 106 ASP A CA  1 
ATOM   832  C  C   . ASP A 1 106 ? -0.220  2.072   12.529  1.00 60.42  ? 106 ASP A C   1 
ATOM   833  O  O   . ASP A 1 106 ? 0.705   2.229   13.314  1.00 61.52  ? 106 ASP A O   1 
ATOM   834  C  CB  . ASP A 1 106 ? -2.488  1.519   13.352  1.00 61.80  ? 106 ASP A CB  1 
ATOM   835  C  CG  . ASP A 1 106 ? -3.716  2.044   14.055  1.00 63.64  ? 106 ASP A CG  1 
ATOM   836  O  OD1 . ASP A 1 106 ? -4.435  2.860   13.430  1.00 66.87  ? 106 ASP A OD1 1 
ATOM   837  O  OD2 . ASP A 1 106 ? -3.962  1.654   15.223  1.00 62.88  ? 106 ASP A OD2 1 
ATOM   838  N  N   . LEU A 1 107 ? -0.081  1.414   11.389  1.00 59.38  ? 107 LEU A N   1 
ATOM   839  C  CA  . LEU A 1 107 ? 1.191   0.818   11.037  1.00 59.06  ? 107 LEU A CA  1 
ATOM   840  C  C   . LEU A 1 107 ? 2.120   1.707   10.213  1.00 60.43  ? 107 LEU A C   1 
ATOM   841  O  O   . LEU A 1 107 ? 3.312   1.787   10.488  1.00 62.50  ? 107 LEU A O   1 
ATOM   842  C  CB  . LEU A 1 107 ? 0.933   -0.486  10.295  1.00 58.60  ? 107 LEU A CB  1 
ATOM   843  C  CG  . LEU A 1 107 ? 2.139   -1.248  9.756   1.00 57.83  ? 107 LEU A CG  1 
ATOM   844  C  CD1 . LEU A 1 107 ? 2.979   -1.795  10.905  1.00 57.32  ? 107 LEU A CD1 1 
ATOM   845  C  CD2 . LEU A 1 107 ? 1.641   -2.362  8.873   1.00 56.89  ? 107 LEU A CD2 1 
ATOM   846  N  N   . CYS A 1 108 ? 1.580   2.361   9.197   1.00 60.23  ? 108 CYS A N   1 
ATOM   847  C  CA  . CYS A 1 108 ? 2.372   3.225   8.339   1.00 59.25  ? 108 CYS A CA  1 
ATOM   848  C  C   . CYS A 1 108 ? 3.015   4.373   9.117   1.00 59.56  ? 108 CYS A C   1 
ATOM   849  O  O   . CYS A 1 108 ? 4.087   4.859   8.756   1.00 58.15  ? 108 CYS A O   1 
ATOM   850  C  CB  . CYS A 1 108 ? 1.477   3.791   7.248   1.00 57.52  ? 108 CYS A CB  1 
ATOM   851  S  SG  . CYS A 1 108 ? 2.347   4.516   5.893   1.00 57.69  ? 108 CYS A SG  1 
ATOM   852  N  N   . ILE A 1 109 ? 2.362   4.806   10.194  1.00 60.80  ? 109 ILE A N   1 
ATOM   853  C  CA  . ILE A 1 109 ? 2.869   5.912   10.996  1.00 60.97  ? 109 ILE A CA  1 
ATOM   854  C  C   . ILE A 1 109 ? 4.295   5.709   11.447  1.00 62.39  ? 109 ILE A C   1 
ATOM   855  O  O   . ILE A 1 109 ? 5.156   6.561   11.233  1.00 63.29  ? 109 ILE A O   1 
ATOM   856  C  CB  . ILE A 1 109 ? 2.059   6.135   12.277  1.00 59.41  ? 109 ILE A CB  1 
ATOM   857  C  CG1 . ILE A 1 109 ? 0.609   6.436   11.941  1.00 58.82  ? 109 ILE A CG1 1 
ATOM   858  C  CG2 . ILE A 1 109 ? 2.654   7.284   13.047  1.00 60.29  ? 109 ILE A CG2 1 
ATOM   859  C  CD1 . ILE A 1 109 ? 0.450   7.545   10.941  1.00 61.50  ? 109 ILE A CD1 1 
ATOM   860  N  N   . GLN A 1 110 ? 4.531   4.572   12.084  1.00 62.28  ? 110 GLN A N   1 
ATOM   861  C  CA  . GLN A 1 110 ? 5.840   4.248   12.619  1.00 61.93  ? 110 GLN A CA  1 
ATOM   862  C  C   . GLN A 1 110 ? 7.001   4.196   11.646  1.00 61.71  ? 110 GLN A C   1 
ATOM   863  O  O   . GLN A 1 110 ? 8.148   4.293   12.062  1.00 62.69  ? 110 GLN A O   1 
ATOM   864  C  CB  . GLN A 1 110 ? 5.746   2.946   13.400  1.00 62.42  ? 110 GLN A CB  1 
ATOM   865  C  CG  . GLN A 1 110 ? 4.655   3.026   14.432  1.00 64.53  ? 110 GLN A CG  1 
ATOM   866  C  CD  . GLN A 1 110 ? 4.700   4.344   15.179  1.00 66.47  ? 110 GLN A CD  1 
ATOM   867  O  OE1 . GLN A 1 110 ? 3.685   4.850   15.624  1.00 66.54  ? 110 GLN A OE1 1 
ATOM   868  N  NE2 . GLN A 1 110 ? 5.888   4.901   15.321  1.00 68.31  ? 110 GLN A NE2 1 
ATOM   869  N  N   . ILE A 1 111 ? 6.728   4.041   10.358  1.00 60.96  ? 111 ILE A N   1 
ATOM   870  C  CA  . ILE A 1 111 ? 7.829   4.007   9.419   1.00 60.60  ? 111 ILE A CA  1 
ATOM   871  C  C   . ILE A 1 111 ? 8.741   5.226   9.638   1.00 62.47  ? 111 ILE A C   1 
ATOM   872  O  O   . ILE A 1 111 ? 9.963   5.095   9.750   1.00 62.33  ? 111 ILE A O   1 
ATOM   873  C  CB  . ILE A 1 111 ? 7.322   4.009   7.985   1.00 58.86  ? 111 ILE A CB  1 
ATOM   874  C  CG1 . ILE A 1 111 ? 6.600   2.693   7.693   1.00 56.63  ? 111 ILE A CG1 1 
ATOM   875  C  CG2 . ILE A 1 111 ? 8.482   4.211   7.028   1.00 57.38  ? 111 ILE A CG2 1 
ATOM   876  C  CD1 . ILE A 1 111 ? 5.964   2.666   6.316   1.00 54.20  ? 111 ILE A CD1 1 
ATOM   877  N  N   . ALA A 1 112 ? 8.144   6.409   9.723   1.00 63.37  ? 112 ALA A N   1 
ATOM   878  C  CA  . ALA A 1 112 ? 8.915   7.636   9.925   1.00 63.68  ? 112 ALA A CA  1 
ATOM   879  C  C   . ALA A 1 112 ? 9.490   7.723   11.337  1.00 64.45  ? 112 ALA A C   1 
ATOM   880  O  O   . ALA A 1 112 ? 10.108  8.712   11.717  1.00 65.12  ? 112 ALA A O   1 
ATOM   881  C  CB  . ALA A 1 112 ? 8.037   8.843   9.648   1.00 63.77  ? 112 ALA A CB  1 
ATOM   882  N  N   . ASN A 1 113 ? 9.271   6.690   12.127  1.00 65.66  ? 113 ASN A N   1 
ATOM   883  C  CA  . ASN A 1 113 ? 9.780   6.676   13.488  1.00 66.70  ? 113 ASN A CA  1 
ATOM   884  C  C   . ASN A 1 113 ? 10.712  5.512   13.671  1.00 67.93  ? 113 ASN A C   1 
ATOM   885  O  O   . ASN A 1 113 ? 11.203  5.269   14.767  1.00 69.21  ? 113 ASN A O   1 
ATOM   886  C  CB  . ASN A 1 113 ? 8.640   6.584   14.495  1.00 65.20  ? 113 ASN A CB  1 
ATOM   887  C  CG  . ASN A 1 113 ? 7.963   7.904   14.686  1.00 65.38  ? 113 ASN A CG  1 
ATOM   888  O  OD1 . ASN A 1 113 ? 7.067   8.043   15.513  1.00 66.78  ? 113 ASN A OD1 1 
ATOM   889  N  ND2 . ASN A 1 113 ? 8.391   8.899   13.918  1.00 65.15  ? 113 ASN A ND2 1 
ATOM   890  N  N   . THR A 1 114 ? 10.956  4.787   12.585  1.00 68.18  ? 114 THR A N   1 
ATOM   891  C  CA  . THR A 1 114 ? 11.838  3.642   12.644  1.00 68.02  ? 114 THR A CA  1 
ATOM   892  C  C   . THR A 1 114 ? 12.646  3.556   11.363  1.00 68.54  ? 114 THR A C   1 
ATOM   893  O  O   . THR A 1 114 ? 13.812  3.917   11.348  1.00 68.96  ? 114 THR A O   1 
ATOM   894  C  CB  . THR A 1 114 ? 11.044  2.347   12.834  1.00 68.29  ? 114 THR A CB  1 
ATOM   895  O  OG1 . THR A 1 114 ? 10.215  2.130   11.685  1.00 69.85  ? 114 THR A OG1 1 
ATOM   896  C  CG2 . THR A 1 114 ? 10.161  2.439   14.064  1.00 66.99  ? 114 THR A CG2 1 
ATOM   897  N  N   . ILE A 1 115 ? 12.036  3.096   10.281  1.00 68.76  ? 115 ILE A N   1 
ATOM   898  C  CA  . ILE A 1 115 ? 12.779  2.982   9.039   1.00 70.24  ? 115 ILE A CA  1 
ATOM   899  C  C   . ILE A 1 115 ? 13.558  4.259   8.745   1.00 72.26  ? 115 ILE A C   1 
ATOM   900  O  O   . ILE A 1 115 ? 14.774  4.224   8.670   1.00 72.17  ? 115 ILE A O   1 
ATOM   901  C  CB  . ILE A 1 115 ? 11.855  2.639   7.828   1.00 70.28  ? 115 ILE A CB  1 
ATOM   902  C  CG1 . ILE A 1 115 ? 11.495  1.147   7.854   1.00 69.08  ? 115 ILE A CG1 1 
ATOM   903  C  CG2 . ILE A 1 115 ? 12.545  3.011   6.504   1.00 69.04  ? 115 ILE A CG2 1 
ATOM   904  C  CD1 . ILE A 1 115 ? 10.703  0.729   9.071   1.00 68.13  ? 115 ILE A CD1 1 
ATOM   905  N  N   . VAL A 1 116 ? 12.869  5.385   8.602   1.00 74.82  ? 116 VAL A N   1 
ATOM   906  C  CA  . VAL A 1 116 ? 13.548  6.646   8.303   1.00 77.22  ? 116 VAL A CA  1 
ATOM   907  C  C   . VAL A 1 116 ? 14.745  6.908   9.226   1.00 78.35  ? 116 VAL A C   1 
ATOM   908  O  O   . VAL A 1 116 ? 15.848  7.155   8.746   1.00 77.84  ? 116 VAL A O   1 
ATOM   909  C  CB  . VAL A 1 116 ? 12.579  7.853   8.396   1.00 78.25  ? 116 VAL A CB  1 
ATOM   910  C  CG1 . VAL A 1 116 ? 13.245  9.092   7.815   1.00 78.10  ? 116 VAL A CG1 1 
ATOM   911  C  CG2 . VAL A 1 116 ? 11.274  7.543   7.670   1.00 77.86  ? 116 VAL A CG2 1 
ATOM   912  N  N   . PRO A 1 117 ? 14.540  6.868   10.560  1.00 79.38  ? 117 PRO A N   1 
ATOM   913  C  CA  . PRO A 1 117 ? 15.635  7.104   11.509  1.00 81.05  ? 117 PRO A CA  1 
ATOM   914  C  C   . PRO A 1 117 ? 16.791  6.116   11.301  1.00 82.62  ? 117 PRO A C   1 
ATOM   915  O  O   . PRO A 1 117 ? 17.919  6.516   11.003  1.00 83.46  ? 117 PRO A O   1 
ATOM   916  C  CB  . PRO A 1 117 ? 14.959  6.920   12.864  1.00 80.01  ? 117 PRO A CB  1 
ATOM   917  C  CG  . PRO A 1 117 ? 13.564  7.365   12.600  1.00 78.78  ? 117 PRO A CG  1 
ATOM   918  C  CD  . PRO A 1 117 ? 13.267  6.701   11.285  1.00 79.07  ? 117 PRO A CD  1 
ATOM   919  N  N   . LEU A 1 118 ? 16.499  4.826   11.460  1.00 83.16  ? 118 LEU A N   1 
ATOM   920  C  CA  . LEU A 1 118 ? 17.507  3.791   11.277  1.00 83.89  ? 118 LEU A CA  1 
ATOM   921  C  C   . LEU A 1 118 ? 18.224  3.956   9.958   1.00 85.32  ? 118 LEU A C   1 
ATOM   922  O  O   . LEU A 1 118 ? 19.445  4.065   9.922   1.00 85.77  ? 118 LEU A O   1 
ATOM   923  C  CB  . LEU A 1 118 ? 16.872  2.410   11.309  1.00 82.97  ? 118 LEU A CB  1 
ATOM   924  C  CG  . LEU A 1 118 ? 16.292  2.038   12.665  1.00 82.79  ? 118 LEU A CG  1 
ATOM   925  C  CD1 . LEU A 1 118 ? 15.612  0.686   12.568  1.00 82.64  ? 118 LEU A CD1 1 
ATOM   926  C  CD2 . LEU A 1 118 ? 17.398  2.018   13.695  1.00 82.38  ? 118 LEU A CD2 1 
ATOM   927  N  N   . LYS A 1 119 ? 17.473  3.974   8.865   1.00 87.14  ? 119 LYS A N   1 
ATOM   928  C  CA  . LYS A 1 119 ? 18.091  4.119   7.556   1.00 89.13  ? 119 LYS A CA  1 
ATOM   929  C  C   . LYS A 1 119 ? 18.853  5.443   7.494   1.00 90.16  ? 119 LYS A C   1 
ATOM   930  O  O   . LYS A 1 119 ? 19.341  5.845   6.438   1.00 90.44  ? 119 LYS A O   1 
ATOM   931  C  CB  . LYS A 1 119 ? 17.033  4.040   6.445   1.00 89.71  ? 119 LYS A CB  1 
ATOM   932  C  CG  . LYS A 1 119 ? 17.629  3.925   5.051   1.00 90.40  ? 119 LYS A CG  1 
ATOM   933  C  CD  . LYS A 1 119 ? 16.600  3.530   4.009   1.00 90.69  ? 119 LYS A CD  1 
ATOM   934  C  CE  . LYS A 1 119 ? 16.051  2.135   4.261   1.00 90.53  ? 119 LYS A CE  1 
ATOM   935  N  NZ  . LYS A 1 119 ? 15.130  1.734   3.159   1.00 92.12  ? 119 LYS A NZ  1 
ATOM   936  N  N   . GLY A 1 120 ? 18.952  6.107   8.641   1.00 91.09  ? 120 GLY A N   1 
ATOM   937  C  CA  . GLY A 1 120 ? 19.664  7.365   8.728   1.00 93.86  ? 120 GLY A CA  1 
ATOM   938  C  C   . GLY A 1 120 ? 19.139  8.435   7.799   1.00 96.38  ? 120 GLY A C   1 
ATOM   939  O  O   . GLY A 1 120 ? 19.890  9.015   7.014   1.00 97.19  ? 120 GLY A O   1 
ATOM   940  N  N   . GLY A 1 121 ? 17.838  8.700   7.885   1.00 98.22  ? 121 GLY A N   1 
ATOM   941  C  CA  . GLY A 1 121 ? 17.229  9.717   7.041   1.00 98.74  ? 121 GLY A CA  1 
ATOM   942  C  C   . GLY A 1 121 ? 16.652  10.819  7.907   1.00 98.68  ? 121 GLY A C   1 
ATOM   943  O  O   . GLY A 1 121 ? 15.987  11.744  7.429   1.00 98.29  ? 121 GLY A O   1 
ATOM   944  N  N   . ALA A 1 122 ? 16.906  10.712  9.204   1.00 98.26  ? 122 ALA A N   1 
ATOM   945  C  CA  . ALA A 1 122 ? 16.418  11.699  10.137  1.00 97.83  ? 122 ALA A CA  1 
ATOM   946  C  C   . ALA A 1 122 ? 17.051  11.446  11.487  1.00 97.51  ? 122 ALA A C   1 
ATOM   947  O  O   . ALA A 1 122 ? 17.422  10.311  11.805  1.00 97.19  ? 122 ALA A O   1 
ATOM   948  C  CB  . ALA A 1 122 ? 14.905  11.615  10.246  1.00 97.47  ? 122 ALA A CB  1 
ATOM   949  N  N   . PRO A 1 123 ? 17.192  12.507  12.296  1.00 97.15  ? 123 PRO A N   1 
ATOM   950  C  CA  . PRO A 1 123 ? 17.780  12.436  13.631  1.00 97.39  ? 123 PRO A CA  1 
ATOM   951  C  C   . PRO A 1 123 ? 17.384  11.150  14.357  1.00 98.16  ? 123 PRO A C   1 
ATOM   952  O  O   . PRO A 1 123 ? 16.195  10.874  14.550  1.00 98.41  ? 123 PRO A O   1 
ATOM   953  C  CB  . PRO A 1 123 ? 17.220  13.681  14.296  1.00 96.94  ? 123 PRO A CB  1 
ATOM   954  C  CG  . PRO A 1 123 ? 17.243  14.664  13.168  1.00 96.84  ? 123 PRO A CG  1 
ATOM   955  C  CD  . PRO A 1 123 ? 16.700  13.868  12.010  1.00 96.58  ? 123 PRO A CD  1 
ATOM   956  N  N   . TYR A 1 124 ? 18.391  10.367  14.745  1.00 98.15  ? 124 TYR A N   1 
ATOM   957  C  CA  . TYR A 1 124 ? 18.179  9.104   15.448  1.00 98.13  ? 124 TYR A CA  1 
ATOM   958  C  C   . TYR A 1 124 ? 18.064  9.323   16.955  1.00 98.35  ? 124 TYR A C   1 
ATOM   959  O  O   . TYR A 1 124 ? 18.723  10.191  17.508  1.00 98.51  ? 124 TYR A O   1 
ATOM   960  C  CB  . TYR A 1 124 ? 19.342  8.142   15.182  1.00 97.82  ? 124 TYR A CB  1 
ATOM   961  C  CG  . TYR A 1 124 ? 19.173  6.806   15.871  1.00 98.51  ? 124 TYR A CG  1 
ATOM   962  C  CD1 . TYR A 1 124 ? 18.496  5.757   15.247  1.00 99.38  ? 124 TYR A CD1 1 
ATOM   963  C  CD2 . TYR A 1 124 ? 19.612  6.615   17.180  1.00 98.72  ? 124 TYR A CD2 1 
ATOM   964  C  CE1 . TYR A 1 124 ? 18.257  4.556   15.919  1.00 99.84  ? 124 TYR A CE1 1 
ATOM   965  C  CE2 . TYR A 1 124 ? 19.375  5.422   17.862  1.00 98.87  ? 124 TYR A CE2 1 
ATOM   966  C  CZ  . TYR A 1 124 ? 18.698  4.399   17.230  1.00 99.36  ? 124 TYR A CZ  1 
ATOM   967  O  OH  . TYR A 1 124 ? 18.436  3.238   17.923  1.00 100.10 ? 124 TYR A OH  1 
ATOM   968  N  N   . ASN A 1 125 ? 17.230  8.530   17.617  1.00 98.72  ? 125 ASN A N   1 
ATOM   969  C  CA  . ASN A 1 125 ? 17.053  8.635   19.064  1.00 99.26  ? 125 ASN A CA  1 
ATOM   970  C  C   . ASN A 1 125 ? 16.639  7.289   19.634  1.00 100.23 ? 125 ASN A C   1 
ATOM   971  O  O   . ASN A 1 125 ? 15.495  6.859   19.461  1.00 101.09 ? 125 ASN A O   1 
ATOM   972  C  CB  . ASN A 1 125 ? 15.983  9.670   19.405  1.00 99.32  ? 125 ASN A CB  1 
ATOM   973  C  CG  . ASN A 1 125 ? 15.735  9.782   20.904  1.00 99.78  ? 125 ASN A CG  1 
ATOM   974  O  OD1 . ASN A 1 125 ? 15.512  8.781   21.591  1.00 99.59  ? 125 ASN A OD1 1 
ATOM   975  N  ND2 . ASN A 1 125 ? 15.768  11.007  21.417  1.00 100.02 ? 125 ASN A ND2 1 
ATOM   976  N  N   . LYS A 1 126 ? 17.557  6.626   20.321  1.00 101.22 ? 126 LYS A N   1 
ATOM   977  C  CA  . LYS A 1 126 ? 17.267  5.320   20.899  1.00 102.11 ? 126 LYS A CA  1 
ATOM   978  C  C   . LYS A 1 126 ? 15.928  5.287   21.639  1.00 101.87 ? 126 LYS A C   1 
ATOM   979  O  O   . LYS A 1 126 ? 15.039  4.505   21.296  1.00 102.44 ? 126 LYS A O   1 
ATOM   980  C  CB  . LYS A 1 126 ? 18.381  4.899   21.859  1.00 103.00 ? 126 LYS A CB  1 
ATOM   981  C  CG  . LYS A 1 126 ? 18.478  3.387   22.073  1.00 103.69 ? 126 LYS A CG  1 
ATOM   982  C  CD  . LYS A 1 126 ? 18.889  2.698   20.776  1.00 104.90 ? 126 LYS A CD  1 
ATOM   983  C  CE  . LYS A 1 126 ? 18.864  1.185   20.901  1.00 105.13 ? 126 LYS A CE  1 
ATOM   984  N  NZ  . LYS A 1 126 ? 19.201  0.530   19.605  1.00 104.47 ? 126 LYS A NZ  1 
ATOM   985  N  N   . LYS A 1 127 ? 15.792  6.137   22.652  1.00 101.46 ? 127 LYS A N   1 
ATOM   986  C  CA  . LYS A 1 127 ? 14.570  6.200   23.450  1.00 101.35 ? 127 LYS A CA  1 
ATOM   987  C  C   . LYS A 1 127 ? 13.328  6.265   22.557  1.00 99.88  ? 127 LYS A C   1 
ATOM   988  O  O   . LYS A 1 127 ? 12.353  5.538   22.769  1.00 99.92  ? 127 LYS A O   1 
ATOM   989  C  CB  . LYS A 1 127 ? 14.621  7.427   24.367  1.00 103.67 ? 127 LYS A CB  1 
ATOM   990  C  CG  . LYS A 1 127 ? 13.566  7.456   25.478  1.00 105.83 ? 127 LYS A CG  1 
ATOM   991  C  CD  . LYS A 1 127 ? 13.783  6.352   26.521  1.00 107.47 ? 127 LYS A CD  1 
ATOM   992  C  CE  . LYS A 1 127 ? 12.722  6.420   27.622  1.00 108.18 ? 127 LYS A CE  1 
ATOM   993  N  NZ  . LYS A 1 127 ? 12.865  5.342   28.646  1.00 107.63 ? 127 LYS A NZ  1 
ATOM   994  N  N   . SER A 1 128 ? 13.381  7.139   21.555  1.00 97.75  ? 128 SER A N   1 
ATOM   995  C  CA  . SER A 1 128 ? 12.281  7.319   20.616  1.00 95.40  ? 128 SER A CA  1 
ATOM   996  C  C   . SER A 1 128 ? 12.044  6.085   19.752  1.00 93.80  ? 128 SER A C   1 
ATOM   997  O  O   . SER A 1 128 ? 11.036  5.396   19.902  1.00 92.82  ? 128 SER A O   1 
ATOM   998  C  CB  . SER A 1 128 ? 12.568  8.516   19.716  1.00 94.31  ? 128 SER A CB  1 
ATOM   999  O  OG  . SER A 1 128 ? 11.682  8.526   18.619  1.00 94.09  ? 128 SER A OG  1 
ATOM   1000 N  N   . VAL A 1 129 ? 12.981  5.825   18.843  1.00 92.11  ? 129 VAL A N   1 
ATOM   1001 C  CA  . VAL A 1 129 ? 12.908  4.683   17.941  1.00 91.22  ? 129 VAL A CA  1 
ATOM   1002 C  C   . VAL A 1 129 ? 12.493  3.404   18.649  1.00 91.61  ? 129 VAL A C   1 
ATOM   1003 O  O   . VAL A 1 129 ? 11.658  2.643   18.149  1.00 92.06  ? 129 VAL A O   1 
ATOM   1004 C  CB  . VAL A 1 129 ? 14.256  4.430   17.261  1.00 90.19  ? 129 VAL A CB  1 
ATOM   1005 C  CG1 . VAL A 1 129 ? 14.183  3.170   16.423  1.00 88.74  ? 129 VAL A CG1 1 
ATOM   1006 C  CG2 . VAL A 1 129 ? 14.624  5.624   16.397  1.00 89.40  ? 129 VAL A CG2 1 
ATOM   1007 N  N   . ASP A 1 130 ? 13.077  3.152   19.805  1.00 91.95  ? 130 ASP A N   1 
ATOM   1008 C  CA  . ASP A 1 130 ? 12.718  1.950   20.535  1.00 92.16  ? 130 ASP A CA  1 
ATOM   1009 C  C   . ASP A 1 130 ? 11.282  2.024   20.994  1.00 91.59  ? 130 ASP A C   1 
ATOM   1010 O  O   . ASP A 1 130 ? 10.615  1.002   21.132  1.00 92.35  ? 130 ASP A O   1 
ATOM   1011 C  CB  . ASP A 1 130 ? 13.645  1.743   21.729  1.00 93.76  ? 130 ASP A CB  1 
ATOM   1012 C  CG  . ASP A 1 130 ? 14.910  0.993   21.349  1.00 95.89  ? 130 ASP A CG  1 
ATOM   1013 O  OD1 . ASP A 1 130 ? 15.647  1.477   20.454  1.00 96.60  ? 130 ASP A OD1 1 
ATOM   1014 O  OD2 . ASP A 1 130 ? 15.163  -0.086  21.939  1.00 97.03  ? 130 ASP A OD2 1 
ATOM   1015 N  N   . SER A 1 131 ? 10.803  3.239   21.221  1.00 90.56  ? 131 SER A N   1 
ATOM   1016 C  CA  . SER A 1 131 ? 9.428   3.428   21.662  1.00 88.91  ? 131 SER A CA  1 
ATOM   1017 C  C   . SER A 1 131 ? 8.488   3.313   20.457  1.00 87.73  ? 131 SER A C   1 
ATOM   1018 O  O   . SER A 1 131 ? 7.340   2.899   20.594  1.00 86.98  ? 131 SER A O   1 
ATOM   1019 C  CB  . SER A 1 131 ? 9.275   4.793   22.349  1.00 88.37  ? 131 SER A CB  1 
ATOM   1020 O  OG  . SER A 1 131 ? 8.344   4.725   23.419  1.00 85.76  ? 131 SER A OG  1 
ATOM   1021 N  N   . ALA A 1 132 ? 8.986   3.673   19.279  1.00 87.09  ? 132 ALA A N   1 
ATOM   1022 C  CA  . ALA A 1 132 ? 8.188   3.582   18.064  1.00 86.67  ? 132 ALA A CA  1 
ATOM   1023 C  C   . ALA A 1 132 ? 7.979   2.107   17.752  1.00 87.11  ? 132 ALA A C   1 
ATOM   1024 O  O   . ALA A 1 132 ? 6.878   1.685   17.405  1.00 87.60  ? 132 ALA A O   1 
ATOM   1025 C  CB  . ALA A 1 132 ? 8.900   4.277   16.898  1.00 84.72  ? 132 ALA A CB  1 
HETATM 1026 N  N   . MSE A 1 133 ? 9.044   1.326   17.889  1.00 87.62  ? 133 MSE A N   1 
HETATM 1027 C  CA  . MSE A 1 133 ? 8.973   -0.101  17.626  1.00 88.58  ? 133 MSE A CA  1 
HETATM 1028 C  C   . MSE A 1 133 ? 7.869   -0.788  18.407  1.00 86.87  ? 133 MSE A C   1 
HETATM 1029 O  O   . MSE A 1 133 ? 7.190   -1.674  17.889  1.00 86.78  ? 133 MSE A O   1 
HETATM 1030 C  CB  . MSE A 1 133 ? 10.300  -0.761  17.962  1.00 93.35  ? 133 MSE A CB  1 
HETATM 1031 C  CG  . MSE A 1 133 ? 11.351  -0.635  16.885  1.00 98.60  ? 133 MSE A CG  1 
HETATM 1032 SE SE  . MSE A 1 133 ? 10.840  -1.490  15.263  1.00 107.59 ? 133 MSE A SE  1 
HETATM 1033 C  CE  . MSE A 1 133 ? 10.897  -3.369  15.815  1.00 103.93 ? 133 MSE A CE  1 
ATOM   1034 N  N   . ASP A 1 134 ? 7.706   -0.386  19.662  1.00 85.24  ? 134 ASP A N   1 
ATOM   1035 C  CA  . ASP A 1 134 ? 6.678   -0.965  20.527  1.00 83.79  ? 134 ASP A CA  1 
ATOM   1036 C  C   . ASP A 1 134 ? 5.310   -0.772  19.897  1.00 81.99  ? 134 ASP A C   1 
ATOM   1037 O  O   . ASP A 1 134 ? 4.432   -1.638  19.996  1.00 81.07  ? 134 ASP A O   1 
ATOM   1038 C  CB  . ASP A 1 134 ? 6.708   -0.289  21.892  1.00 85.62  ? 134 ASP A CB  1 
ATOM   1039 C  CG  . ASP A 1 134 ? 8.064   -0.391  22.557  1.00 87.74  ? 134 ASP A CG  1 
ATOM   1040 O  OD1 . ASP A 1 134 ? 8.475   -1.521  22.907  1.00 88.04  ? 134 ASP A OD1 1 
ATOM   1041 O  OD2 . ASP A 1 134 ? 8.722   0.664   22.720  1.00 88.89  ? 134 ASP A OD2 1 
ATOM   1042 N  N   . ALA A 1 135 ? 5.140   0.391   19.268  1.00 78.91  ? 135 ALA A N   1 
ATOM   1043 C  CA  . ALA A 1 135 ? 3.911   0.729   18.572  1.00 75.91  ? 135 ALA A CA  1 
ATOM   1044 C  C   . ALA A 1 135 ? 3.766   -0.312  17.470  1.00 74.58  ? 135 ALA A C   1 
ATOM   1045 O  O   . ALA A 1 135 ? 2.749   -1.005  17.386  1.00 73.98  ? 135 ALA A O   1 
ATOM   1046 C  CB  . ALA A 1 135 ? 4.026   2.118   17.972  1.00 74.23  ? 135 ALA A CB  1 
ATOM   1047 N  N   . VAL A 1 136 ? 4.807   -0.421  16.642  1.00 73.07  ? 136 VAL A N   1 
ATOM   1048 C  CA  . VAL A 1 136 ? 4.855   -1.379  15.544  1.00 71.53  ? 136 VAL A CA  1 
ATOM   1049 C  C   . VAL A 1 136 ? 4.454   -2.766  16.026  1.00 71.74  ? 136 VAL A C   1 
ATOM   1050 O  O   . VAL A 1 136 ? 3.614   -3.420  15.418  1.00 72.63  ? 136 VAL A O   1 
ATOM   1051 C  CB  . VAL A 1 136 ? 6.269   -1.454  14.930  1.00 70.40  ? 136 VAL A CB  1 
ATOM   1052 C  CG1 . VAL A 1 136 ? 6.315   -2.519  13.860  1.00 70.13  ? 136 VAL A CG1 1 
ATOM   1053 C  CG2 . VAL A 1 136 ? 6.644   -0.114  14.332  1.00 70.27  ? 136 VAL A CG2 1 
ATOM   1054 N  N   . ASP A 1 137 ? 5.042   -3.219  17.118  1.00 72.48  ? 137 ASP A N   1 
ATOM   1055 C  CA  . ASP A 1 137 ? 4.689   -4.527  17.624  1.00 74.99  ? 137 ASP A CA  1 
ATOM   1056 C  C   . ASP A 1 137 ? 3.228   -4.620  17.997  1.00 75.31  ? 137 ASP A C   1 
ATOM   1057 O  O   . ASP A 1 137 ? 2.624   -5.674  17.839  1.00 76.38  ? 137 ASP A O   1 
ATOM   1058 C  CB  . ASP A 1 137 ? 5.535   -4.882  18.833  1.00 78.56  ? 137 ASP A CB  1 
ATOM   1059 C  CG  . ASP A 1 137 ? 6.988   -5.056  18.479  1.00 82.56  ? 137 ASP A CG  1 
ATOM   1060 O  OD1 . ASP A 1 137 ? 7.274   -5.902  17.601  1.00 84.28  ? 137 ASP A OD1 1 
ATOM   1061 O  OD2 . ASP A 1 137 ? 7.838   -4.350  19.065  1.00 84.85  ? 137 ASP A OD2 1 
ATOM   1062 N  N   . LYS A 1 138 ? 2.655   -3.534  18.501  1.00 74.94  ? 138 LYS A N   1 
ATOM   1063 C  CA  . LYS A 1 138 ? 1.247   -3.552  18.869  1.00 73.37  ? 138 LYS A CA  1 
ATOM   1064 C  C   . LYS A 1 138 ? 0.374   -3.794  17.630  1.00 71.41  ? 138 LYS A C   1 
ATOM   1065 O  O   . LYS A 1 138 ? -0.508  -4.654  17.650  1.00 69.75  ? 138 LYS A O   1 
ATOM   1066 C  CB  . LYS A 1 138 ? 0.856   -2.235  19.553  1.00 75.90  ? 138 LYS A CB  1 
ATOM   1067 C  CG  . LYS A 1 138 ? 1.103   -2.200  21.068  1.00 78.04  ? 138 LYS A CG  1 
ATOM   1068 C  CD  . LYS A 1 138 ? 0.681   -0.850  21.694  1.00 79.74  ? 138 LYS A CD  1 
ATOM   1069 C  CE  . LYS A 1 138 ? 0.607   -0.902  23.236  1.00 79.04  ? 138 LYS A CE  1 
ATOM   1070 N  NZ  . LYS A 1 138 ? -0.113  0.282   23.817  1.00 77.93  ? 138 LYS A NZ  1 
ATOM   1071 N  N   . ILE A 1 139 ? 0.633   -3.053  16.551  1.00 69.26  ? 139 ILE A N   1 
ATOM   1072 C  CA  . ILE A 1 139 ? -0.133  -3.189  15.309  1.00 68.38  ? 139 ILE A CA  1 
ATOM   1073 C  C   . ILE A 1 139 ? 0.126   -4.548  14.667  1.00 67.34  ? 139 ILE A C   1 
ATOM   1074 O  O   . ILE A 1 139 ? -0.799  -5.237  14.234  1.00 66.79  ? 139 ILE A O   1 
ATOM   1075 C  CB  . ILE A 1 139 ? 0.255   -2.091  14.282  1.00 69.18  ? 139 ILE A CB  1 
ATOM   1076 C  CG1 . ILE A 1 139 ? 0.450   -0.754  15.000  1.00 71.74  ? 139 ILE A CG1 1 
ATOM   1077 C  CG2 . ILE A 1 139 ? -0.836  -1.951  13.215  1.00 67.45  ? 139 ILE A CG2 1 
ATOM   1078 C  CD1 . ILE A 1 139 ? -0.704  -0.358  15.930  1.00 73.19  ? 139 ILE A CD1 1 
ATOM   1079 N  N   . VAL A 1 140 ? 1.397   -4.915  14.603  1.00 65.85  ? 140 VAL A N   1 
ATOM   1080 C  CA  . VAL A 1 140 ? 1.790   -6.177  14.018  1.00 63.46  ? 140 VAL A CA  1 
ATOM   1081 C  C   . VAL A 1 140 ? 1.021   -7.330  14.637  1.00 62.58  ? 140 VAL A C   1 
ATOM   1082 O  O   . VAL A 1 140 ? 0.651   -8.287  13.948  1.00 62.82  ? 140 VAL A O   1 
ATOM   1083 C  CB  . VAL A 1 140 ? 3.293   -6.394  14.179  1.00 63.10  ? 140 VAL A CB  1 
ATOM   1084 C  CG1 . VAL A 1 140 ? 3.650   -7.841  13.945  1.00 64.34  ? 140 VAL A CG1 1 
ATOM   1085 C  CG2 . VAL A 1 140 ? 4.020   -5.511  13.187  1.00 62.43  ? 140 VAL A CG2 1 
ATOM   1086 N  N   . ASP A 1 141 ? 0.761   -7.240  15.932  1.00 61.44  ? 141 ASP A N   1 
ATOM   1087 C  CA  . ASP A 1 141 ? 0.014   -8.295  16.594  1.00 61.49  ? 141 ASP A CA  1 
ATOM   1088 C  C   . ASP A 1 141 ? -1.431  -8.295  16.175  1.00 60.14  ? 141 ASP A C   1 
ATOM   1089 O  O   . ASP A 1 141 ? -2.028  -9.345  16.042  1.00 58.24  ? 141 ASP A O   1 
ATOM   1090 C  CB  . ASP A 1 141 ? 0.106   -8.153  18.100  1.00 64.53  ? 141 ASP A CB  1 
ATOM   1091 C  CG  . ASP A 1 141 ? 1.527   -8.288  18.598  1.00 68.24  ? 141 ASP A CG  1 
ATOM   1092 O  OD1 . ASP A 1 141 ? 2.268   -9.143  18.044  1.00 69.52  ? 141 ASP A OD1 1 
ATOM   1093 O  OD2 . ASP A 1 141 ? 1.901   -7.550  19.543  1.00 69.45  ? 141 ASP A OD2 1 
ATOM   1094 N  N   . ILE A 1 142 ? -1.991  -7.111  15.956  1.00 60.32  ? 142 ILE A N   1 
ATOM   1095 C  CA  . ILE A 1 142 ? -3.384  -7.002  15.522  1.00 60.43  ? 142 ILE A CA  1 
ATOM   1096 C  C   . ILE A 1 142 ? -3.562  -7.796  14.236  1.00 59.58  ? 142 ILE A C   1 
ATOM   1097 O  O   . ILE A 1 142 ? -4.549  -8.529  14.061  1.00 58.56  ? 142 ILE A O   1 
ATOM   1098 C  CB  . ILE A 1 142 ? -3.782  -5.549  15.209  1.00 61.97  ? 142 ILE A CB  1 
ATOM   1099 C  CG1 . ILE A 1 142 ? -3.493  -4.653  16.407  1.00 63.52  ? 142 ILE A CG1 1 
ATOM   1100 C  CG2 . ILE A 1 142 ? -5.270  -5.484  14.886  1.00 61.72  ? 142 ILE A CG2 1 
ATOM   1101 C  CD1 . ILE A 1 142 ? -4.354  -4.998  17.607  1.00 66.30  ? 142 ILE A CD1 1 
ATOM   1102 N  N   . PHE A 1 143 ? -2.595  -7.617  13.336  1.00 58.45  ? 143 PHE A N   1 
ATOM   1103 C  CA  . PHE A 1 143 ? -2.580  -8.294  12.054  1.00 57.43  ? 143 PHE A CA  1 
ATOM   1104 C  C   . PHE A 1 143 ? -2.441  -9.790  12.211  1.00 58.56  ? 143 PHE A C   1 
ATOM   1105 O  O   . PHE A 1 143 ? -3.322  -10.547 11.797  1.00 58.13  ? 143 PHE A O   1 
ATOM   1106 C  CB  . PHE A 1 143 ? -1.434  -7.764  11.221  1.00 54.64  ? 143 PHE A CB  1 
ATOM   1107 C  CG  . PHE A 1 143 ? -1.766  -6.519  10.505  1.00 52.05  ? 143 PHE A CG  1 
ATOM   1108 C  CD1 . PHE A 1 143 ? -2.245  -6.561  9.200   1.00 50.61  ? 143 PHE A CD1 1 
ATOM   1109 C  CD2 . PHE A 1 143 ? -1.641  -5.300  11.138  1.00 51.19  ? 143 PHE A CD2 1 
ATOM   1110 C  CE1 . PHE A 1 143 ? -2.606  -5.398  8.530   1.00 49.70  ? 143 PHE A CE1 1 
ATOM   1111 C  CE2 . PHE A 1 143 ? -2.001  -4.124  10.476  1.00 51.32  ? 143 PHE A CE2 1 
ATOM   1112 C  CZ  . PHE A 1 143 ? -2.484  -4.175  9.164   1.00 49.38  ? 143 PHE A CZ  1 
ATOM   1113 N  N   . GLU A 1 144 ? -1.321  -10.209 12.803  1.00 59.81  ? 144 GLU A N   1 
ATOM   1114 C  CA  . GLU A 1 144 ? -1.055  -11.633 13.024  1.00 61.83  ? 144 GLU A CA  1 
ATOM   1115 C  C   . GLU A 1 144 ? -2.237  -12.322 13.647  1.00 62.43  ? 144 GLU A C   1 
ATOM   1116 O  O   . GLU A 1 144 ? -2.626  -13.397 13.201  1.00 63.31  ? 144 GLU A O   1 
ATOM   1117 C  CB  . GLU A 1 144 ? 0.137   -11.856 13.960  1.00 63.20  ? 144 GLU A CB  1 
ATOM   1118 C  CG  . GLU A 1 144 ? 1.462   -12.184 13.286  1.00 65.80  ? 144 GLU A CG  1 
ATOM   1119 C  CD  . GLU A 1 144 ? 1.556   -13.608 12.725  1.00 67.13  ? 144 GLU A CD  1 
ATOM   1120 O  OE1 . GLU A 1 144 ? 1.662   -14.586 13.508  1.00 66.78  ? 144 GLU A OE1 1 
ATOM   1121 O  OE2 . GLU A 1 144 ? 1.541   -13.743 11.484  1.00 68.49  ? 144 GLU A OE2 1 
ATOM   1122 N  N   . ASN A 1 145 ? -2.806  -11.726 14.690  1.00 62.72  ? 145 ASN A N   1 
ATOM   1123 C  CA  . ASN A 1 145 ? -3.939  -12.365 15.333  1.00 63.84  ? 145 ASN A CA  1 
ATOM   1124 C  C   . ASN A 1 145 ? -5.046  -12.641 14.350  1.00 62.97  ? 145 ASN A C   1 
ATOM   1125 O  O   . ASN A 1 145 ? -5.691  -13.677 14.428  1.00 64.56  ? 145 ASN A O   1 
ATOM   1126 C  CB  . ASN A 1 145 ? -4.512  -11.517 16.455  1.00 68.03  ? 145 ASN A CB  1 
ATOM   1127 C  CG  . ASN A 1 145 ? -3.540  -11.322 17.584  1.00 71.82  ? 145 ASN A CG  1 
ATOM   1128 O  OD1 . ASN A 1 145 ? -2.903  -12.280 18.042  1.00 73.27  ? 145 ASN A OD1 1 
ATOM   1129 N  ND2 . ASN A 1 145 ? -3.417  -10.070 18.057  1.00 73.19  ? 145 ASN A ND2 1 
ATOM   1130 N  N   . ARG A 1 146 ? -5.283  -11.719 13.424  1.00 61.27  ? 146 ARG A N   1 
ATOM   1131 C  CA  . ARG A 1 146 ? -6.350  -11.925 12.462  1.00 60.11  ? 146 ARG A CA  1 
ATOM   1132 C  C   . ARG A 1 146 ? -5.953  -12.901 11.358  1.00 59.86  ? 146 ARG A C   1 
ATOM   1133 O  O   . ARG A 1 146 ? -6.723  -13.817 11.035  1.00 59.49  ? 146 ARG A O   1 
ATOM   1134 C  CB  . ARG A 1 146 ? -6.795  -10.570 11.892  1.00 60.38  ? 146 ARG A CB  1 
ATOM   1135 C  CG  . ARG A 1 146 ? -7.056  -10.535 10.405  1.00 60.30  ? 146 ARG A CG  1 
ATOM   1136 C  CD  . ARG A 1 146 ? -8.236  -11.388 9.993   1.00 61.46  ? 146 ARG A CD  1 
ATOM   1137 N  NE  . ARG A 1 146 ? -9.508  -10.817 10.402  1.00 62.67  ? 146 ARG A NE  1 
ATOM   1138 C  CZ  . ARG A 1 146 ? -10.672 -11.096 9.824   1.00 63.25  ? 146 ARG A CZ  1 
ATOM   1139 N  NH1 . ARG A 1 146 ? -10.737 -11.940 8.808   1.00 60.79  ? 146 ARG A NH1 1 
ATOM   1140 N  NH2 . ARG A 1 146 ? -11.780 -10.512 10.250  1.00 65.76  ? 146 ARG A NH2 1 
ATOM   1141 N  N   . LEU A 1 147 ? -4.751  -12.713 10.800  1.00 59.78  ? 147 LEU A N   1 
ATOM   1142 C  CA  . LEU A 1 147 ? -4.244  -13.562 9.725   1.00 58.75  ? 147 LEU A CA  1 
ATOM   1143 C  C   . LEU A 1 147 ? -4.045  -15.003 10.153  1.00 60.50  ? 147 LEU A C   1 
ATOM   1144 O  O   . LEU A 1 147 ? -3.806  -15.884 9.326   1.00 62.18  ? 147 LEU A O   1 
ATOM   1145 C  CB  . LEU A 1 147 ? -2.917  -13.032 9.200   1.00 55.94  ? 147 LEU A CB  1 
ATOM   1146 C  CG  . LEU A 1 147 ? -2.938  -12.000 8.078   1.00 56.33  ? 147 LEU A CG  1 
ATOM   1147 C  CD1 . LEU A 1 147 ? -4.246  -12.062 7.304   1.00 55.58  ? 147 LEU A CD1 1 
ATOM   1148 C  CD2 . LEU A 1 147 ? -2.740  -10.646 8.679   1.00 59.18  ? 147 LEU A CD2 1 
ATOM   1149 N  N   . LYS A 1 148 ? -4.131  -15.245 11.450  1.00 61.20  ? 148 LYS A N   1 
ATOM   1150 C  CA  . LYS A 1 148 ? -3.948  -16.583 11.958  1.00 62.14  ? 148 LYS A CA  1 
ATOM   1151 C  C   . LYS A 1 148 ? -5.160  -17.460 11.690  1.00 61.43  ? 148 LYS A C   1 
ATOM   1152 O  O   . LYS A 1 148 ? -5.010  -18.644 11.448  1.00 62.71  ? 148 LYS A O   1 
ATOM   1153 C  CB  . LYS A 1 148 ? -3.652  -16.536 13.455  1.00 66.41  ? 148 LYS A CB  1 
ATOM   1154 C  CG  . LYS A 1 148 ? -3.517  -17.904 14.117  1.00 73.03  ? 148 LYS A CG  1 
ATOM   1155 C  CD  . LYS A 1 148 ? -3.056  -17.770 15.583  1.00 77.08  ? 148 LYS A CD  1 
ATOM   1156 C  CE  . LYS A 1 148 ? -2.856  -19.152 16.257  1.00 77.93  ? 148 LYS A CE  1 
ATOM   1157 N  NZ  . LYS A 1 148 ? -2.271  -19.062 17.642  1.00 77.12  ? 148 LYS A NZ  1 
ATOM   1158 N  N   . ASN A 1 149 ? -6.360  -16.896 11.719  1.00 61.12  ? 149 ASN A N   1 
ATOM   1159 C  CA  . ASN A 1 149 ? -7.557  -17.701 11.475  1.00 60.69  ? 149 ASN A CA  1 
ATOM   1160 C  C   . ASN A 1 149 ? -8.279  -17.228 10.239  1.00 59.55  ? 149 ASN A C   1 
ATOM   1161 O  O   . ASN A 1 149 ? -9.352  -17.730 9.906   1.00 59.63  ? 149 ASN A O   1 
ATOM   1162 C  CB  . ASN A 1 149 ? -8.510  -17.612 12.660  1.00 62.85  ? 149 ASN A CB  1 
ATOM   1163 C  CG  . ASN A 1 149 ? -7.782  -17.628 13.992  1.00 65.49  ? 149 ASN A CG  1 
ATOM   1164 O  OD1 . ASN A 1 149 ? -7.123  -18.619 14.346  1.00 67.89  ? 149 ASN A OD1 1 
ATOM   1165 N  ND2 . ASN A 1 149 ? -7.888  -16.522 14.735  1.00 64.65  ? 149 ASN A ND2 1 
ATOM   1166 N  N   . TYR A 1 150 ? -7.689  -16.248 9.571   1.00 58.05  ? 150 TYR A N   1 
ATOM   1167 C  CA  . TYR A 1 150 ? -8.272  -15.693 8.366   1.00 57.74  ? 150 TYR A CA  1 
ATOM   1168 C  C   . TYR A 1 150 ? -7.219  -15.494 7.268   1.00 56.80  ? 150 TYR A C   1 
ATOM   1169 O  O   . TYR A 1 150 ? -6.086  -15.077 7.521   1.00 55.97  ? 150 TYR A O   1 
ATOM   1170 C  CB  . TYR A 1 150 ? -8.974  -14.374 8.710   1.00 59.79  ? 150 TYR A CB  1 
ATOM   1171 C  CG  . TYR A 1 150 ? -10.126 -14.543 9.689   1.00 60.77  ? 150 TYR A CG  1 
ATOM   1172 C  CD1 . TYR A 1 150 ? -11.442 -14.678 9.233   1.00 60.31  ? 150 TYR A CD1 1 
ATOM   1173 C  CD2 . TYR A 1 150 ? -9.890  -14.606 11.064  1.00 61.48  ? 150 TYR A CD2 1 
ATOM   1174 C  CE1 . TYR A 1 150 ? -12.491 -14.872 10.113  1.00 61.55  ? 150 TYR A CE1 1 
ATOM   1175 C  CE2 . TYR A 1 150 ? -10.932 -14.805 11.953  1.00 62.38  ? 150 TYR A CE2 1 
ATOM   1176 C  CZ  . TYR A 1 150 ? -12.237 -14.939 11.474  1.00 62.42  ? 150 TYR A CZ  1 
ATOM   1177 O  OH  . TYR A 1 150 ? -13.283 -15.148 12.360  1.00 61.58  ? 150 TYR A OH  1 
ATOM   1178 N  N   . THR A 1 151 ? -7.605  -15.804 6.042   1.00 55.00  ? 151 THR A N   1 
ATOM   1179 C  CA  . THR A 1 151 ? -6.696  -15.667 4.926   1.00 53.06  ? 151 THR A CA  1 
ATOM   1180 C  C   . THR A 1 151 ? -6.370  -14.218 4.626   1.00 53.16  ? 151 THR A C   1 
ATOM   1181 O  O   . THR A 1 151 ? -5.201  -13.847 4.471   1.00 53.68  ? 151 THR A O   1 
ATOM   1182 C  CB  . THR A 1 151 ? -7.298  -16.249 3.656   1.00 52.06  ? 151 THR A CB  1 
ATOM   1183 O  OG1 . THR A 1 151 ? -7.646  -17.617 3.880   1.00 51.67  ? 151 THR A OG1 1 
ATOM   1184 C  CG2 . THR A 1 151 ? -6.303  -16.148 2.516   1.00 51.17  ? 151 THR A CG2 1 
ATOM   1185 N  N   . TYR A 1 152 ? -7.425  -13.418 4.519   1.00 52.98  ? 152 TYR A N   1 
ATOM   1186 C  CA  . TYR A 1 152 ? -7.290  -12.014 4.198   1.00 53.39  ? 152 TYR A CA  1 
ATOM   1187 C  C   . TYR A 1 152 ? -7.707  -11.190 5.388   1.00 53.10  ? 152 TYR A C   1 
ATOM   1188 O  O   . TYR A 1 152 ? -8.258  -11.732 6.346   1.00 54.02  ? 152 TYR A O   1 
ATOM   1189 C  CB  . TYR A 1 152 ? -8.135  -11.710 2.972   1.00 55.58  ? 152 TYR A CB  1 
ATOM   1190 C  CG  . TYR A 1 152 ? -7.722  -12.577 1.815   1.00 56.89  ? 152 TYR A CG  1 
ATOM   1191 C  CD1 . TYR A 1 152 ? -6.413  -12.539 1.352   1.00 57.63  ? 152 TYR A CD1 1 
ATOM   1192 C  CD2 . TYR A 1 152 ? -8.631  -13.429 1.182   1.00 58.34  ? 152 TYR A CD2 1 
ATOM   1193 C  CE1 . TYR A 1 152 ? -6.009  -13.317 0.286   1.00 60.18  ? 152 TYR A CE1 1 
ATOM   1194 C  CE2 . TYR A 1 152 ? -8.240  -14.219 0.104   1.00 60.07  ? 152 TYR A CE2 1 
ATOM   1195 C  CZ  . TYR A 1 152 ? -6.924  -14.152 -0.340  1.00 60.88  ? 152 TYR A CZ  1 
ATOM   1196 O  OH  . TYR A 1 152 ? -6.513  -14.885 -1.428  1.00 62.04  ? 152 TYR A OH  1 
ATOM   1197 N  N   . LEU A 1 153 ? -7.451  -9.886  5.326   1.00 52.20  ? 153 LEU A N   1 
ATOM   1198 C  CA  . LEU A 1 153 ? -7.755  -8.994  6.440   1.00 52.45  ? 153 LEU A CA  1 
ATOM   1199 C  C   . LEU A 1 153 ? -9.222  -8.707  6.736   1.00 53.04  ? 153 LEU A C   1 
ATOM   1200 O  O   . LEU A 1 153 ? -9.678  -8.881  7.857   1.00 53.81  ? 153 LEU A O   1 
ATOM   1201 C  CB  . LEU A 1 153 ? -7.029  -7.668  6.252   1.00 51.28  ? 153 LEU A CB  1 
ATOM   1202 C  CG  . LEU A 1 153 ? -5.518  -7.726  6.104   1.00 52.17  ? 153 LEU A CG  1 
ATOM   1203 C  CD1 . LEU A 1 153 ? -4.963  -6.326  5.838   1.00 53.23  ? 153 LEU A CD1 1 
ATOM   1204 C  CD2 . LEU A 1 153 ? -4.933  -8.317  7.359   1.00 51.54  ? 153 LEU A CD2 1 
ATOM   1205 N  N   . ALA A 1 154 ? -9.976  -8.268  5.741   1.00 53.24  ? 154 ALA A N   1 
ATOM   1206 C  CA  . ALA A 1 154 ? -11.359 -7.918  6.004   1.00 52.74  ? 154 ALA A CA  1 
ATOM   1207 C  C   . ALA A 1 154 ? -12.382 -8.852  5.415   1.00 52.74  ? 154 ALA A C   1 
ATOM   1208 O  O   . ALA A 1 154 ? -13.567 -8.711  5.700   1.00 52.02  ? 154 ALA A O   1 
ATOM   1209 C  CB  . ALA A 1 154 ? -11.638 -6.497  5.518   1.00 51.41  ? 154 ALA A CB  1 
ATOM   1210 N  N   . THR A 1 155 ? -11.949 -9.812  4.604   1.00 53.64  ? 155 THR A N   1 
ATOM   1211 C  CA  . THR A 1 155 ? -12.913 -10.722 3.970   1.00 53.38  ? 155 THR A CA  1 
ATOM   1212 C  C   . THR A 1 155 ? -12.301 -12.050 3.529   1.00 54.40  ? 155 THR A C   1 
ATOM   1213 O  O   . THR A 1 155 ? -11.222 -12.428 3.996   1.00 54.74  ? 155 THR A O   1 
ATOM   1214 C  CB  . THR A 1 155 ? -13.550 -10.027 2.753   1.00 51.51  ? 155 THR A CB  1 
ATOM   1215 O  OG1 . THR A 1 155 ? -12.513 -9.590  1.859   1.00 52.10  ? 155 THR A OG1 1 
ATOM   1216 C  CG2 . THR A 1 155 ? -14.355 -8.802  3.199   1.00 49.47  ? 155 THR A CG2 1 
ATOM   1217 N  N   . GLU A 1 156 ? -12.985 -12.789 2.661   1.00 54.28  ? 156 GLU A N   1 
ATOM   1218 C  CA  . GLU A 1 156 ? -12.390 -14.042 2.202   1.00 55.04  ? 156 GLU A CA  1 
ATOM   1219 C  C   . GLU A 1 156 ? -11.958 -13.880 0.756   1.00 54.85  ? 156 GLU A C   1 
ATOM   1220 O  O   . GLU A 1 156 ? -12.029 -14.810 -0.041  1.00 55.53  ? 156 GLU A O   1 
ATOM   1221 C  CB  . GLU A 1 156 ? -13.353 -15.211 2.362   1.00 54.34  ? 156 GLU A CB  1 
ATOM   1222 C  CG  . GLU A 1 156 ? -13.658 -15.535 3.805   1.00 57.65  ? 156 GLU A CG  1 
ATOM   1223 C  CD  . GLU A 1 156 ? -12.456 -16.069 4.592   1.00 60.88  ? 156 GLU A CD  1 
ATOM   1224 O  OE1 . GLU A 1 156 ? -11.411 -15.379 4.703   1.00 63.25  ? 156 GLU A OE1 1 
ATOM   1225 O  OE2 . GLU A 1 156 ? -12.559 -17.193 5.121   1.00 62.50  ? 156 GLU A OE2 1 
ATOM   1226 N  N   . ASN A 1 157 ? -11.505 -12.670 0.438   1.00 53.61  ? 157 ASN A N   1 
ATOM   1227 C  CA  . ASN A 1 157 ? -11.032 -12.309 -0.889  1.00 53.47  ? 157 ASN A CA  1 
ATOM   1228 C  C   . ASN A 1 157 ? -10.021 -11.208 -0.722  1.00 53.86  ? 157 ASN A C   1 
ATOM   1229 O  O   . ASN A 1 157 ? -10.070 -10.467 0.264   1.00 56.84  ? 157 ASN A O   1 
ATOM   1230 C  CB  . ASN A 1 157 ? -12.166 -11.758 -1.715  1.00 53.20  ? 157 ASN A CB  1 
ATOM   1231 C  CG  . ASN A 1 157 ? -13.016 -12.827 -2.300  1.00 53.08  ? 157 ASN A CG  1 
ATOM   1232 O  OD1 . ASN A 1 157 ? -12.543 -13.629 -3.108  1.00 54.46  ? 157 ASN A OD1 1 
ATOM   1233 N  ND2 . ASN A 1 157 ? -14.284 -12.854 -1.912  1.00 53.55  ? 157 ASN A ND2 1 
ATOM   1234 N  N   . ILE A 1 158 ? -9.091  -11.083 -1.657  1.00 51.50  ? 158 ILE A N   1 
ATOM   1235 C  CA  . ILE A 1 158 ? -8.147  -9.988  -1.531  1.00 49.34  ? 158 ILE A CA  1 
ATOM   1236 C  C   . ILE A 1 158 ? -8.963  -8.710  -1.736  1.00 48.97  ? 158 ILE A C   1 
ATOM   1237 O  O   . ILE A 1 158 ? -9.547  -8.503  -2.796  1.00 50.92  ? 158 ILE A O   1 
ATOM   1238 C  CB  . ILE A 1 158 ? -7.055  -10.031 -2.594  1.00 48.37  ? 158 ILE A CB  1 
ATOM   1239 C  CG1 . ILE A 1 158 ? -6.062  -11.140 -2.254  1.00 47.47  ? 158 ILE A CG1 1 
ATOM   1240 C  CG2 . ILE A 1 158 ? -6.389  -8.656  -2.709  1.00 46.20  ? 158 ILE A CG2 1 
ATOM   1241 C  CD1 . ILE A 1 158 ? -4.856  -11.179 -3.165  1.00 44.66  ? 158 ILE A CD1 1 
ATOM   1242 N  N   . SER A 1 159 ? -9.001  -7.866  -0.716  1.00 46.84  ? 159 SER A N   1 
ATOM   1243 C  CA  . SER A 1 159 ? -9.740  -6.610  -0.770  1.00 45.10  ? 159 SER A CA  1 
ATOM   1244 C  C   . SER A 1 159 ? -8.797  -5.427  -0.838  1.00 44.61  ? 159 SER A C   1 
ATOM   1245 O  O   . SER A 1 159 ? -7.603  -5.531  -0.526  1.00 43.85  ? 159 SER A O   1 
ATOM   1246 C  CB  . SER A 1 159 ? -10.603 -6.456  0.488   1.00 44.86  ? 159 SER A CB  1 
ATOM   1247 O  OG  . SER A 1 159 ? -9.850  -6.756  1.659   1.00 43.65  ? 159 SER A OG  1 
ATOM   1248 N  N   . LEU A 1 160 ? -9.343  -4.289  -1.227  1.00 43.36  ? 160 LEU A N   1 
ATOM   1249 C  CA  . LEU A 1 160 ? -8.556  -3.083  -1.289  1.00 43.01  ? 160 LEU A CA  1 
ATOM   1250 C  C   . LEU A 1 160 ? -7.709  -2.990  -0.014  1.00 44.05  ? 160 LEU A C   1 
ATOM   1251 O  O   . LEU A 1 160 ? -6.592  -2.463  -0.049  1.00 43.47  ? 160 LEU A O   1 
ATOM   1252 C  CB  . LEU A 1 160 ? -9.467  -1.874  -1.376  1.00 41.07  ? 160 LEU A CB  1 
ATOM   1253 C  CG  . LEU A 1 160 ? -8.923  -0.663  -2.130  1.00 42.98  ? 160 LEU A CG  1 
ATOM   1254 C  CD1 . LEU A 1 160 ? -9.443  0.564   -1.423  1.00 43.18  ? 160 LEU A CD1 1 
ATOM   1255 C  CD2 . LEU A 1 160 ? -7.394  -0.642  -2.182  1.00 42.95  ? 160 LEU A CD2 1 
ATOM   1256 N  N   . ALA A 1 161 ? -8.229  -3.499  1.110   1.00 45.07  ? 161 ALA A N   1 
ATOM   1257 C  CA  . ALA A 1 161 ? -7.476  -3.461  2.369   1.00 47.13  ? 161 ALA A CA  1 
ATOM   1258 C  C   . ALA A 1 161 ? -6.156  -4.225  2.246   1.00 49.59  ? 161 ALA A C   1 
ATOM   1259 O  O   . ALA A 1 161 ? -5.071  -3.660  2.422   1.00 50.56  ? 161 ALA A O   1 
ATOM   1260 C  CB  . ALA A 1 161 ? -8.289  -4.043  3.492   1.00 45.28  ? 161 ALA A CB  1 
ATOM   1261 N  N   . ASP A 1 162 ? -6.249  -5.512  1.947   1.00 49.61  ? 162 ASP A N   1 
ATOM   1262 C  CA  . ASP A 1 162 ? -5.064  -6.337  1.789   1.00 49.80  ? 162 ASP A CA  1 
ATOM   1263 C  C   . ASP A 1 162 ? -4.068  -5.678  0.861   1.00 50.56  ? 162 ASP A C   1 
ATOM   1264 O  O   . ASP A 1 162 ? -2.883  -5.613  1.167   1.00 51.09  ? 162 ASP A O   1 
ATOM   1265 C  CB  . ASP A 1 162 ? -5.467  -7.673  1.220   1.00 50.37  ? 162 ASP A CB  1 
ATOM   1266 C  CG  . ASP A 1 162 ? -6.518  -8.338  2.052   1.00 50.61  ? 162 ASP A CG  1 
ATOM   1267 O  OD1 . ASP A 1 162 ? -6.166  -8.761  3.166   1.00 49.66  ? 162 ASP A OD1 1 
ATOM   1268 O  OD2 . ASP A 1 162 ? -7.686  -8.423  1.611   1.00 51.35  ? 162 ASP A OD2 1 
ATOM   1269 N  N   . LEU A 1 163 ? -4.547  -5.185  -0.273  1.00 51.42  ? 163 LEU A N   1 
ATOM   1270 C  CA  . LEU A 1 163 ? -3.643  -4.541  -1.205  1.00 52.69  ? 163 LEU A CA  1 
ATOM   1271 C  C   . LEU A 1 163 ? -2.831  -3.455  -0.537  1.00 52.90  ? 163 LEU A C   1 
ATOM   1272 O  O   . LEU A 1 163 ? -1.612  -3.521  -0.506  1.00 54.75  ? 163 LEU A O   1 
ATOM   1273 C  CB  . LEU A 1 163 ? -4.415  -3.957  -2.377  1.00 53.52  ? 163 LEU A CB  1 
ATOM   1274 C  CG  . LEU A 1 163 ? -4.978  -5.039  -3.303  1.00 56.55  ? 163 LEU A CG  1 
ATOM   1275 C  CD1 . LEU A 1 163 ? -5.673  -4.365  -4.469  1.00 57.80  ? 163 LEU A CD1 1 
ATOM   1276 C  CD2 . LEU A 1 163 ? -3.863  -5.950  -3.807  1.00 55.97  ? 163 LEU A CD2 1 
ATOM   1277 N  N   . VAL A 1 164 ? -3.510  -2.457  0.005   1.00 52.17  ? 164 VAL A N   1 
ATOM   1278 C  CA  . VAL A 1 164 ? -2.817  -1.366  0.662   1.00 49.19  ? 164 VAL A CA  1 
ATOM   1279 C  C   . VAL A 1 164 ? -1.967  -1.848  1.812   1.00 49.96  ? 164 VAL A C   1 
ATOM   1280 O  O   . VAL A 1 164 ? -0.763  -1.607  1.845   1.00 50.42  ? 164 VAL A O   1 
ATOM   1281 C  CB  . VAL A 1 164 ? -3.804  -0.341  1.165   1.00 47.02  ? 164 VAL A CB  1 
ATOM   1282 C  CG1 . VAL A 1 164 ? -3.121  0.620   2.129   1.00 44.22  ? 164 VAL A CG1 1 
ATOM   1283 C  CG2 . VAL A 1 164 ? -4.385  0.400   -0.028  1.00 43.72  ? 164 VAL A CG2 1 
ATOM   1284 N  N   . ALA A 1 165 ? -2.587  -2.525  2.764   1.00 50.34  ? 165 ALA A N   1 
ATOM   1285 C  CA  . ALA A 1 165 ? -1.843  -3.036  3.897   1.00 51.88  ? 165 ALA A CA  1 
ATOM   1286 C  C   . ALA A 1 165 ? -0.591  -3.788  3.411   1.00 53.18  ? 165 ALA A C   1 
ATOM   1287 O  O   . ALA A 1 165 ? 0.442   -3.780  4.077   1.00 54.96  ? 165 ALA A O   1 
ATOM   1288 C  CB  . ALA A 1 165 ? -2.729  -3.950  4.731   1.00 50.10  ? 165 ALA A CB  1 
ATOM   1289 N  N   . ALA A 1 166 ? -0.671  -4.426  2.244   1.00 52.84  ? 166 ALA A N   1 
ATOM   1290 C  CA  . ALA A 1 166 ? 0.489   -5.154  1.725   1.00 53.46  ? 166 ALA A CA  1 
ATOM   1291 C  C   . ALA A 1 166 ? 1.603   -4.200  1.345   1.00 54.85  ? 166 ALA A C   1 
ATOM   1292 O  O   . ALA A 1 166 ? 2.771   -4.445  1.642   1.00 55.37  ? 166 ALA A O   1 
ATOM   1293 C  CB  . ALA A 1 166 ? 0.100   -5.990  0.515   1.00 53.47  ? 166 ALA A CB  1 
ATOM   1294 N  N   . SER A 1 167 ? 1.238   -3.110  0.680   1.00 56.63  ? 167 SER A N   1 
ATOM   1295 C  CA  . SER A 1 167 ? 2.214   -2.119  0.256   1.00 57.74  ? 167 SER A CA  1 
ATOM   1296 C  C   . SER A 1 167 ? 2.896   -1.487  1.462   1.00 58.11  ? 167 SER A C   1 
ATOM   1297 O  O   . SER A 1 167 ? 4.098   -1.232  1.451   1.00 59.10  ? 167 SER A O   1 
ATOM   1298 C  CB  . SER A 1 167 ? 1.537   -1.029  -0.572  1.00 58.15  ? 167 SER A CB  1 
ATOM   1299 O  OG  . SER A 1 167 ? 0.743   -0.199  0.255   1.00 59.91  ? 167 SER A OG  1 
ATOM   1300 N  N   . ILE A 1 168 ? 2.138   -1.236  2.514   1.00 58.63  ? 168 ILE A N   1 
ATOM   1301 C  CA  . ILE A 1 168 ? 2.734   -0.623  3.682   1.00 60.27  ? 168 ILE A CA  1 
ATOM   1302 C  C   . ILE A 1 168 ? 3.769   -1.534  4.327   1.00 60.83  ? 168 ILE A C   1 
ATOM   1303 O  O   . ILE A 1 168 ? 4.914   -1.120  4.576   1.00 60.86  ? 168 ILE A O   1 
ATOM   1304 C  CB  . ILE A 1 168 ? 1.637   -0.226  4.673   1.00 61.26  ? 168 ILE A CB  1 
ATOM   1305 C  CG1 . ILE A 1 168 ? 0.868   0.952   4.067   1.00 61.79  ? 168 ILE A CG1 1 
ATOM   1306 C  CG2 . ILE A 1 168 ? 2.233   0.121   6.042   1.00 61.63  ? 168 ILE A CG2 1 
ATOM   1307 C  CD1 . ILE A 1 168 ? -0.431  1.263   4.736   1.00 63.22  ? 168 ILE A CD1 1 
ATOM   1308 N  N   . PHE A 1 169 ? 3.372   -2.777  4.574   1.00 60.61  ? 169 PHE A N   1 
ATOM   1309 C  CA  . PHE A 1 169 ? 4.263   -3.756  5.169   1.00 59.75  ? 169 PHE A CA  1 
ATOM   1310 C  C   . PHE A 1 169 ? 5.601   -3.854  4.444   1.00 61.91  ? 169 PHE A C   1 
ATOM   1311 O  O   . PHE A 1 169 ? 6.639   -4.046  5.071   1.00 62.86  ? 169 PHE A O   1 
ATOM   1312 C  CB  . PHE A 1 169 ? 3.582   -5.108  5.176   1.00 54.99  ? 169 PHE A CB  1 
ATOM   1313 C  CG  . PHE A 1 169 ? 2.993   -5.469  6.495   1.00 52.06  ? 169 PHE A CG  1 
ATOM   1314 C  CD1 . PHE A 1 169 ? 3.822   -5.799  7.555   1.00 50.65  ? 169 PHE A CD1 1 
ATOM   1315 C  CD2 . PHE A 1 169 ? 1.609   -5.492  6.688   1.00 51.48  ? 169 PHE A CD2 1 
ATOM   1316 C  CE1 . PHE A 1 169 ? 3.288   -6.163  8.801   1.00 50.33  ? 169 PHE A CE1 1 
ATOM   1317 C  CE2 . PHE A 1 169 ? 1.065   -5.853  7.933   1.00 50.42  ? 169 PHE A CE2 1 
ATOM   1318 C  CZ  . PHE A 1 169 ? 1.910   -6.187  8.991   1.00 48.66  ? 169 PHE A CZ  1 
ATOM   1319 N  N   . THR A 1 170 ? 5.578   -3.714  3.124   1.00 63.27  ? 170 THR A N   1 
ATOM   1320 C  CA  . THR A 1 170 ? 6.797   -3.780  2.327   1.00 65.69  ? 170 THR A CA  1 
ATOM   1321 C  C   . THR A 1 170 ? 8.066   -3.242  3.022   1.00 67.17  ? 170 THR A C   1 
ATOM   1322 O  O   . THR A 1 170 ? 8.869   -4.032  3.522   1.00 66.92  ? 170 THR A O   1 
ATOM   1323 C  CB  . THR A 1 170 ? 6.548   -3.077  1.005   1.00 65.89  ? 170 THR A CB  1 
ATOM   1324 O  OG1 . THR A 1 170 ? 5.435   -3.718  0.369   1.00 66.15  ? 170 THR A OG1 1 
ATOM   1325 C  CG2 . THR A 1 170 ? 7.752   -3.166  0.105   1.00 66.35  ? 170 THR A CG2 1 
ATOM   1326 N  N   . ARG A 1 171 ? 8.246   -1.925  3.078   1.00 68.90  ? 171 ARG A N   1 
ATOM   1327 C  CA  . ARG A 1 171 ? 9.432   -1.354  3.728   1.00 70.53  ? 171 ARG A CA  1 
ATOM   1328 C  C   . ARG A 1 171 ? 9.828   -2.033  5.052   1.00 71.35  ? 171 ARG A C   1 
ATOM   1329 O  O   . ARG A 1 171 ? 11.007  -2.101  5.391   1.00 71.34  ? 171 ARG A O   1 
ATOM   1330 C  CB  . ARG A 1 171 ? 9.230   0.141   3.964   1.00 70.96  ? 171 ARG A CB  1 
ATOM   1331 C  CG  . ARG A 1 171 ? 8.938   0.919   2.687   1.00 72.88  ? 171 ARG A CG  1 
ATOM   1332 C  CD  . ARG A 1 171 ? 10.125  0.931   1.714   1.00 73.59  ? 171 ARG A CD  1 
ATOM   1333 N  NE  . ARG A 1 171 ? 9.722   0.608   0.344   1.00 74.26  ? 171 ARG A NE  1 
ATOM   1334 C  CZ  . ARG A 1 171 ? 10.170  1.224   -0.751  1.00 73.67  ? 171 ARG A CZ  1 
ATOM   1335 N  NH1 . ARG A 1 171 ? 11.048  2.217   -0.648  1.00 75.28  ? 171 ARG A NH1 1 
ATOM   1336 N  NH2 . ARG A 1 171 ? 9.747   0.845   -1.953  1.00 70.00  ? 171 ARG A NH2 1 
ATOM   1337 N  N   . TYR A 1 172 ? 8.858   -2.520  5.813   1.00 72.31  ? 172 TYR A N   1 
ATOM   1338 C  CA  . TYR A 1 172 ? 9.194   -3.207  7.058   1.00 73.83  ? 172 TYR A CA  1 
ATOM   1339 C  C   . TYR A 1 172 ? 9.888   -4.545  6.749   1.00 74.84  ? 172 TYR A C   1 
ATOM   1340 O  O   . TYR A 1 172 ? 10.860  -4.917  7.403   1.00 75.67  ? 172 TYR A O   1 
ATOM   1341 C  CB  . TYR A 1 172 ? 7.941   -3.456  7.883   1.00 73.60  ? 172 TYR A CB  1 
ATOM   1342 C  CG  . TYR A 1 172 ? 7.469   -2.260  8.657   1.00 74.10  ? 172 TYR A CG  1 
ATOM   1343 C  CD1 . TYR A 1 172 ? 8.161   -1.814  9.780   1.00 74.34  ? 172 TYR A CD1 1 
ATOM   1344 C  CD2 . TYR A 1 172 ? 6.304   -1.589  8.291   1.00 75.51  ? 172 TYR A CD2 1 
ATOM   1345 C  CE1 . TYR A 1 172 ? 7.700   -0.726  10.530  1.00 74.52  ? 172 TYR A CE1 1 
ATOM   1346 C  CE2 . TYR A 1 172 ? 5.837   -0.501  9.030   1.00 75.73  ? 172 TYR A CE2 1 
ATOM   1347 C  CZ  . TYR A 1 172 ? 6.539   -0.076  10.147  1.00 74.90  ? 172 TYR A CZ  1 
ATOM   1348 O  OH  . TYR A 1 172 ? 6.058   0.981   10.881  1.00 73.73  ? 172 TYR A OH  1 
ATOM   1349 N  N   . PHE A 1 173 ? 9.390   -5.266  5.750   1.00 74.47  ? 173 PHE A N   1 
ATOM   1350 C  CA  . PHE A 1 173 ? 9.992   -6.535  5.381   1.00 74.04  ? 173 PHE A CA  1 
ATOM   1351 C  C   . PHE A 1 173 ? 11.348  -6.324  4.765   1.00 74.92  ? 173 PHE A C   1 
ATOM   1352 O  O   . PHE A 1 173 ? 12.059  -7.274  4.500   1.00 75.44  ? 173 PHE A O   1 
ATOM   1353 C  CB  . PHE A 1 173 ? 9.119   -7.288  4.388   1.00 72.51  ? 173 PHE A CB  1 
ATOM   1354 C  CG  . PHE A 1 173 ? 7.994   -8.011  5.027   1.00 69.91  ? 173 PHE A CG  1 
ATOM   1355 C  CD1 . PHE A 1 173 ? 8.238   -8.959  6.009   1.00 68.72  ? 173 PHE A CD1 1 
ATOM   1356 C  CD2 . PHE A 1 173 ? 6.685   -7.702  4.694   1.00 69.53  ? 173 PHE A CD2 1 
ATOM   1357 C  CE1 . PHE A 1 173 ? 7.199   -9.591  6.658   1.00 69.48  ? 173 PHE A CE1 1 
ATOM   1358 C  CE2 . PHE A 1 173 ? 5.626   -8.328  5.337   1.00 69.71  ? 173 PHE A CE2 1 
ATOM   1359 C  CZ  . PHE A 1 173 ? 5.884   -9.276  6.329   1.00 70.58  ? 173 PHE A CZ  1 
ATOM   1360 N  N   . GLU A 1 174 ? 11.716  -5.078  4.531   1.00 76.02  ? 174 GLU A N   1 
ATOM   1361 C  CA  . GLU A 1 174 ? 13.007  -4.806  3.930   1.00 76.45  ? 174 GLU A CA  1 
ATOM   1362 C  C   . GLU A 1 174 ? 14.026  -4.282  4.917   1.00 76.99  ? 174 GLU A C   1 
ATOM   1363 O  O   . GLU A 1 174 ? 15.224  -4.363  4.666   1.00 77.73  ? 174 GLU A O   1 
ATOM   1364 C  CB  . GLU A 1 174 ? 12.852  -3.803  2.798   1.00 75.89  ? 174 GLU A CB  1 
ATOM   1365 C  CG  . GLU A 1 174 ? 11.919  -4.284  1.734   1.00 77.89  ? 174 GLU A CG  1 
ATOM   1366 C  CD  . GLU A 1 174 ? 11.970  -3.426  0.489   1.00 79.85  ? 174 GLU A CD  1 
ATOM   1367 O  OE1 . GLU A 1 174 ? 11.724  -2.200  0.592   1.00 81.03  ? 174 GLU A OE1 1 
ATOM   1368 O  OE2 . GLU A 1 174 ? 12.257  -3.985  -0.595  1.00 80.99  ? 174 GLU A OE2 1 
ATOM   1369 N  N   . SER A 1 175 ? 13.567  -3.755  6.045   1.00 77.09  ? 175 SER A N   1 
ATOM   1370 C  CA  . SER A 1 175 ? 14.506  -3.196  6.994   1.00 77.90  ? 175 SER A CA  1 
ATOM   1371 C  C   . SER A 1 175 ? 14.319  -3.678  8.409   1.00 79.63  ? 175 SER A C   1 
ATOM   1372 O  O   . SER A 1 175 ? 15.253  -3.645  9.192   1.00 80.85  ? 175 SER A O   1 
ATOM   1373 C  CB  . SER A 1 175 ? 14.409  -1.670  6.977   1.00 77.06  ? 175 SER A CB  1 
ATOM   1374 O  OG  . SER A 1 175 ? 14.262  -1.181  5.655   1.00 78.02  ? 175 SER A OG  1 
ATOM   1375 N  N   . LEU A 1 176 ? 13.129  -4.137  8.755   1.00 80.95  ? 176 LEU A N   1 
ATOM   1376 C  CA  . LEU A 1 176 ? 12.933  -4.558  10.129  1.00 82.08  ? 176 LEU A CA  1 
ATOM   1377 C  C   . LEU A 1 176 ? 12.476  -5.980  10.362  1.00 83.49  ? 176 LEU A C   1 
ATOM   1378 O  O   . LEU A 1 176 ? 12.716  -6.533  11.427  1.00 83.19  ? 176 LEU A O   1 
ATOM   1379 C  CB  . LEU A 1 176 ? 11.953  -3.612  10.826  1.00 82.45  ? 176 LEU A CB  1 
ATOM   1380 C  CG  . LEU A 1 176 ? 12.408  -2.164  10.947  1.00 83.00  ? 176 LEU A CG  1 
ATOM   1381 C  CD1 . LEU A 1 176 ? 11.348  -1.361  11.667  1.00 83.09  ? 176 LEU A CD1 1 
ATOM   1382 C  CD2 . LEU A 1 176 ? 13.712  -2.117  11.701  1.00 83.79  ? 176 LEU A CD2 1 
ATOM   1383 N  N   . PHE A 1 177 ? 11.812  -6.578  9.389   1.00 85.99  ? 177 PHE A N   1 
ATOM   1384 C  CA  . PHE A 1 177 ? 11.324  -7.929  9.592   1.00 88.57  ? 177 PHE A CA  1 
ATOM   1385 C  C   . PHE A 1 177 ? 12.240  -8.961  8.995   1.00 91.19  ? 177 PHE A C   1 
ATOM   1386 O  O   . PHE A 1 177 ? 12.094  -9.330  7.827   1.00 92.33  ? 177 PHE A O   1 
ATOM   1387 C  CB  . PHE A 1 177 ? 9.937   -8.065  9.000   1.00 88.43  ? 177 PHE A CB  1 
ATOM   1388 C  CG  . PHE A 1 177 ? 8.957   -7.090  9.563   1.00 88.47  ? 177 PHE A CG  1 
ATOM   1389 C  CD1 . PHE A 1 177 ? 9.158   -6.526  10.817  1.00 87.67  ? 177 PHE A CD1 1 
ATOM   1390 C  CD2 . PHE A 1 177 ? 7.811   -6.760  8.864   1.00 88.67  ? 177 PHE A CD2 1 
ATOM   1391 C  CE1 . PHE A 1 177 ? 8.230   -5.651  11.361  1.00 86.24  ? 177 PHE A CE1 1 
ATOM   1392 C  CE2 . PHE A 1 177 ? 6.879   -5.885  9.408   1.00 87.72  ? 177 PHE A CE2 1 
ATOM   1393 C  CZ  . PHE A 1 177 ? 7.090   -5.333  10.655  1.00 86.04  ? 177 PHE A CZ  1 
ATOM   1394 N  N   . GLY A 1 178 ? 13.176  -9.442  9.807   1.00 92.80  ? 178 GLY A N   1 
ATOM   1395 C  CA  . GLY A 1 178 ? 14.124  -10.427 9.328   1.00 93.99  ? 178 GLY A CA  1 
ATOM   1396 C  C   . GLY A 1 178 ? 13.711  -11.863 9.542   1.00 94.85  ? 178 GLY A C   1 
ATOM   1397 O  O   . GLY A 1 178 ? 12.524  -12.189 9.644   1.00 95.37  ? 178 GLY A O   1 
ATOM   1398 N  N   . THR A 1 179 ? 14.703  -12.737 9.611   1.00 95.08  ? 179 THR A N   1 
ATOM   1399 C  CA  . THR A 1 179 ? 14.434  -14.143 9.806   1.00 95.14  ? 179 THR A CA  1 
ATOM   1400 C  C   . THR A 1 179 ? 13.729  -14.388 11.137  1.00 94.87  ? 179 THR A C   1 
ATOM   1401 O  O   . THR A 1 179 ? 12.630  -14.934 11.164  1.00 94.99  ? 179 THR A O   1 
ATOM   1402 C  CB  . THR A 1 179 ? 15.736  -14.950 9.729   1.00 95.55  ? 179 THR A CB  1 
ATOM   1403 O  OG1 . THR A 1 179 ? 16.370  -14.703 8.463   1.00 93.93  ? 179 THR A OG1 1 
ATOM   1404 C  CG2 . THR A 1 179 ? 15.448  -16.443 9.868   1.00 95.42  ? 179 THR A CG2 1 
ATOM   1405 N  N   . GLU A 1 180 ? 14.343  -13.977 12.237  1.00 94.58  ? 180 GLU A N   1 
ATOM   1406 C  CA  . GLU A 1 180 ? 13.727  -14.180 13.547  1.00 94.66  ? 180 GLU A CA  1 
ATOM   1407 C  C   . GLU A 1 180 ? 12.305  -13.628 13.616  1.00 93.73  ? 180 GLU A C   1 
ATOM   1408 O  O   . GLU A 1 180 ? 11.442  -14.197 14.293  1.00 94.37  ? 180 GLU A O   1 
ATOM   1409 C  CB  . GLU A 1 180 ? 14.581  -13.540 14.648  1.00 95.80  ? 180 GLU A CB  1 
ATOM   1410 C  CG  . GLU A 1 180 ? 15.786  -14.378 15.068  1.00 98.70  ? 180 GLU A CG  1 
ATOM   1411 C  CD  . GLU A 1 180 ? 15.386  -15.765 15.578  1.00 99.76  ? 180 GLU A CD  1 
ATOM   1412 O  OE1 . GLU A 1 180 ? 14.436  -15.847 16.387  1.00 100.46 ? 180 GLU A OE1 1 
ATOM   1413 O  OE2 . GLU A 1 180 ? 16.021  -16.771 15.178  1.00 99.53  ? 180 GLU A OE2 1 
ATOM   1414 N  N   . TRP A 1 181 ? 12.065  -12.526 12.911  1.00 91.36  ? 181 TRP A N   1 
ATOM   1415 C  CA  . TRP A 1 181 ? 10.750  -11.897 12.886  1.00 88.36  ? 181 TRP A CA  1 
ATOM   1416 C  C   . TRP A 1 181 ? 9.753   -12.775 12.145  1.00 86.35  ? 181 TRP A C   1 
ATOM   1417 O  O   . TRP A 1 181 ? 8.708   -13.159 12.683  1.00 85.65  ? 181 TRP A O   1 
ATOM   1418 C  CB  . TRP A 1 181 ? 10.815  -10.540 12.183  1.00 88.89  ? 181 TRP A CB  1 
ATOM   1419 C  CG  . TRP A 1 181 ? 9.568   -9.752  12.398  1.00 88.99  ? 181 TRP A CG  1 
ATOM   1420 C  CD1 . TRP A 1 181 ? 9.284   -8.950  13.464  1.00 88.78  ? 181 TRP A CD1 1 
ATOM   1421 C  CD2 . TRP A 1 181 ? 8.389   -9.774  11.593  1.00 89.06  ? 181 TRP A CD2 1 
ATOM   1422 N  NE1 . TRP A 1 181 ? 8.004   -8.479  13.379  1.00 89.72  ? 181 TRP A NE1 1 
ATOM   1423 C  CE2 . TRP A 1 181 ? 7.426   -8.967  12.237  1.00 89.50  ? 181 TRP A CE2 1 
ATOM   1424 C  CE3 . TRP A 1 181 ? 8.044   -10.403 10.387  1.00 88.59  ? 181 TRP A CE3 1 
ATOM   1425 C  CZ2 . TRP A 1 181 ? 6.147   -8.769  11.724  1.00 89.11  ? 181 TRP A CZ2 1 
ATOM   1426 C  CZ3 . TRP A 1 181 ? 6.769   -10.207 9.873   1.00 87.99  ? 181 TRP A CZ3 1 
ATOM   1427 C  CH2 . TRP A 1 181 ? 5.836   -9.394  10.544  1.00 88.79  ? 181 TRP A CH2 1 
ATOM   1428 N  N   . ARG A 1 182 ? 10.088  -13.076 10.894  1.00 83.87  ? 182 ARG A N   1 
ATOM   1429 C  CA  . ARG A 1 182 ? 9.232   -13.894 10.064  1.00 81.14  ? 182 ARG A CA  1 
ATOM   1430 C  C   . ARG A 1 182 ? 8.988   -15.251 10.696  1.00 79.93  ? 182 ARG A C   1 
ATOM   1431 O  O   . ARG A 1 182 ? 8.001   -15.913 10.392  1.00 80.30  ? 182 ARG A O   1 
ATOM   1432 C  CB  . ARG A 1 182 ? 9.849   -14.069 8.683   1.00 80.57  ? 182 ARG A CB  1 
ATOM   1433 C  CG  . ARG A 1 182 ? 9.879   -12.809 7.857   1.00 80.32  ? 182 ARG A CG  1 
ATOM   1434 C  CD  . ARG A 1 182 ? 10.238  -13.162 6.436   1.00 82.27  ? 182 ARG A CD  1 
ATOM   1435 N  NE  . ARG A 1 182 ? 11.636  -13.554 6.330   1.00 84.51  ? 182 ARG A NE  1 
ATOM   1436 C  CZ  . ARG A 1 182 ? 12.630  -12.693 6.124   1.00 85.76  ? 182 ARG A CZ  1 
ATOM   1437 N  NH1 . ARG A 1 182 ? 12.373  -11.403 5.994   1.00 85.62  ? 182 ARG A NH1 1 
ATOM   1438 N  NH2 . ARG A 1 182 ? 13.883  -13.119 6.065   1.00 87.60  ? 182 ARG A NH2 1 
ATOM   1439 N  N   . ALA A 1 183 ? 9.877   -15.666 11.589  1.00 78.88  ? 183 ALA A N   1 
ATOM   1440 C  CA  . ALA A 1 183 ? 9.742   -16.964 12.246  1.00 77.86  ? 183 ALA A CA  1 
ATOM   1441 C  C   . ALA A 1 183 ? 8.640   -16.968 13.300  1.00 77.14  ? 183 ALA A C   1 
ATOM   1442 O  O   . ALA A 1 183 ? 8.008   -17.995 13.555  1.00 75.48  ? 183 ALA A O   1 
ATOM   1443 C  CB  . ALA A 1 183 ? 11.066  -17.355 12.884  1.00 78.17  ? 183 ALA A CB  1 
ATOM   1444 N  N   . GLN A 1 184 ? 8.418   -15.802 13.901  1.00 77.52  ? 184 GLN A N   1 
ATOM   1445 C  CA  . GLN A 1 184 ? 7.416   -15.648 14.941  1.00 77.00  ? 184 GLN A CA  1 
ATOM   1446 C  C   . GLN A 1 184 ? 6.140   -14.997 14.444  1.00 74.97  ? 184 GLN A C   1 
ATOM   1447 O  O   . GLN A 1 184 ? 5.158   -14.890 15.179  1.00 74.76  ? 184 GLN A O   1 
ATOM   1448 C  CB  . GLN A 1 184 ? 7.992   -14.821 16.076  1.00 79.28  ? 184 GLN A CB  1 
ATOM   1449 C  CG  . GLN A 1 184 ? 9.223   -15.436 16.689  1.00 84.41  ? 184 GLN A CG  1 
ATOM   1450 C  CD  . GLN A 1 184 ? 9.604   -14.758 17.982  1.00 87.96  ? 184 GLN A CD  1 
ATOM   1451 O  OE1 . GLN A 1 184 ? 9.985   -13.580 17.990  1.00 88.83  ? 184 GLN A OE1 1 
ATOM   1452 N  NE2 . GLN A 1 184 ? 9.489   -15.492 19.092  1.00 89.83  ? 184 GLN A NE2 1 
ATOM   1453 N  N   . HIS A 1 185 ? 6.160   -14.557 13.194  1.00 72.73  ? 185 HIS A N   1 
ATOM   1454 C  CA  . HIS A 1 185 ? 4.995   -13.920 12.608  1.00 70.62  ? 185 HIS A CA  1 
ATOM   1455 C  C   . HIS A 1 185 ? 4.679   -14.563 11.263  1.00 67.57  ? 185 HIS A C   1 
ATOM   1456 O  O   . HIS A 1 185 ? 4.750   -13.924 10.213  1.00 67.83  ? 185 HIS A O   1 
ATOM   1457 C  CB  . HIS A 1 185 ? 5.259   -12.414 12.487  1.00 72.95  ? 185 HIS A CB  1 
ATOM   1458 C  CG  . HIS A 1 185 ? 5.344   -11.722 13.816  1.00 75.64  ? 185 HIS A CG  1 
ATOM   1459 N  ND1 . HIS A 1 185 ? 4.306   -11.740 14.730  1.00 77.39  ? 185 HIS A ND1 1 
ATOM   1460 C  CD2 . HIS A 1 185 ? 6.351   -11.031 14.403  1.00 75.75  ? 185 HIS A CD2 1 
ATOM   1461 C  CE1 . HIS A 1 185 ? 4.668   -11.095 15.824  1.00 77.41  ? 185 HIS A CE1 1 
ATOM   1462 N  NE2 . HIS A 1 185 ? 5.906   -10.653 15.649  1.00 77.74  ? 185 HIS A NE2 1 
ATOM   1463 N  N   . PRO A 1 186 ? 4.316   -15.854 11.289  1.00 64.39  ? 186 PRO A N   1 
ATOM   1464 C  CA  . PRO A 1 186 ? 3.980   -16.646 10.102  1.00 62.81  ? 186 PRO A CA  1 
ATOM   1465 C  C   . PRO A 1 186 ? 2.832   -16.081 9.301   1.00 61.66  ? 186 PRO A C   1 
ATOM   1466 O  O   . PRO A 1 186 ? 2.979   -15.767 8.121   1.00 61.33  ? 186 PRO A O   1 
ATOM   1467 C  CB  . PRO A 1 186 ? 3.618   -18.006 10.681  1.00 62.64  ? 186 PRO A CB  1 
ATOM   1468 C  CG  . PRO A 1 186 ? 4.391   -18.060 11.931  1.00 63.06  ? 186 PRO A CG  1 
ATOM   1469 C  CD  . PRO A 1 186 ? 4.194   -16.681 12.497  1.00 63.89  ? 186 PRO A CD  1 
ATOM   1470 N  N   . ALA A 1 187 ? 1.681   -15.982 9.960   1.00 60.73  ? 187 ALA A N   1 
ATOM   1471 C  CA  . ALA A 1 187 ? 0.471   -15.477 9.333   1.00 59.92  ? 187 ALA A CA  1 
ATOM   1472 C  C   . ALA A 1 187 ? 0.770   -14.278 8.435   1.00 59.29  ? 187 ALA A C   1 
ATOM   1473 O  O   . ALA A 1 187 ? 0.437   -14.292 7.247   1.00 59.57  ? 187 ALA A O   1 
ATOM   1474 C  CB  . ALA A 1 187 ? -0.551  -15.100 10.407  1.00 60.50  ? 187 ALA A CB  1 
ATOM   1475 N  N   . ILE A 1 188 ? 1.402   -13.252 9.005   1.00 57.59  ? 188 ILE A N   1 
ATOM   1476 C  CA  . ILE A 1 188 ? 1.742   -12.049 8.255   1.00 56.67  ? 188 ILE A CA  1 
ATOM   1477 C  C   . ILE A 1 188 ? 2.490   -12.425 6.976   1.00 55.38  ? 188 ILE A C   1 
ATOM   1478 O  O   . ILE A 1 188 ? 2.172   -11.925 5.890   1.00 55.50  ? 188 ILE A O   1 
ATOM   1479 C  CB  . ILE A 1 188 ? 2.628   -11.095 9.095   1.00 58.76  ? 188 ILE A CB  1 
ATOM   1480 C  CG1 . ILE A 1 188 ? 1.950   -10.800 10.434  1.00 59.00  ? 188 ILE A CG1 1 
ATOM   1481 C  CG2 . ILE A 1 188 ? 2.888   -9.799  8.326   1.00 58.43  ? 188 ILE A CG2 1 
ATOM   1482 C  CD1 . ILE A 1 188 ? 0.558   -10.243 10.297  1.00 61.27  ? 188 ILE A CD1 1 
ATOM   1483 N  N   . VAL A 1 189 ? 3.474   -13.315 7.111   1.00 53.74  ? 189 VAL A N   1 
ATOM   1484 C  CA  . VAL A 1 189 ? 4.265   -13.761 5.964   1.00 52.26  ? 189 VAL A CA  1 
ATOM   1485 C  C   . VAL A 1 189 ? 3.388   -14.464 4.937   1.00 52.66  ? 189 VAL A C   1 
ATOM   1486 O  O   . VAL A 1 189 ? 3.349   -14.071 3.765   1.00 52.51  ? 189 VAL A O   1 
ATOM   1487 C  CB  . VAL A 1 189 ? 5.375   -14.719 6.395   1.00 49.83  ? 189 VAL A CB  1 
ATOM   1488 C  CG1 . VAL A 1 189 ? 6.212   -15.080 5.196   1.00 46.90  ? 189 VAL A CG1 1 
ATOM   1489 C  CG2 . VAL A 1 189 ? 6.225   -14.073 7.474   1.00 47.17  ? 189 VAL A CG2 1 
ATOM   1490 N  N   . ARG A 1 190 ? 2.696   -15.508 5.383   1.00 52.92  ? 190 ARG A N   1 
ATOM   1491 C  CA  . ARG A 1 190 ? 1.787   -16.251 4.523   1.00 54.34  ? 190 ARG A CA  1 
ATOM   1492 C  C   . ARG A 1 190 ? 0.991   -15.249 3.678   1.00 56.37  ? 190 ARG A C   1 
ATOM   1493 O  O   . ARG A 1 190 ? 1.095   -15.223 2.443   1.00 58.14  ? 190 ARG A O   1 
ATOM   1494 C  CB  . ARG A 1 190 ? 0.827   -17.070 5.383   1.00 54.87  ? 190 ARG A CB  1 
ATOM   1495 C  CG  . ARG A 1 190 ? -0.269  -17.732 4.590   1.00 56.62  ? 190 ARG A CG  1 
ATOM   1496 C  CD  . ARG A 1 190 ? -1.221  -18.480 5.489   1.00 60.10  ? 190 ARG A CD  1 
ATOM   1497 N  NE  . ARG A 1 190 ? -1.963  -17.609 6.393   1.00 62.29  ? 190 ARG A NE  1 
ATOM   1498 C  CZ  . ARG A 1 190 ? -2.744  -16.605 5.998   1.00 63.82  ? 190 ARG A CZ  1 
ATOM   1499 N  NH1 . ARG A 1 190 ? -2.890  -16.320 4.706   1.00 61.82  ? 190 ARG A NH1 1 
ATOM   1500 N  NH2 . ARG A 1 190 ? -3.414  -15.903 6.905   1.00 64.49  ? 190 ARG A NH2 1 
ATOM   1501 N  N   . TRP A 1 191 ? 0.210   -14.423 4.389   1.00 56.66  ? 191 TRP A N   1 
ATOM   1502 C  CA  . TRP A 1 191 ? -0.638  -13.376 3.837   1.00 55.31  ? 191 TRP A CA  1 
ATOM   1503 C  C   . TRP A 1 191 ? 0.116   -12.469 2.871   1.00 55.16  ? 191 TRP A C   1 
ATOM   1504 O  O   . TRP A 1 191 ? -0.317  -12.244 1.737   1.00 55.11  ? 191 TRP A O   1 
ATOM   1505 C  CB  . TRP A 1 191 ? -1.207  -12.539 5.001   1.00 54.84  ? 191 TRP A CB  1 
ATOM   1506 C  CG  . TRP A 1 191 ? -1.851  -11.202 4.614   1.00 54.20  ? 191 TRP A CG  1 
ATOM   1507 C  CD1 . TRP A 1 191 ? -3.083  -11.008 4.036   1.00 52.89  ? 191 TRP A CD1 1 
ATOM   1508 C  CD2 . TRP A 1 191 ? -1.241  -9.899  4.699   1.00 52.50  ? 191 TRP A CD2 1 
ATOM   1509 N  NE1 . TRP A 1 191 ? -3.266  -9.673  3.750   1.00 53.55  ? 191 TRP A NE1 1 
ATOM   1510 C  CE2 . TRP A 1 191 ? -2.157  -8.970  4.143   1.00 51.60  ? 191 TRP A CE2 1 
ATOM   1511 C  CE3 . TRP A 1 191 ? -0.011  -9.432  5.186   1.00 52.24  ? 191 TRP A CE3 1 
ATOM   1512 C  CZ2 . TRP A 1 191 ? -1.879  -7.596  4.053   1.00 49.89  ? 191 TRP A CZ2 1 
ATOM   1513 C  CZ3 . TRP A 1 191 ? 0.269   -8.068  5.097   1.00 52.28  ? 191 TRP A CZ3 1 
ATOM   1514 C  CH2 . TRP A 1 191 ? -0.667  -7.164  4.533   1.00 51.12  ? 191 TRP A CH2 1 
ATOM   1515 N  N   . PHE A 1 192 ? 1.242   -11.949 3.329   1.00 53.57  ? 192 PHE A N   1 
ATOM   1516 C  CA  . PHE A 1 192 ? 2.029   -11.047 2.518   1.00 53.86  ? 192 PHE A CA  1 
ATOM   1517 C  C   . PHE A 1 192 ? 2.304   -11.605 1.129   1.00 54.61  ? 192 PHE A C   1 
ATOM   1518 O  O   . PHE A 1 192 ? 1.983   -10.967 0.114   1.00 54.72  ? 192 PHE A O   1 
ATOM   1519 C  CB  . PHE A 1 192 ? 3.344   -10.720 3.229   1.00 53.84  ? 192 PHE A CB  1 
ATOM   1520 C  CG  . PHE A 1 192 ? 4.144   -9.646  2.555   1.00 53.72  ? 192 PHE A CG  1 
ATOM   1521 C  CD1 . PHE A 1 192 ? 3.591   -8.388  2.324   1.00 54.19  ? 192 PHE A CD1 1 
ATOM   1522 C  CD2 . PHE A 1 192 ? 5.443   -9.893  2.134   1.00 54.24  ? 192 PHE A CD2 1 
ATOM   1523 C  CE1 . PHE A 1 192 ? 4.325   -7.389  1.691   1.00 56.90  ? 192 PHE A CE1 1 
ATOM   1524 C  CE2 . PHE A 1 192 ? 6.188   -8.903  1.504   1.00 55.26  ? 192 PHE A CE2 1 
ATOM   1525 C  CZ  . PHE A 1 192 ? 5.628   -7.649  1.276   1.00 56.75  ? 192 PHE A CZ  1 
ATOM   1526 N  N   . ASN A 1 193 ? 2.877   -12.804 1.083   1.00 55.95  ? 193 ASN A N   1 
ATOM   1527 C  CA  . ASN A 1 193 ? 3.227   -13.434 -0.192  1.00 56.71  ? 193 ASN A CA  1 
ATOM   1528 C  C   . ASN A 1 193 ? 2.021   -13.663 -1.093  1.00 56.13  ? 193 ASN A C   1 
ATOM   1529 O  O   . ASN A 1 193 ? 2.088   -13.470 -2.310  1.00 56.19  ? 193 ASN A O   1 
ATOM   1530 C  CB  . ASN A 1 193 ? 3.955   -14.758 0.048   1.00 58.28  ? 193 ASN A CB  1 
ATOM   1531 C  CG  . ASN A 1 193 ? 5.146   -14.614 1.000   1.00 60.19  ? 193 ASN A CG  1 
ATOM   1532 O  OD1 . ASN A 1 193 ? 5.908   -13.656 0.913   1.00 62.79  ? 193 ASN A OD1 1 
ATOM   1533 N  ND2 . ASN A 1 193 ? 5.310   -15.571 1.902   1.00 58.63  ? 193 ASN A ND2 1 
ATOM   1534 N  N   . THR A 1 194 ? 0.904   -14.059 -0.504  1.00 54.79  ? 194 THR A N   1 
ATOM   1535 C  CA  . THR A 1 194 ? -0.267  -14.281 -1.324  1.00 53.37  ? 194 THR A CA  1 
ATOM   1536 C  C   . THR A 1 194 ? -0.728  -12.977 -1.945  1.00 52.64  ? 194 THR A C   1 
ATOM   1537 O  O   . THR A 1 194 ? -1.225  -12.958 -3.073  1.00 53.16  ? 194 THR A O   1 
ATOM   1538 C  CB  . THR A 1 194 ? -1.421  -14.824 -0.520  1.00 53.34  ? 194 THR A CB  1 
ATOM   1539 O  OG1 . THR A 1 194 ? -0.939  -15.805 0.401   1.00 53.70  ? 194 THR A OG1 1 
ATOM   1540 C  CG2 . THR A 1 194 ? -2.435  -15.455 -1.456  1.00 54.83  ? 194 THR A CG2 1 
ATOM   1541 N  N   . VAL A 1 195 ? -0.565  -11.882 -1.214  1.00 51.41  ? 195 VAL A N   1 
ATOM   1542 C  CA  . VAL A 1 195 ? -1.022  -10.630 -1.751  1.00 50.43  ? 195 VAL A CA  1 
ATOM   1543 C  C   . VAL A 1 195 ? -0.092  -10.097 -2.819  1.00 49.92  ? 195 VAL A C   1 
ATOM   1544 O  O   . VAL A 1 195 ? -0.560  -9.545  -3.813  1.00 48.16  ? 195 VAL A O   1 
ATOM   1545 C  CB  . VAL A 1 195 ? -1.230  -9.594  -0.642  1.00 50.14  ? 195 VAL A CB  1 
ATOM   1546 C  CG1 . VAL A 1 195 ? -1.876  -8.346  -1.225  1.00 48.16  ? 195 VAL A CG1 1 
ATOM   1547 C  CG2 . VAL A 1 195 ? -2.125  -10.179 0.432   1.00 48.62  ? 195 VAL A CG2 1 
ATOM   1548 N  N   . ARG A 1 196 ? 1.215   -10.277 -2.637  1.00 50.72  ? 196 ARG A N   1 
ATOM   1549 C  CA  . ARG A 1 196 ? 2.197   -9.788  -3.619  1.00 52.26  ? 196 ARG A CA  1 
ATOM   1550 C  C   . ARG A 1 196 ? 2.049   -10.517 -4.942  1.00 53.65  ? 196 ARG A C   1 
ATOM   1551 O  O   . ARG A 1 196 ? 2.263   -9.952  -6.021  1.00 54.15  ? 196 ARG A O   1 
ATOM   1552 C  CB  . ARG A 1 196 ? 3.620   -10.024 -3.140  1.00 51.39  ? 196 ARG A CB  1 
ATOM   1553 C  CG  . ARG A 1 196 ? 3.890   -9.558  -1.747  1.00 55.02  ? 196 ARG A CG  1 
ATOM   1554 C  CD  . ARG A 1 196 ? 5.353   -9.738  -1.381  1.00 57.20  ? 196 ARG A CD  1 
ATOM   1555 N  NE  . ARG A 1 196 ? 5.710   -11.112 -1.023  1.00 57.84  ? 196 ARG A NE  1 
ATOM   1556 C  CZ  . ARG A 1 196 ? 6.572   -11.865 -1.710  1.00 58.27  ? 196 ARG A CZ  1 
ATOM   1557 N  NH1 . ARG A 1 196 ? 7.168   -11.387 -2.803  1.00 56.77  ? 196 ARG A NH1 1 
ATOM   1558 N  NH2 . ARG A 1 196 ? 6.851   -13.096 -1.301  1.00 59.14  ? 196 ARG A NH2 1 
ATOM   1559 N  N   . ALA A 1 197 ? 1.692   -11.790 -4.843  1.00 53.18  ? 197 ALA A N   1 
ATOM   1560 C  CA  . ALA A 1 197 ? 1.536   -12.627 -6.017  1.00 52.17  ? 197 ALA A CA  1 
ATOM   1561 C  C   . ALA A 1 197 ? 0.423   -12.179 -6.953  1.00 53.04  ? 197 ALA A C   1 
ATOM   1562 O  O   . ALA A 1 197 ? 0.492   -12.440 -8.148  1.00 53.65  ? 197 ALA A O   1 
ATOM   1563 C  CB  . ALA A 1 197 ? 1.307   -14.062 -5.583  1.00 49.58  ? 197 ALA A CB  1 
ATOM   1564 N  N   . SER A 1 198 ? -0.592  -11.506 -6.414  1.00 53.90  ? 198 SER A N   1 
ATOM   1565 C  CA  . SER A 1 198 ? -1.727  -11.046 -7.216  1.00 55.32  ? 198 SER A CA  1 
ATOM   1566 C  C   . SER A 1 198 ? -1.367  -10.116 -8.364  1.00 55.72  ? 198 SER A C   1 
ATOM   1567 O  O   . SER A 1 198 ? -0.350  -9.413  -8.325  1.00 56.73  ? 198 SER A O   1 
ATOM   1568 C  CB  . SER A 1 198 ? -2.758  -10.354 -6.319  1.00 55.99  ? 198 SER A CB  1 
ATOM   1569 O  OG  . SER A 1 198 ? -2.128  -9.484  -5.392  1.00 56.63  ? 198 SER A OG  1 
ATOM   1570 N  N   . PRO A 1 199 ? -2.202  -10.095 -9.411  1.00 56.18  ? 199 PRO A N   1 
ATOM   1571 C  CA  . PRO A 1 199 ? -1.936  -9.224  -10.562 1.00 57.48  ? 199 PRO A CA  1 
ATOM   1572 C  C   . PRO A 1 199 ? -1.885  -7.754  -10.150 1.00 59.02  ? 199 PRO A C   1 
ATOM   1573 O  O   . PRO A 1 199 ? -1.365  -6.913  -10.880 1.00 61.31  ? 199 PRO A O   1 
ATOM   1574 C  CB  . PRO A 1 199 ? -3.108  -9.499  -11.487 1.00 57.65  ? 199 PRO A CB  1 
ATOM   1575 C  CG  . PRO A 1 199 ? -3.501  -10.893 -11.128 1.00 58.03  ? 199 PRO A CG  1 
ATOM   1576 C  CD  . PRO A 1 199 ? -3.400  -10.917 -9.636  1.00 56.20  ? 199 PRO A CD  1 
ATOM   1577 N  N   . PHE A 1 200 ? -2.433  -7.456  -8.976  1.00 59.42  ? 200 PHE A N   1 
ATOM   1578 C  CA  . PHE A 1 200 ? -2.473  -6.097  -8.445  1.00 58.91  ? 200 PHE A CA  1 
ATOM   1579 C  C   . PHE A 1 200 ? -1.103  -5.581  -8.030  1.00 59.91  ? 200 PHE A C   1 
ATOM   1580 O  O   . PHE A 1 200 ? -0.803  -4.388  -8.186  1.00 61.23  ? 200 PHE A O   1 
ATOM   1581 C  CB  . PHE A 1 200 ? -3.373  -6.052  -7.211  1.00 57.43  ? 200 PHE A CB  1 
ATOM   1582 C  CG  . PHE A 1 200 ? -4.735  -6.573  -7.453  1.00 54.00  ? 200 PHE A CG  1 
ATOM   1583 C  CD1 . PHE A 1 200 ? -5.707  -5.764  -8.019  1.00 53.42  ? 200 PHE A CD1 1 
ATOM   1584 C  CD2 . PHE A 1 200 ? -5.048  -7.895  -7.159  1.00 52.65  ? 200 PHE A CD2 1 
ATOM   1585 C  CE1 . PHE A 1 200 ? -6.983  -6.263  -8.299  1.00 51.77  ? 200 PHE A CE1 1 
ATOM   1586 C  CE2 . PHE A 1 200 ? -6.325  -8.406  -7.436  1.00 53.30  ? 200 PHE A CE2 1 
ATOM   1587 C  CZ  . PHE A 1 200 ? -7.294  -7.584  -8.005  1.00 49.70  ? 200 PHE A CZ  1 
ATOM   1588 N  N   . LEU A 1 201 ? -0.282  -6.484  -7.500  1.00 59.11  ? 201 LEU A N   1 
ATOM   1589 C  CA  . LEU A 1 201 ? 1.027   -6.124  -6.989  1.00 60.33  ? 201 LEU A CA  1 
ATOM   1590 C  C   . LEU A 1 201 ? 2.208   -6.892  -7.567  1.00 62.04  ? 201 LEU A C   1 
ATOM   1591 O  O   . LEU A 1 201 ? 3.360   -6.491  -7.404  1.00 60.80  ? 201 LEU A O   1 
ATOM   1592 C  CB  . LEU A 1 201 ? 1.026   -6.324  -5.474  1.00 58.99  ? 201 LEU A CB  1 
ATOM   1593 C  CG  . LEU A 1 201 ? 0.124   -5.466  -4.603  1.00 55.98  ? 201 LEU A CG  1 
ATOM   1594 C  CD1 . LEU A 1 201 ? 0.107   -6.067  -3.223  1.00 57.04  ? 201 LEU A CD1 1 
ATOM   1595 C  CD2 . LEU A 1 201 ? 0.625   -4.045  -4.562  1.00 55.49  ? 201 LEU A CD2 1 
ATOM   1596 N  N   . LYS A 1 202 ? 1.917   -8.010  -8.210  1.00 64.74  ? 202 LYS A N   1 
ATOM   1597 C  CA  . LYS A 1 202 ? 2.936   -8.869  -8.794  1.00 67.68  ? 202 LYS A CA  1 
ATOM   1598 C  C   . LYS A 1 202 ? 4.113   -8.132  -9.472  1.00 69.38  ? 202 LYS A C   1 
ATOM   1599 O  O   . LYS A 1 202 ? 5.281   -8.329  -9.113  1.00 68.53  ? 202 LYS A O   1 
ATOM   1600 C  CB  . LYS A 1 202 ? 2.227   -9.810  -9.766  1.00 69.05  ? 202 LYS A CB  1 
ATOM   1601 C  CG  . LYS A 1 202 ? 3.080   -10.808 -10.502 1.00 72.65  ? 202 LYS A CG  1 
ATOM   1602 C  CD  . LYS A 1 202 ? 2.179   -11.853 -11.165 1.00 75.08  ? 202 LYS A CD  1 
ATOM   1603 C  CE  . LYS A 1 202 ? 1.142   -11.211 -12.107 1.00 76.32  ? 202 LYS A CE  1 
ATOM   1604 N  NZ  . LYS A 1 202 ? 0.024   -12.150 -12.451 1.00 77.77  ? 202 LYS A NZ  1 
ATOM   1605 N  N   . ASP A 1 203 ? 3.794   -7.268  -10.431 1.00 71.52  ? 203 ASP A N   1 
ATOM   1606 C  CA  . ASP A 1 203 ? 4.792   -6.503  -11.189 1.00 72.70  ? 203 ASP A CA  1 
ATOM   1607 C  C   . ASP A 1 203 ? 5.545   -5.465  -10.361 1.00 73.66  ? 203 ASP A C   1 
ATOM   1608 O  O   . ASP A 1 203 ? 6.497   -4.864  -10.840 1.00 73.54  ? 203 ASP A O   1 
ATOM   1609 C  CB  . ASP A 1 203 ? 4.118   -5.776  -12.352 1.00 73.51  ? 203 ASP A CB  1 
ATOM   1610 C  CG  . ASP A 1 203 ? 3.132   -6.649  -13.092 1.00 77.47  ? 203 ASP A CG  1 
ATOM   1611 O  OD1 . ASP A 1 203 ? 2.417   -7.447  -12.432 1.00 79.52  ? 203 ASP A OD1 1 
ATOM   1612 O  OD2 . ASP A 1 203 ? 3.058   -6.523  -14.334 1.00 79.69  ? 203 ASP A OD2 1 
ATOM   1613 N  N   . GLU A 1 204 ? 5.112   -5.236  -9.131  1.00 76.09  ? 204 GLU A N   1 
ATOM   1614 C  CA  . GLU A 1 204 ? 5.769   -4.249  -8.281  1.00 78.68  ? 204 GLU A CA  1 
ATOM   1615 C  C   . GLU A 1 204 ? 6.747   -4.930  -7.370  1.00 79.72  ? 204 GLU A C   1 
ATOM   1616 O  O   . GLU A 1 204 ? 7.618   -4.286  -6.807  1.00 80.20  ? 204 GLU A O   1 
ATOM   1617 C  CB  . GLU A 1 204 ? 4.750   -3.507  -7.412  1.00 80.54  ? 204 GLU A CB  1 
ATOM   1618 C  CG  . GLU A 1 204 ? 4.354   -2.118  -7.892  1.00 82.42  ? 204 GLU A CG  1 
ATOM   1619 C  CD  . GLU A 1 204 ? 3.618   -2.122  -9.229  1.00 83.59  ? 204 GLU A CD  1 
ATOM   1620 O  OE1 . GLU A 1 204 ? 2.604   -2.861  -9.379  1.00 81.97  ? 204 GLU A OE1 1 
ATOM   1621 O  OE2 . GLU A 1 204 ? 4.064   -1.367  -10.126 1.00 85.04  ? 204 GLU A OE2 1 
ATOM   1622 N  N   . TYR A 1 205 ? 6.608   -6.237  -7.223  1.00 81.45  ? 205 TYR A N   1 
ATOM   1623 C  CA  . TYR A 1 205 ? 7.473   -6.967  -6.313  1.00 83.68  ? 205 TYR A CA  1 
ATOM   1624 C  C   . TYR A 1 205 ? 8.533   -7.809  -6.986  1.00 85.42  ? 205 TYR A C   1 
ATOM   1625 O  O   . TYR A 1 205 ? 8.980   -8.815  -6.427  1.00 86.13  ? 205 TYR A O   1 
ATOM   1626 C  CB  . TYR A 1 205 ? 6.610   -7.832  -5.392  1.00 83.77  ? 205 TYR A CB  1 
ATOM   1627 C  CG  . TYR A 1 205 ? 5.951   -7.042  -4.290  1.00 82.65  ? 205 TYR A CG  1 
ATOM   1628 C  CD1 . TYR A 1 205 ? 6.561   -6.923  -3.049  1.00 83.11  ? 205 TYR A CD1 1 
ATOM   1629 C  CD2 . TYR A 1 205 ? 4.732   -6.405  -4.491  1.00 82.12  ? 205 TYR A CD2 1 
ATOM   1630 C  CE1 . TYR A 1 205 ? 5.978   -6.196  -2.028  1.00 83.78  ? 205 TYR A CE1 1 
ATOM   1631 C  CE2 . TYR A 1 205 ? 4.135   -5.670  -3.477  1.00 83.00  ? 205 TYR A CE2 1 
ATOM   1632 C  CZ  . TYR A 1 205 ? 4.766   -5.572  -2.241  1.00 83.86  ? 205 TYR A CZ  1 
ATOM   1633 O  OH  . TYR A 1 205 ? 4.182   -4.880  -1.201  1.00 83.33  ? 205 TYR A OH  1 
ATOM   1634 N  N   . LYS A 1 206 ? 8.945   -7.392  -8.179  1.00 86.90  ? 206 LYS A N   1 
ATOM   1635 C  CA  . LYS A 1 206 ? 9.968   -8.117  -8.920  1.00 87.36  ? 206 LYS A CA  1 
ATOM   1636 C  C   . LYS A 1 206 ? 11.151  -8.444  -8.018  1.00 88.05  ? 206 LYS A C   1 
ATOM   1637 O  O   . LYS A 1 206 ? 11.159  -9.455  -7.322  1.00 88.38  ? 206 LYS A O   1 
ATOM   1638 C  CB  . LYS A 1 206 ? 10.439  -7.283  -10.103 1.00 87.36  ? 206 LYS A CB  1 
ATOM   1639 C  CG  . LYS A 1 206 ? 10.135  -7.907  -11.444 1.00 87.97  ? 206 LYS A CG  1 
ATOM   1640 C  CD  . LYS A 1 206 ? 8.667   -8.256  -11.589 1.00 86.80  ? 206 LYS A CD  1 
ATOM   1641 C  CE  . LYS A 1 206 ? 8.397   -8.725  -13.012 1.00 87.70  ? 206 LYS A CE  1 
ATOM   1642 N  NZ  . LYS A 1 206 ? 6.995   -9.192  -13.238 1.00 88.49  ? 206 LYS A NZ  1 
ATOM   1643 N  N   . ASP A 1 207 ? 12.154  -7.589  -8.025  1.00 89.15  ? 207 ASP A N   1 
ATOM   1644 C  CA  . ASP A 1 207 ? 13.310  -7.827  -7.180  1.00 90.27  ? 207 ASP A CA  1 
ATOM   1645 C  C   . ASP A 1 207 ? 13.049  -7.254  -5.789  1.00 89.68  ? 207 ASP A C   1 
ATOM   1646 O  O   . ASP A 1 207 ? 13.327  -6.084  -5.505  1.00 88.40  ? 207 ASP A O   1 
ATOM   1647 C  CB  . ASP A 1 207 ? 14.555  -7.205  -7.822  1.00 92.88  ? 207 ASP A CB  1 
ATOM   1648 C  CG  . ASP A 1 207 ? 14.257  -5.884  -8.538  1.00 95.31  ? 207 ASP A CG  1 
ATOM   1649 O  OD1 . ASP A 1 207 ? 13.371  -5.859  -9.428  1.00 96.49  ? 207 ASP A OD1 1 
ATOM   1650 O  OD2 . ASP A 1 207 ? 14.916  -4.870  -8.213  1.00 95.96  ? 207 ASP A OD2 1 
ATOM   1651 N  N   . PHE A 1 208 ? 12.494  -8.096  -4.926  1.00 89.32  ? 208 PHE A N   1 
ATOM   1652 C  CA  . PHE A 1 208 ? 12.171  -7.698  -3.567  1.00 89.40  ? 208 PHE A CA  1 
ATOM   1653 C  C   . PHE A 1 208 ? 13.173  -8.310  -2.588  1.00 89.09  ? 208 PHE A C   1 
ATOM   1654 O  O   . PHE A 1 208 ? 13.352  -9.523  -2.568  1.00 89.01  ? 208 PHE A O   1 
ATOM   1655 C  CB  . PHE A 1 208 ? 10.745  -8.147  -3.222  1.00 89.26  ? 208 PHE A CB  1 
ATOM   1656 C  CG  . PHE A 1 208 ? 10.367  -7.903  -1.793  1.00 88.73  ? 208 PHE A CG  1 
ATOM   1657 C  CD1 . PHE A 1 208 ? 10.279  -6.612  -1.299  1.00 88.15  ? 208 PHE A CD1 1 
ATOM   1658 C  CD2 . PHE A 1 208 ? 10.153  -8.970  -0.926  1.00 88.71  ? 208 PHE A CD2 1 
ATOM   1659 C  CE1 . PHE A 1 208 ? 9.988   -6.383  0.040   1.00 88.69  ? 208 PHE A CE1 1 
ATOM   1660 C  CE2 . PHE A 1 208 ? 9.863   -8.754  0.416   1.00 88.72  ? 208 PHE A CE2 1 
ATOM   1661 C  CZ  . PHE A 1 208 ? 9.780   -7.458  0.901   1.00 89.50  ? 208 PHE A CZ  1 
ATOM   1662 N  N   . LYS A 1 209 ? 13.819  -7.475  -1.780  1.00 89.11  ? 209 LYS A N   1 
ATOM   1663 C  CA  . LYS A 1 209 ? 14.802  -7.972  -0.819  1.00 89.43  ? 209 LYS A CA  1 
ATOM   1664 C  C   . LYS A 1 209 ? 14.257  -8.252  0.572   1.00 88.65  ? 209 LYS A C   1 
ATOM   1665 O  O   . LYS A 1 209 ? 14.171  -7.347  1.405   1.00 88.59  ? 209 LYS A O   1 
ATOM   1666 C  CB  . LYS A 1 209 ? 15.981  -6.987  -0.684  1.00 91.40  ? 209 LYS A CB  1 
ATOM   1667 C  CG  . LYS A 1 209 ? 17.149  -7.213  -1.664  1.00 91.93  ? 209 LYS A CG  1 
ATOM   1668 C  CD  . LYS A 1 209 ? 18.390  -6.358  -1.319  1.00 92.49  ? 209 LYS A CD  1 
ATOM   1669 C  CE  . LYS A 1 209 ? 18.979  -6.714  0.052   1.00 92.51  ? 209 LYS A CE  1 
ATOM   1670 N  NZ  . LYS A 1 209 ? 20.200  -5.913  0.376   1.00 92.01  ? 209 LYS A NZ  1 
ATOM   1671 N  N   . PHE A 1 210 ? 13.905  -9.504  0.836   1.00 88.50  ? 210 PHE A N   1 
ATOM   1672 C  CA  . PHE A 1 210 ? 13.403  -9.877  2.156   1.00 88.94  ? 210 PHE A CA  1 
ATOM   1673 C  C   . PHE A 1 210 ? 14.525  -9.790  3.178   1.00 89.97  ? 210 PHE A C   1 
ATOM   1674 O  O   . PHE A 1 210 ? 15.206  -10.769 3.436   1.00 90.18  ? 210 PHE A O   1 
ATOM   1675 C  CB  . PHE A 1 210 ? 12.880  -11.306 2.157   1.00 87.51  ? 210 PHE A CB  1 
ATOM   1676 C  CG  . PHE A 1 210 ? 11.410  -11.402 2.271   1.00 85.41  ? 210 PHE A CG  1 
ATOM   1677 C  CD1 . PHE A 1 210 ? 10.751  -10.820 3.337   1.00 85.08  ? 210 PHE A CD1 1 
ATOM   1678 C  CD2 . PHE A 1 210 ? 10.672  -12.064 1.297   1.00 84.94  ? 210 PHE A CD2 1 
ATOM   1679 C  CE1 . PHE A 1 210 ? 9.371   -10.887 3.432   1.00 84.43  ? 210 PHE A CE1 1 
ATOM   1680 C  CE2 . PHE A 1 210 ? 9.296   -12.143 1.375   1.00 83.57  ? 210 PHE A CE2 1 
ATOM   1681 C  CZ  . PHE A 1 210 ? 8.639   -11.554 2.444   1.00 83.99  ? 210 PHE A CZ  1 
ATOM   1682 N  N   . ALA A 1 211 ? 14.724  -8.621  3.764   1.00 91.83  ? 211 ALA A N   1 
ATOM   1683 C  CA  . ALA A 1 211 ? 15.780  -8.449  4.752   1.00 94.26  ? 211 ALA A CA  1 
ATOM   1684 C  C   . ALA A 1 211 ? 15.706  -9.506  5.854   1.00 96.15  ? 211 ALA A C   1 
ATOM   1685 O  O   . ALA A 1 211 ? 14.621  -9.955  6.224   1.00 97.32  ? 211 ALA A O   1 
ATOM   1686 C  CB  . ALA A 1 211 ? 15.688  -7.058  5.357   1.00 93.55  ? 211 ALA A CB  1 
ATOM   1687 N  N   . ASP A 1 212 ? 16.864  -9.920  6.359   1.00 97.54  ? 212 ASP A N   1 
ATOM   1688 C  CA  . ASP A 1 212 ? 16.935  -10.901 7.451   1.00 98.30  ? 212 ASP A CA  1 
ATOM   1689 C  C   . ASP A 1 212 ? 17.818  -10.273 8.532   1.00 97.79  ? 212 ASP A C   1 
ATOM   1690 O  O   . ASP A 1 212 ? 18.087  -10.864 9.584   1.00 97.41  ? 212 ASP A O   1 
ATOM   1691 C  CB  . ASP A 1 212 ? 17.560  -12.218 6.973   1.00 99.83  ? 212 ASP A CB  1 
ATOM   1692 C  CG  . ASP A 1 212 ? 19.078  -12.128 6.802   1.00 100.92 ? 212 ASP A CG  1 
ATOM   1693 O  OD1 . ASP A 1 212 ? 19.803  -12.078 7.824   1.00 101.75 ? 212 ASP A OD1 1 
ATOM   1694 O  OD2 . ASP A 1 212 ? 19.548  -12.103 5.643   1.00 100.73 ? 212 ASP A OD2 1 
ATOM   1695 N  N   . LYS A 1 213 ? 18.246  -9.048  8.239   1.00 97.27  ? 213 LYS A N   1 
ATOM   1696 C  CA  . LYS A 1 213 ? 19.111  -8.262  9.108   1.00 96.62  ? 213 LYS A CA  1 
ATOM   1697 C  C   . LYS A 1 213 ? 18.379  -6.981  9.535   1.00 96.21  ? 213 LYS A C   1 
ATOM   1698 O  O   . LYS A 1 213 ? 18.467  -5.949  8.852   1.00 95.77  ? 213 LYS A O   1 
ATOM   1699 C  CB  . LYS A 1 213 ? 20.374  -7.881  8.329   1.00 97.16  ? 213 LYS A CB  1 
ATOM   1700 C  CG  . LYS A 1 213 ? 20.804  -8.915  7.276   1.00 96.65  ? 213 LYS A CG  1 
ATOM   1701 C  CD  . LYS A 1 213 ? 21.265  -8.249  5.977   1.00 94.93  ? 213 LYS A CD  1 
ATOM   1702 C  CE  . LYS A 1 213 ? 20.122  -7.556  5.248   1.00 93.12  ? 213 LYS A CE  1 
ATOM   1703 N  NZ  . LYS A 1 213 ? 19.142  -8.514  4.664   1.00 90.51  ? 213 LYS A NZ  1 
ATOM   1704 N  N   . PRO A 1 214 ? 17.636  -7.035  10.659  1.00 95.31  ? 214 PRO A N   1 
ATOM   1705 C  CA  . PRO A 1 214 ? 16.904  -5.864  11.152  1.00 95.67  ? 214 PRO A CA  1 
ATOM   1706 C  C   . PRO A 1 214 ? 17.857  -4.690  11.320  1.00 96.94  ? 214 PRO A C   1 
ATOM   1707 O  O   . PRO A 1 214 ? 18.638  -4.676  12.265  1.00 98.03  ? 214 PRO A O   1 
ATOM   1708 C  CB  . PRO A 1 214 ? 16.360  -6.346  12.495  1.00 94.62  ? 214 PRO A CB  1 
ATOM   1709 C  CG  . PRO A 1 214 ? 16.088  -7.772  12.240  1.00 94.30  ? 214 PRO A CG  1 
ATOM   1710 C  CD  . PRO A 1 214 ? 17.323  -8.219  11.476  1.00 95.04  ? 214 PRO A CD  1 
ATOM   1711 N  N   . LEU A 1 215 ? 17.802  -3.716  10.412  1.00 97.88  ? 215 LEU A N   1 
ATOM   1712 C  CA  . LEU A 1 215 ? 18.692  -2.561  10.498  1.00 99.39  ? 215 LEU A CA  1 
ATOM   1713 C  C   . LEU A 1 215 ? 18.935  -2.137  11.942  1.00 101.35 ? 215 LEU A C   1 
ATOM   1714 O  O   . LEU A 1 215 ? 17.995  -1.958  12.714  1.00 100.98 ? 215 LEU A O   1 
ATOM   1715 C  CB  . LEU A 1 215 ? 18.124  -1.383  9.714   1.00 98.52  ? 215 LEU A CB  1 
ATOM   1716 C  CG  . LEU A 1 215 ? 17.941  -1.616  8.215   1.00 99.31  ? 215 LEU A CG  1 
ATOM   1717 C  CD1 . LEU A 1 215 ? 17.571  -0.294  7.563   1.00 99.15  ? 215 LEU A CD1 1 
ATOM   1718 C  CD2 . LEU A 1 215 ? 19.216  -2.173  7.598   1.00 99.38  ? 215 LEU A CD2 1 
ATOM   1719 N  N   . SER A 1 216 ? 20.207  -1.991  12.299  1.00 104.08 ? 216 SER A N   1 
ATOM   1720 C  CA  . SER A 1 216 ? 20.596  -1.587  13.648  1.00 107.05 ? 216 SER A CA  1 
ATOM   1721 C  C   . SER A 1 216 ? 20.902  -0.086  13.663  1.00 109.23 ? 216 SER A C   1 
ATOM   1722 O  O   . SER A 1 216 ? 21.038  0.530   12.600  1.00 108.68 ? 216 SER A O   1 
ATOM   1723 C  CB  . SER A 1 216 ? 21.834  -2.368  14.067  1.00 107.54 ? 216 SER A CB  1 
ATOM   1724 O  OG  . SER A 1 216 ? 22.856  -2.207  13.101  1.00 109.37 ? 216 SER A OG  1 
ATOM   1725 N  N   . PRO A 1 217 ? 21.020  0.521   14.866  1.00 111.72 ? 217 PRO A N   1 
ATOM   1726 C  CA  . PRO A 1 217 ? 21.308  1.957   15.027  1.00 114.24 ? 217 PRO A CA  1 
ATOM   1727 C  C   . PRO A 1 217 ? 22.369  2.509   14.052  1.00 116.97 ? 217 PRO A C   1 
ATOM   1728 O  O   . PRO A 1 217 ? 23.021  1.744   13.336  1.00 117.67 ? 217 PRO A O   1 
ATOM   1729 C  CB  . PRO A 1 217 ? 21.750  2.044   16.486  1.00 113.64 ? 217 PRO A CB  1 
ATOM   1730 C  CG  . PRO A 1 217 ? 20.883  1.031   17.144  1.00 112.26 ? 217 PRO A CG  1 
ATOM   1731 C  CD  . PRO A 1 217 ? 20.948  -0.143  16.182  1.00 111.72 ? 217 PRO A CD  1 
ATOM   1732 N  N   . PRO A 1 218 ? 22.548  3.848   14.008  1.00 119.01 ? 218 PRO A N   1 
ATOM   1733 C  CA  . PRO A 1 218 ? 23.528  4.495   13.123  1.00 120.49 ? 218 PRO A CA  1 
ATOM   1734 C  C   . PRO A 1 218 ? 24.912  3.842   13.186  1.00 122.06 ? 218 PRO A C   1 
ATOM   1735 O  O   . PRO A 1 218 ? 25.213  3.125   14.141  1.00 122.54 ? 218 PRO A O   1 
ATOM   1736 C  CB  . PRO A 1 218 ? 23.557  5.930   13.639  1.00 120.01 ? 218 PRO A CB  1 
ATOM   1737 C  CG  . PRO A 1 218 ? 22.147  6.152   14.064  1.00 119.35 ? 218 PRO A CG  1 
ATOM   1738 C  CD  . PRO A 1 218 ? 21.807  4.862   14.786  1.00 119.06 ? 218 PRO A CD  1 
ATOM   1739 N  N   . GLN A 1 219 ? 25.743  4.094   12.172  1.00 123.46 ? 219 GLN A N   1 
ATOM   1740 C  CA  . GLN A 1 219 ? 27.106  3.548   12.107  1.00 124.68 ? 219 GLN A CA  1 
ATOM   1741 C  C   . GLN A 1 219 ? 27.120  2.038   11.872  1.00 124.90 ? 219 GLN A C   1 
ATOM   1742 O  O   . GLN A 1 219 ? 28.104  1.360   12.182  1.00 124.60 ? 219 GLN A O   1 
ATOM   1743 C  CB  . GLN A 1 219 ? 27.868  3.857   13.401  1.00 125.21 ? 219 GLN A CB  1 
ATOM   1744 C  CG  . GLN A 1 219 ? 27.904  5.328   13.770  1.00 126.28 ? 219 GLN A CG  1 
ATOM   1745 C  CD  . GLN A 1 219 ? 28.120  5.543   15.258  1.00 126.85 ? 219 GLN A CD  1 
ATOM   1746 O  OE1 . GLN A 1 219 ? 27.357  5.036   16.084  1.00 127.11 ? 219 GLN A OE1 1 
ATOM   1747 N  NE2 . GLN A 1 219 ? 29.158  6.299   15.605  1.00 127.14 ? 219 GLN A NE2 1 
ATOM   1748 O  OXT . GLN A 1 219 ? 26.110  1.547   11.325  1.00 69.35  ? 219 GLN A OXT 1 
HETATM 1749 S  S   . SO4 B 2 .   ? 9.202   5.051   -0.492  1.00 79.23  ? 220 SO4 A S   1 
HETATM 1750 O  O1  . SO4 B 2 .   ? 7.772   5.315   -0.740  1.00 78.57  ? 220 SO4 A O1  1 
HETATM 1751 O  O2  . SO4 B 2 .   ? 9.937   6.332   -0.381  1.00 78.76  ? 220 SO4 A O2  1 
HETATM 1752 O  O3  . SO4 B 2 .   ? 9.373   4.267   0.763   1.00 77.23  ? 220 SO4 A O3  1 
HETATM 1753 O  O4  . SO4 B 2 .   ? 9.755   4.273   -1.622  1.00 78.54  ? 220 SO4 A O4  1 
# 
